data_4P3T
# 
_entry.id   4P3T 
# 
_audit_conform.dict_name       mmcif_pdbx.dic 
_audit_conform.dict_version    5.383 
_audit_conform.dict_location   http://mmcif.pdb.org/dictionaries/ascii/mmcif_pdbx.dic 
# 
loop_
_database_2.database_id 
_database_2.database_code 
_database_2.pdbx_database_accession 
_database_2.pdbx_DOI 
PDB   4P3T         pdb_00004p3t 10.2210/pdb4p3t/pdb 
WWPDB D_1000200646 ?            ?                   
# 
loop_
_pdbx_audit_revision_history.ordinal 
_pdbx_audit_revision_history.data_content_type 
_pdbx_audit_revision_history.major_revision 
_pdbx_audit_revision_history.minor_revision 
_pdbx_audit_revision_history.revision_date 
1 'Structure model' 1 0 2016-05-04 
2 'Structure model' 1 1 2017-11-22 
3 'Structure model' 1 2 2023-12-27 
# 
_pdbx_audit_revision_details.ordinal             1 
_pdbx_audit_revision_details.revision_ordinal    1 
_pdbx_audit_revision_details.data_content_type   'Structure model' 
_pdbx_audit_revision_details.provider            repository 
_pdbx_audit_revision_details.type                'Initial release' 
_pdbx_audit_revision_details.description         ? 
_pdbx_audit_revision_details.details             ? 
# 
loop_
_pdbx_audit_revision_group.ordinal 
_pdbx_audit_revision_group.revision_ordinal 
_pdbx_audit_revision_group.data_content_type 
_pdbx_audit_revision_group.group 
1 2 'Structure model' 'Data collection'        
2 2 'Structure model' 'Derived calculations'   
3 2 'Structure model' 'Refinement description' 
4 3 'Structure model' 'Data collection'        
5 3 'Structure model' 'Database references'    
# 
loop_
_pdbx_audit_revision_category.ordinal 
_pdbx_audit_revision_category.revision_ordinal 
_pdbx_audit_revision_category.data_content_type 
_pdbx_audit_revision_category.category 
1 2 'Structure model' diffrn_source         
2 2 'Structure model' pdbx_struct_oper_list 
3 2 'Structure model' software              
4 3 'Structure model' chem_comp_atom        
5 3 'Structure model' chem_comp_bond        
6 3 'Structure model' database_2            
# 
loop_
_pdbx_audit_revision_item.ordinal 
_pdbx_audit_revision_item.revision_ordinal 
_pdbx_audit_revision_item.data_content_type 
_pdbx_audit_revision_item.item 
1 2 'Structure model' '_diffrn_source.pdbx_synchrotron_site'      
2 2 'Structure model' '_pdbx_struct_oper_list.symmetry_operation' 
3 2 'Structure model' '_software.name'                            
4 3 'Structure model' '_database_2.pdbx_DOI'                      
5 3 'Structure model' '_database_2.pdbx_database_accession'       
# 
_pdbx_database_status.status_code                     REL 
_pdbx_database_status.status_code_sf                  REL 
_pdbx_database_status.status_code_mr                  . 
_pdbx_database_status.entry_id                        4P3T 
_pdbx_database_status.recvd_initial_deposition_date   2014-03-10 
_pdbx_database_status.SG_entry                        N 
_pdbx_database_status.deposit_site                    RCSB 
_pdbx_database_status.process_site                    RCSB 
_pdbx_database_status.status_code_cs                  . 
_pdbx_database_status.methods_development_category    . 
_pdbx_database_status.pdb_format_compatible           Y 
_pdbx_database_status.status_code_nmr_data            ? 
# 
loop_
_pdbx_database_related.content_type 
_pdbx_database_related.db_id 
_pdbx_database_related.db_name 
_pdbx_database_related.details 
unspecified 4P20 PDB . 
unspecified 4P3S PDB . 
unspecified 4P3U PDB . 
unspecified 4P43 PDB . 
# 
loop_
_audit_author.name 
_audit_author.pdbx_ordinal 
'Kondo, J.'   1 
'Koganei, M.' 2 
# 
_citation.abstract                  . 
_citation.abstract_id_CAS           . 
_citation.book_id_ISBN              . 
_citation.book_publisher            . 
_citation.book_publisher_city       . 
_citation.book_title                . 
_citation.coordinate_linkage        . 
_citation.country                   ? 
_citation.database_id_Medline       . 
_citation.details                   . 
_citation.id                        primary 
_citation.journal_abbrev            'To Be Published' 
_citation.journal_id_ASTM           ? 
_citation.journal_id_CSD            0353 
_citation.journal_id_ISSN           ? 
_citation.journal_full              . 
_citation.journal_issue             . 
_citation.journal_volume            . 
_citation.language                  . 
_citation.page_first                . 
_citation.page_last                 . 
_citation.title                     'Crystal structure of the bacterial A1408C-mutant ribosomal decoding site' 
_citation.year                      . 
_citation.database_id_CSD           . 
_citation.pdbx_database_id_DOI      . 
_citation.pdbx_database_id_PubMed   . 
_citation.unpublished_flag          . 
# 
loop_
_citation_author.citation_id 
_citation_author.name 
_citation_author.ordinal 
_citation_author.identifier_ORCID 
primary 'Kondo, J.'   1 ? 
primary 'Koganei, M.' 2 ? 
# 
loop_
_entity.id 
_entity.type 
_entity.src_method 
_entity.pdbx_description 
_entity.formula_weight 
_entity.pdbx_number_of_molecules 
_entity.pdbx_ec 
_entity.pdbx_mutation 
_entity.pdbx_fragment 
_entity.details 
1 polymer syn "5'-D(*UP*UP*GP*CP*GP*UP*CP*CP*CP*GP*(5BU)P*CP*GP*AP*CP*GP*AP*AP*GP*UP*CP*GP*C)-3'" 7410.280 2   ? ? ? ? 
2 water   nat water                                                                               18.015   150 ? ? ? ? 
# 
_entity_poly.entity_id                      1 
_entity_poly.type                           polyribonucleotide 
_entity_poly.nstd_linkage                   no 
_entity_poly.nstd_monomer                   yes 
_entity_poly.pdbx_seq_one_letter_code       'UUGCGUCCCG(5BU)CGACGAAGUCGC' 
_entity_poly.pdbx_seq_one_letter_code_can   UUGCGUCCCGUCGACGAAGUCGC 
_entity_poly.pdbx_strand_id                 A,B 
_entity_poly.pdbx_target_identifier         ? 
# 
_pdbx_entity_nonpoly.entity_id   2 
_pdbx_entity_nonpoly.name        water 
_pdbx_entity_nonpoly.comp_id     HOH 
# 
loop_
_entity_poly_seq.entity_id 
_entity_poly_seq.num 
_entity_poly_seq.mon_id 
_entity_poly_seq.hetero 
1 1  U   n 
1 2  U   n 
1 3  G   n 
1 4  C   n 
1 5  G   n 
1 6  U   n 
1 7  C   n 
1 8  C   n 
1 9  C   n 
1 10 G   n 
1 11 5BU n 
1 12 C   n 
1 13 G   n 
1 14 A   n 
1 15 C   n 
1 16 G   n 
1 17 A   n 
1 18 A   n 
1 19 G   n 
1 20 U   n 
1 21 C   n 
1 22 G   n 
1 23 C   n 
# 
_pdbx_entity_src_syn.entity_id              1 
_pdbx_entity_src_syn.pdbx_src_id            1 
_pdbx_entity_src_syn.pdbx_alt_source_flag   sample 
_pdbx_entity_src_syn.pdbx_beg_seq_num       1 
_pdbx_entity_src_syn.pdbx_end_seq_num       23 
_pdbx_entity_src_syn.organism_scientific    ? 
_pdbx_entity_src_syn.organism_common_name   ? 
_pdbx_entity_src_syn.ncbi_taxonomy_id       32630 
_pdbx_entity_src_syn.details                ? 
# 
loop_
_chem_comp.id 
_chem_comp.type 
_chem_comp.mon_nstd_flag 
_chem_comp.name 
_chem_comp.pdbx_synonyms 
_chem_comp.formula 
_chem_comp.formula_weight 
5BU 'RNA linking' n "5-BROMO-URIDINE-5'-MONOPHOSPHATE" ? 'C9 H12 Br N2 O9 P' 403.077 
A   'RNA linking' y "ADENOSINE-5'-MONOPHOSPHATE"       ? 'C10 H14 N5 O7 P'   347.221 
C   'RNA linking' y "CYTIDINE-5'-MONOPHOSPHATE"        ? 'C9 H14 N3 O8 P'    323.197 
G   'RNA linking' y "GUANOSINE-5'-MONOPHOSPHATE"       ? 'C10 H14 N5 O8 P'   363.221 
HOH non-polymer   . WATER                              ? 'H2 O'              18.015  
U   'RNA linking' y "URIDINE-5'-MONOPHOSPHATE"         ? 'C9 H13 N2 O9 P'    324.181 
# 
loop_
_pdbx_poly_seq_scheme.asym_id 
_pdbx_poly_seq_scheme.entity_id 
_pdbx_poly_seq_scheme.seq_id 
_pdbx_poly_seq_scheme.mon_id 
_pdbx_poly_seq_scheme.ndb_seq_num 
_pdbx_poly_seq_scheme.pdb_seq_num 
_pdbx_poly_seq_scheme.auth_seq_num 
_pdbx_poly_seq_scheme.pdb_mon_id 
_pdbx_poly_seq_scheme.auth_mon_id 
_pdbx_poly_seq_scheme.pdb_strand_id 
_pdbx_poly_seq_scheme.pdb_ins_code 
_pdbx_poly_seq_scheme.hetero 
A 1 1  U   1  1  1  U   U   A . n 
A 1 2  U   2  2  2  U   U   A . n 
A 1 3  G   3  3  3  G   G   A . n 
A 1 4  C   4  4  4  C   C   A . n 
A 1 5  G   5  5  5  G   G   A . n 
A 1 6  U   6  6  6  U   U   A . n 
A 1 7  C   7  7  7  C   C   A . n 
A 1 8  C   8  8  8  C   C   A . n 
A 1 9  C   9  9  9  C   C   A . n 
A 1 10 G   10 10 10 G   G   A . n 
A 1 11 5BU 11 11 11 5BU 5BU A . n 
A 1 12 C   12 12 12 C   C   A . n 
A 1 13 G   13 13 13 G   G   A . n 
A 1 14 A   14 14 14 A   A   A . n 
A 1 15 C   15 15 15 C   C   A . n 
A 1 16 G   16 16 16 G   G   A . n 
A 1 17 A   17 17 17 A   A   A . n 
A 1 18 A   18 18 18 A   A   A . n 
A 1 19 G   19 19 19 G   G   A . n 
A 1 20 U   20 20 20 U   U   A . n 
A 1 21 C   21 21 21 C   C   A . n 
A 1 22 G   22 22 22 G   G   A . n 
A 1 23 C   23 23 23 C   C   A . n 
B 1 1  U   1  24 24 U   U   B . n 
B 1 2  U   2  25 25 U   U   B . n 
B 1 3  G   3  26 26 G   G   B . n 
B 1 4  C   4  27 27 C   C   B . n 
B 1 5  G   5  28 28 G   G   B . n 
B 1 6  U   6  29 29 U   U   B . n 
B 1 7  C   7  30 30 C   C   B . n 
B 1 8  C   8  31 31 C   C   B . n 
B 1 9  C   9  32 32 C   C   B . n 
B 1 10 G   10 33 33 G   G   B . n 
B 1 11 5BU 11 34 34 5BU 5BU B . n 
B 1 12 C   12 35 35 C   C   B . n 
B 1 13 G   13 36 36 G   G   B . n 
B 1 14 A   14 37 37 A   A   B . n 
B 1 15 C   15 38 38 C   C   B . n 
B 1 16 G   16 39 39 G   G   B . n 
B 1 17 A   17 40 40 A   A   B . n 
B 1 18 A   18 41 41 A   A   B . n 
B 1 19 G   19 42 42 G   G   B . n 
B 1 20 U   20 43 43 U   U   B . n 
B 1 21 C   21 44 44 C   C   B . n 
B 1 22 G   22 45 45 G   G   B . n 
B 1 23 C   23 46 46 C   C   B . n 
# 
loop_
_pdbx_nonpoly_scheme.asym_id 
_pdbx_nonpoly_scheme.entity_id 
_pdbx_nonpoly_scheme.mon_id 
_pdbx_nonpoly_scheme.ndb_seq_num 
_pdbx_nonpoly_scheme.pdb_seq_num 
_pdbx_nonpoly_scheme.auth_seq_num 
_pdbx_nonpoly_scheme.pdb_mon_id 
_pdbx_nonpoly_scheme.auth_mon_id 
_pdbx_nonpoly_scheme.pdb_strand_id 
_pdbx_nonpoly_scheme.pdb_ins_code 
C 2 HOH 1  101 212 HOH HOH A . 
C 2 HOH 2  102 237 HOH HOH A . 
C 2 HOH 3  103 119 HOH HOH A . 
C 2 HOH 4  104 114 HOH HOH A . 
C 2 HOH 5  105 141 HOH HOH A . 
C 2 HOH 6  106 234 HOH HOH A . 
C 2 HOH 7  107 148 HOH HOH A . 
C 2 HOH 8  108 174 HOH HOH A . 
C 2 HOH 9  109 109 HOH HOH A . 
C 2 HOH 10 110 227 HOH HOH A . 
C 2 HOH 11 111 121 HOH HOH A . 
C 2 HOH 12 112 241 HOH HOH A . 
C 2 HOH 13 113 103 HOH HOH A . 
C 2 HOH 14 114 179 HOH HOH A . 
C 2 HOH 15 115 129 HOH HOH A . 
C 2 HOH 16 116 108 HOH HOH A . 
C 2 HOH 17 117 191 HOH HOH A . 
C 2 HOH 18 118 115 HOH HOH A . 
C 2 HOH 19 119 197 HOH HOH A . 
C 2 HOH 20 120 162 HOH HOH A . 
C 2 HOH 21 121 171 HOH HOH A . 
C 2 HOH 22 122 220 HOH HOH A . 
C 2 HOH 23 123 135 HOH HOH A . 
C 2 HOH 24 124 139 HOH HOH A . 
C 2 HOH 25 125 206 HOH HOH A . 
C 2 HOH 26 126 182 HOH HOH A . 
C 2 HOH 27 127 221 HOH HOH A . 
C 2 HOH 28 128 204 HOH HOH A . 
C 2 HOH 29 129 210 HOH HOH A . 
C 2 HOH 30 130 102 HOH HOH A . 
C 2 HOH 31 131 104 HOH HOH A . 
C 2 HOH 32 132 105 HOH HOH A . 
C 2 HOH 33 133 106 HOH HOH A . 
C 2 HOH 34 134 112 HOH HOH A . 
C 2 HOH 35 135 113 HOH HOH A . 
C 2 HOH 36 136 116 HOH HOH A . 
C 2 HOH 37 137 117 HOH HOH A . 
C 2 HOH 38 138 118 HOH HOH A . 
C 2 HOH 39 139 120 HOH HOH A . 
C 2 HOH 40 140 122 HOH HOH A . 
C 2 HOH 41 141 127 HOH HOH A . 
C 2 HOH 42 142 131 HOH HOH A . 
C 2 HOH 43 143 136 HOH HOH A . 
C 2 HOH 44 144 137 HOH HOH A . 
C 2 HOH 45 145 138 HOH HOH A . 
C 2 HOH 46 146 140 HOH HOH A . 
C 2 HOH 47 147 143 HOH HOH A . 
C 2 HOH 48 148 150 HOH HOH A . 
C 2 HOH 49 149 154 HOH HOH A . 
C 2 HOH 50 150 156 HOH HOH A . 
C 2 HOH 51 151 159 HOH HOH A . 
C 2 HOH 52 152 161 HOH HOH A . 
C 2 HOH 53 153 169 HOH HOH A . 
C 2 HOH 54 154 170 HOH HOH A . 
C 2 HOH 55 155 172 HOH HOH A . 
C 2 HOH 56 156 176 HOH HOH A . 
C 2 HOH 57 157 180 HOH HOH A . 
C 2 HOH 58 158 183 HOH HOH A . 
C 2 HOH 59 159 187 HOH HOH A . 
C 2 HOH 60 160 192 HOH HOH A . 
C 2 HOH 61 161 194 HOH HOH A . 
C 2 HOH 62 162 196 HOH HOH A . 
C 2 HOH 63 163 198 HOH HOH A . 
C 2 HOH 64 164 200 HOH HOH A . 
C 2 HOH 65 165 203 HOH HOH A . 
C 2 HOH 66 166 205 HOH HOH A . 
C 2 HOH 67 167 207 HOH HOH A . 
C 2 HOH 68 168 217 HOH HOH A . 
C 2 HOH 69 169 219 HOH HOH A . 
C 2 HOH 70 170 222 HOH HOH A . 
C 2 HOH 71 171 223 HOH HOH A . 
C 2 HOH 72 172 224 HOH HOH A . 
C 2 HOH 73 173 228 HOH HOH A . 
C 2 HOH 74 174 233 HOH HOH A . 
C 2 HOH 75 175 235 HOH HOH A . 
C 2 HOH 76 176 244 HOH HOH A . 
D 2 HOH 1  101 215 HOH HOH B . 
D 2 HOH 2  102 132 HOH HOH B . 
D 2 HOH 3  103 164 HOH HOH B . 
D 2 HOH 4  104 101 HOH HOH B . 
D 2 HOH 5  105 246 HOH HOH B . 
D 2 HOH 6  106 225 HOH HOH B . 
D 2 HOH 7  107 149 HOH HOH B . 
D 2 HOH 8  108 209 HOH HOH B . 
D 2 HOH 9  109 184 HOH HOH B . 
D 2 HOH 10 110 155 HOH HOH B . 
D 2 HOH 11 111 128 HOH HOH B . 
D 2 HOH 12 112 160 HOH HOH B . 
D 2 HOH 13 113 175 HOH HOH B . 
D 2 HOH 14 114 230 HOH HOH B . 
D 2 HOH 15 115 247 HOH HOH B . 
D 2 HOH 16 116 236 HOH HOH B . 
D 2 HOH 17 117 189 HOH HOH B . 
D 2 HOH 18 118 152 HOH HOH B . 
D 2 HOH 19 119 144 HOH HOH B . 
D 2 HOH 20 120 242 HOH HOH B . 
D 2 HOH 21 121 130 HOH HOH B . 
D 2 HOH 22 122 146 HOH HOH B . 
D 2 HOH 23 123 202 HOH HOH B . 
D 2 HOH 24 124 185 HOH HOH B . 
D 2 HOH 25 125 240 HOH HOH B . 
D 2 HOH 26 126 248 HOH HOH B . 
D 2 HOH 27 127 229 HOH HOH B . 
D 2 HOH 28 128 163 HOH HOH B . 
D 2 HOH 29 129 111 HOH HOH B . 
D 2 HOH 30 130 190 HOH HOH B . 
D 2 HOH 31 131 195 HOH HOH B . 
D 2 HOH 32 132 208 HOH HOH B . 
D 2 HOH 33 133 232 HOH HOH B . 
D 2 HOH 34 134 124 HOH HOH B . 
D 2 HOH 35 135 181 HOH HOH B . 
D 2 HOH 36 136 214 HOH HOH B . 
D 2 HOH 37 137 153 HOH HOH B . 
D 2 HOH 38 138 173 HOH HOH B . 
D 2 HOH 39 139 216 HOH HOH B . 
D 2 HOH 40 140 107 HOH HOH B . 
D 2 HOH 41 141 110 HOH HOH B . 
D 2 HOH 42 142 123 HOH HOH B . 
D 2 HOH 43 143 125 HOH HOH B . 
D 2 HOH 44 144 126 HOH HOH B . 
D 2 HOH 45 145 133 HOH HOH B . 
D 2 HOH 46 146 134 HOH HOH B . 
D 2 HOH 47 147 142 HOH HOH B . 
D 2 HOH 48 148 145 HOH HOH B . 
D 2 HOH 49 149 147 HOH HOH B . 
D 2 HOH 50 150 151 HOH HOH B . 
D 2 HOH 51 151 157 HOH HOH B . 
D 2 HOH 52 152 158 HOH HOH B . 
D 2 HOH 53 153 165 HOH HOH B . 
D 2 HOH 54 154 166 HOH HOH B . 
D 2 HOH 55 155 167 HOH HOH B . 
D 2 HOH 56 156 168 HOH HOH B . 
D 2 HOH 57 157 177 HOH HOH B . 
D 2 HOH 58 158 178 HOH HOH B . 
D 2 HOH 59 159 186 HOH HOH B . 
D 2 HOH 60 160 188 HOH HOH B . 
D 2 HOH 61 161 193 HOH HOH B . 
D 2 HOH 62 162 199 HOH HOH B . 
D 2 HOH 63 163 201 HOH HOH B . 
D 2 HOH 64 164 211 HOH HOH B . 
D 2 HOH 65 165 213 HOH HOH B . 
D 2 HOH 66 166 218 HOH HOH B . 
D 2 HOH 67 167 226 HOH HOH B . 
D 2 HOH 68 168 231 HOH HOH B . 
D 2 HOH 69 169 238 HOH HOH B . 
D 2 HOH 70 170 239 HOH HOH B . 
D 2 HOH 71 171 243 HOH HOH B . 
D 2 HOH 72 172 245 HOH HOH B . 
D 2 HOH 73 173 249 HOH HOH B . 
D 2 HOH 74 174 250 HOH HOH B . 
# 
loop_
_software.citation_id 
_software.classification 
_software.compiler_name 
_software.compiler_version 
_software.contact_author 
_software.contact_author_email 
_software.date 
_software.description 
_software.dependencies 
_software.hardware 
_software.language 
_software.location 
_software.mods 
_software.name 
_software.os 
_software.os_version 
_software.type 
_software.version 
_software.pdbx_ordinal 
? 'data collection' . . . . . . . . . . . CrystalClear . . . .    1 
? phasing           . . . . . . . . . . . PHASES       . . . .    2 
? refinement        . . . . . . . . . . . CNS          . . . .    3 
? 'data extraction' . . . . . . . . . . . PDB_EXTRACT  . . . 3.14 4 
? phasing           ? ? ? ? ? ? ? ? ? ? ? SOLVE        ? ? ? .    5 
? 'data reduction'  ? ? ? ? ? ? ? ? ? ? ? d*TREK       ? ? ? .    6 
? 'data scaling'    ? ? ? ? ? ? ? ? ? ? ? d*TREK       ? ? ? .    7 
# 
_cell.length_a           33.437 
_cell.length_b           40.475 
_cell.length_c           41.272 
_cell.angle_alpha        90.000 
_cell.angle_beta         103.070 
_cell.angle_gamma        90.000 
_cell.entry_id           4P3T 
_cell.Z_PDB              4 
_cell.pdbx_unique_axis   ? 
# 
_symmetry.entry_id                         4P3T 
_symmetry.cell_setting                     . 
_symmetry.Int_Tables_number                4 
_symmetry.space_group_name_Hall            . 
_symmetry.space_group_name_H-M             'P 1 21 1' 
_symmetry.pdbx_full_space_group_name_H-M   . 
# 
_exptl.absorpt_coefficient_mu     . 
_exptl.absorpt_correction_T_max   . 
_exptl.absorpt_correction_T_min   . 
_exptl.absorpt_correction_type    . 
_exptl.absorpt_process_details    . 
_exptl.entry_id                   4P3T 
_exptl.crystals_number            1 
_exptl.details                    . 
_exptl.method                     'X-RAY DIFFRACTION' 
_exptl.method_details             . 
# 
_exptl_crystal.colour                      . 
_exptl_crystal.density_diffrn              . 
_exptl_crystal.density_Matthews            1.86 
_exptl_crystal.density_method              . 
_exptl_crystal.density_percent_sol         33.71 
_exptl_crystal.description                 . 
_exptl_crystal.F_000                       . 
_exptl_crystal.id                          1 
_exptl_crystal.preparation                 . 
_exptl_crystal.size_max                    . 
_exptl_crystal.size_mid                    . 
_exptl_crystal.size_min                    . 
_exptl_crystal.size_rad                    . 
_exptl_crystal.colour_lustre               . 
_exptl_crystal.colour_modifier             . 
_exptl_crystal.colour_primary              . 
_exptl_crystal.density_meas                . 
_exptl_crystal.density_meas_esd            . 
_exptl_crystal.density_meas_gt             . 
_exptl_crystal.density_meas_lt             . 
_exptl_crystal.density_meas_temp           . 
_exptl_crystal.density_meas_temp_esd       . 
_exptl_crystal.density_meas_temp_gt        . 
_exptl_crystal.density_meas_temp_lt        . 
_exptl_crystal.pdbx_crystal_image_url      . 
_exptl_crystal.pdbx_crystal_image_format   . 
_exptl_crystal.pdbx_mosaicity              . 
_exptl_crystal.pdbx_mosaicity_esd          . 
# 
_exptl_crystal_grow.apparatus       . 
_exptl_crystal_grow.atmosphere      . 
_exptl_crystal_grow.crystal_id      1 
_exptl_crystal_grow.details         . 
_exptl_crystal_grow.method          'VAPOR DIFFUSION, HANGING DROP' 
_exptl_crystal_grow.method_ref      . 
_exptl_crystal_grow.pH              7.0 
_exptl_crystal_grow.pressure        . 
_exptl_crystal_grow.pressure_esd    . 
_exptl_crystal_grow.seeding         . 
_exptl_crystal_grow.seeding_ref     . 
_exptl_crystal_grow.temp            293 
_exptl_crystal_grow.temp_details    . 
_exptl_crystal_grow.temp_esd        . 
_exptl_crystal_grow.time            . 
_exptl_crystal_grow.pdbx_details    'Sodium Cacodylate (pH7), Spermine tetrahydrochloride, MPD, Ammonium Chloride' 
_exptl_crystal_grow.pdbx_pH_range   . 
# 
_diffrn.ambient_environment    . 
_diffrn.ambient_temp           100 
_diffrn.ambient_temp_details   . 
_diffrn.ambient_temp_esd       . 
_diffrn.crystal_id             1 
_diffrn.crystal_support        . 
_diffrn.crystal_treatment      . 
_diffrn.details                . 
_diffrn.id                     1 
_diffrn.ambient_pressure       . 
_diffrn.ambient_pressure_esd   . 
_diffrn.ambient_pressure_gt    . 
_diffrn.ambient_pressure_lt    . 
_diffrn.ambient_temp_gt        . 
_diffrn.ambient_temp_lt        . 
# 
_diffrn_detector.details                      . 
_diffrn_detector.detector                     CCD 
_diffrn_detector.diffrn_id                    1 
_diffrn_detector.type                         'ADSC QUANTUM 210r' 
_diffrn_detector.area_resol_mean              . 
_diffrn_detector.dtime                        . 
_diffrn_detector.pdbx_frames_total            . 
_diffrn_detector.pdbx_collection_time_total   . 
_diffrn_detector.pdbx_collection_date         2012-01-30 
# 
_diffrn_radiation.collimation                      . 
_diffrn_radiation.diffrn_id                        1 
_diffrn_radiation.filter_edge                      . 
_diffrn_radiation.inhomogeneity                    . 
_diffrn_radiation.monochromator                    . 
_diffrn_radiation.polarisn_norm                    . 
_diffrn_radiation.polarisn_ratio                   . 
_diffrn_radiation.probe                            . 
_diffrn_radiation.type                             . 
_diffrn_radiation.xray_symbol                      . 
_diffrn_radiation.wavelength_id                    1 
_diffrn_radiation.pdbx_monochromatic_or_laue_m_l   M 
_diffrn_radiation.pdbx_wavelength_list             . 
_diffrn_radiation.pdbx_wavelength                  . 
_diffrn_radiation.pdbx_diffrn_protocol             MAD 
_diffrn_radiation.pdbx_analyzer                    . 
_diffrn_radiation.pdbx_scattering_type             x-ray 
# 
loop_
_diffrn_radiation_wavelength.id 
_diffrn_radiation_wavelength.wavelength 
_diffrn_radiation_wavelength.wt 
1 0.91992 1.0 
2 0.92005 1.0 
3 0.90660 1.0 
4 1.0     1.0 
# 
_diffrn_source.current                     . 
_diffrn_source.details                     . 
_diffrn_source.diffrn_id                   1 
_diffrn_source.power                       . 
_diffrn_source.size                        . 
_diffrn_source.source                      SYNCHROTRON 
_diffrn_source.target                      . 
_diffrn_source.type                        'PHOTON FACTORY BEAMLINE BL-5A' 
_diffrn_source.voltage                     . 
_diffrn_source.take-off_angle              . 
_diffrn_source.pdbx_wavelength_list        '0.91992, 0.92005, 0.90660, 1.0' 
_diffrn_source.pdbx_wavelength             . 
_diffrn_source.pdbx_synchrotron_beamline   BL-5A 
_diffrn_source.pdbx_synchrotron_site       'Photon Factory' 
# 
_reflns.B_iso_Wilson_estimate            . 
_reflns.entry_id                         4P3T 
_reflns.data_reduction_details           . 
_reflns.data_reduction_method            . 
_reflns.d_resolution_high                1.600 
_reflns.d_resolution_low                 40.200 
_reflns.details                          . 
_reflns.limit_h_max                      . 
_reflns.limit_h_min                      . 
_reflns.limit_k_max                      . 
_reflns.limit_k_min                      . 
_reflns.limit_l_max                      . 
_reflns.limit_l_min                      . 
_reflns.number_all                       . 
_reflns.number_obs                       14089 
_reflns.observed_criterion               . 
_reflns.observed_criterion_F_max         . 
_reflns.observed_criterion_F_min         . 
_reflns.observed_criterion_I_max         . 
_reflns.observed_criterion_I_min         . 
_reflns.observed_criterion_sigma_F       . 
_reflns.observed_criterion_sigma_I       . 
_reflns.percent_possible_obs             98.400 
_reflns.R_free_details                   . 
_reflns.Rmerge_F_all                     . 
_reflns.Rmerge_F_obs                     . 
_reflns.Friedel_coverage                 . 
_reflns.number_gt                        . 
_reflns.threshold_expression             . 
_reflns.pdbx_redundancy                  7.210 
_reflns.pdbx_Rmerge_I_obs                0.039 
_reflns.pdbx_Rmerge_I_all                . 
_reflns.pdbx_Rsym_value                  . 
_reflns.pdbx_netI_over_av_sigmaI         . 
_reflns.pdbx_netI_over_sigmaI            19.200 
_reflns.pdbx_res_netI_over_av_sigmaI_2   . 
_reflns.pdbx_res_netI_over_sigmaI_2      . 
_reflns.pdbx_chi_squared                 0.950 
_reflns.pdbx_scaling_rejects             768 
_reflns.pdbx_d_res_high_opt              . 
_reflns.pdbx_d_res_low_opt               . 
_reflns.pdbx_d_res_opt_method            . 
_reflns.phase_calculation_details        . 
_reflns.pdbx_Rrim_I_all                  . 
_reflns.pdbx_Rpim_I_all                  . 
_reflns.pdbx_d_opt                       . 
_reflns.pdbx_number_measured_all         102374 
_reflns.pdbx_diffrn_id                   1 
_reflns.pdbx_ordinal                     1 
# 
loop_
_reflns_shell.d_res_high 
_reflns_shell.d_res_low 
_reflns_shell.meanI_over_sigI_all 
_reflns_shell.meanI_over_sigI_obs 
_reflns_shell.number_measured_all 
_reflns_shell.number_measured_obs 
_reflns_shell.number_possible 
_reflns_shell.number_unique_all 
_reflns_shell.number_unique_obs 
_reflns_shell.percent_possible_all 
_reflns_shell.percent_possible_obs 
_reflns_shell.Rmerge_F_all 
_reflns_shell.Rmerge_F_obs 
_reflns_shell.Rmerge_I_all 
_reflns_shell.Rmerge_I_obs 
_reflns_shell.meanI_over_sigI_gt 
_reflns_shell.meanI_over_uI_all 
_reflns_shell.meanI_over_uI_gt 
_reflns_shell.number_measured_gt 
_reflns_shell.number_unique_gt 
_reflns_shell.percent_possible_gt 
_reflns_shell.Rmerge_F_gt 
_reflns_shell.Rmerge_I_gt 
_reflns_shell.pdbx_redundancy 
_reflns_shell.pdbx_Rsym_value 
_reflns_shell.pdbx_chi_squared 
_reflns_shell.pdbx_netI_over_sigmaI_all 
_reflns_shell.pdbx_netI_over_sigmaI_obs 
_reflns_shell.pdbx_Rrim_I_all 
_reflns_shell.pdbx_Rpim_I_all 
_reflns_shell.pdbx_rejects 
_reflns_shell.pdbx_ordinal 
_reflns_shell.pdbx_diffrn_id 
1.600 1.660  . 4.900  10263 . . 1406 . 100.000 . . . . 0.295 . . . . . . . . 7.230 . 1.270 . . . . 99  1  1 
1.660 1.720  . 6.200  10479 . . 1430 . 100.000 . . . . 0.202 . . . . . . . . 7.280 . 1.130 . . . . 70  2  1 
1.720 1.800  . 7.700  10451 . . 1425 . 100.000 . . . . 0.170 . . . . . . . . 7.280 . 1.040 . . . . 77  3  1 
1.800 1.900  . 9.000  10431 . . 1411 . 99.900  . . . . 0.143 . . . . . . . . 7.340 . 0.960 . . . . 79  4  1 
1.900 2.020  . 11.500 10598 . . 1428 . 100.000 . . . . 0.105 . . . . . . . . 7.380 . 0.870 . . . . 59  5  1 
2.020 2.170  . 15.100 10648 . . 1437 . 100.000 . . . . 0.078 . . . . . . . . 7.370 . 0.840 . . . . 61  6  1 
2.170 2.390  . 18.900 10653 . . 1433 . 99.900  . . . . 0.064 . . . . . . . . 7.390 . 0.840 . . . . 70  7  1 
2.390 2.740  . 28.000 10615 . . 1421 . 100.000 . . . . 0.040 . . . . . . . . 7.410 . 0.810 . . . . 84  8  1 
2.740 3.450  . 44.400 10131 . . 1405 . 97.400  . . . . 0.026 . . . . . . . . 7.170 . 0.780 . . . . 60  9  1 
3.450 40.200 . 55.500 8105  . . 1293 . 87.400  . . . . 0.026 . . . . . . . . 6.180 . 0.990 . . . . 109 10 1 
# 
_refine.aniso_B[1][1]                            -1.0810 
_refine.aniso_B[1][2]                            0.0000 
_refine.aniso_B[1][3]                            3.3170 
_refine.aniso_B[2][2]                            -0.5980 
_refine.aniso_B[2][3]                            0.0000 
_refine.aniso_B[3][3]                            1.6790 
_refine.B_iso_max                                66.580 
_refine.B_iso_mean                               35.8550 
_refine.B_iso_min                                14.270 
_refine.correlation_coeff_Fo_to_Fc               . 
_refine.correlation_coeff_Fo_to_Fc_free          . 
_refine.details                                  . 
_refine.diff_density_max                         . 
_refine.diff_density_max_esd                     . 
_refine.diff_density_min                         . 
_refine.diff_density_min_esd                     . 
_refine.diff_density_rms                         . 
_refine.diff_density_rms_esd                     . 
_refine.entry_id                                 4P3T 
_refine.pdbx_refine_id                           'X-RAY DIFFRACTION' 
_refine.ls_abs_structure_details                 . 
_refine.ls_abs_structure_Flack                   . 
_refine.ls_abs_structure_Flack_esd               . 
_refine.ls_abs_structure_Rogers                  . 
_refine.ls_abs_structure_Rogers_esd              . 
_refine.ls_d_res_high                            1.6000 
_refine.ls_d_res_low                             20.0000 
_refine.ls_extinction_coef                       . 
_refine.ls_extinction_coef_esd                   . 
_refine.ls_extinction_expression                 . 
_refine.ls_extinction_method                     . 
_refine.ls_goodness_of_fit_all                   . 
_refine.ls_goodness_of_fit_all_esd               . 
_refine.ls_goodness_of_fit_obs                   . 
_refine.ls_goodness_of_fit_obs_esd               . 
_refine.ls_hydrogen_treatment                    . 
_refine.ls_matrix_type                           . 
_refine.ls_number_constraints                    . 
_refine.ls_number_parameters                     . 
_refine.ls_number_reflns_all                     . 
_refine.ls_number_reflns_obs                     14085 
_refine.ls_number_reflns_R_free                  1430 
_refine.ls_number_reflns_R_work                  12655 
_refine.ls_number_restraints                     . 
_refine.ls_percent_reflns_obs                    98.4000 
_refine.ls_percent_reflns_R_free                 10.0000 
_refine.ls_R_factor_all                          . 
_refine.ls_R_factor_obs                          . 
_refine.ls_R_factor_R_free                       0.2706 
_refine.ls_R_factor_R_free_error                 . 
_refine.ls_R_factor_R_free_error_details         . 
_refine.ls_R_factor_R_work                       0.2477 
_refine.ls_R_Fsqd_factor_obs                     . 
_refine.ls_R_I_factor_obs                        . 
_refine.ls_redundancy_reflns_all                 . 
_refine.ls_redundancy_reflns_obs                 . 
_refine.ls_restrained_S_all                      . 
_refine.ls_restrained_S_obs                      . 
_refine.ls_shift_over_esd_max                    . 
_refine.ls_shift_over_esd_mean                   . 
_refine.ls_structure_factor_coef                 . 
_refine.ls_weighting_details                     . 
_refine.ls_weighting_scheme                      . 
_refine.ls_wR_factor_all                         . 
_refine.ls_wR_factor_obs                         . 
_refine.ls_wR_factor_R_free                      . 
_refine.ls_wR_factor_R_work                      . 
_refine.occupancy_max                            . 
_refine.occupancy_min                            . 
_refine.overall_SU_B                             . 
_refine.overall_SU_ML                            . 
_refine.overall_SU_R_Cruickshank_DPI             . 
_refine.overall_SU_R_free                        . 
_refine.overall_FOM_free_R_set                   . 
_refine.overall_FOM_work_R_set                   0.7783 
_refine.solvent_model_details                    . 
_refine.solvent_model_param_bsol                 57.6509 
_refine.solvent_model_param_ksol                 . 
_refine.ls_R_factor_gt                           . 
_refine.ls_goodness_of_fit_gt                    . 
_refine.ls_goodness_of_fit_ref                   . 
_refine.ls_shift_over_su_max                     . 
_refine.ls_shift_over_su_max_lt                  . 
_refine.ls_shift_over_su_mean                    . 
_refine.ls_shift_over_su_mean_lt                 . 
_refine.pdbx_ls_sigma_I                          . 
_refine.pdbx_ls_sigma_F                          0.000 
_refine.pdbx_ls_sigma_Fsqd                       . 
_refine.pdbx_data_cutoff_high_absF               . 
_refine.pdbx_data_cutoff_high_rms_absF           . 
_refine.pdbx_data_cutoff_low_absF                . 
_refine.pdbx_isotropic_thermal_model             . 
_refine.pdbx_ls_cross_valid_method               'FREE R-VALUE' 
_refine.pdbx_method_to_determine_struct          MAD 
_refine.pdbx_starting_model                      . 
_refine.pdbx_stereochemistry_target_values       . 
_refine.pdbx_R_Free_selection_details            . 
_refine.pdbx_stereochem_target_val_spec_case     . 
_refine.pdbx_overall_ESU_R                       . 
_refine.pdbx_overall_ESU_R_Free                  . 
_refine.pdbx_solvent_vdw_probe_radii             . 
_refine.pdbx_solvent_ion_probe_radii             . 
_refine.pdbx_solvent_shrinkage_radii             . 
_refine.pdbx_real_space_R                        . 
_refine.pdbx_density_correlation                 . 
_refine.pdbx_pd_number_of_powder_patterns        . 
_refine.pdbx_pd_number_of_points                 . 
_refine.pdbx_pd_meas_number_of_points            . 
_refine.pdbx_pd_proc_ls_prof_R_factor            . 
_refine.pdbx_pd_proc_ls_prof_wR_factor           . 
_refine.pdbx_pd_Marquardt_correlation_coeff      . 
_refine.pdbx_pd_Fsqrd_R_factor                   . 
_refine.pdbx_pd_ls_matrix_band_width             . 
_refine.pdbx_overall_phase_error                 . 
_refine.pdbx_overall_SU_R_free_Cruickshank_DPI   . 
_refine.pdbx_overall_SU_R_free_Blow_DPI          . 
_refine.pdbx_overall_SU_R_Blow_DPI               . 
_refine.pdbx_TLS_residual_ADP_flag               . 
_refine.pdbx_diffrn_id                           1 
# 
_refine_hist.cycle_id                         final 
_refine_hist.pdbx_refine_id                   'X-RAY DIFFRACTION' 
_refine_hist.d_res_high                       1.6000 
_refine_hist.d_res_low                        20.0000 
_refine_hist.pdbx_number_atoms_ligand         0 
_refine_hist.number_atoms_solvent             150 
_refine_hist.number_atoms_total               1120 
_refine_hist.pdbx_number_residues_total       46 
_refine_hist.pdbx_B_iso_mean_solvent          42.03 
_refine_hist.pdbx_number_atoms_protein        0 
_refine_hist.pdbx_number_atoms_nucleic_acid   970 
# 
loop_
_refine_ls_restr.pdbx_refine_id 
_refine_ls_restr.criterion 
_refine_ls_restr.dev_ideal 
_refine_ls_restr.dev_ideal_target 
_refine_ls_restr.number 
_refine_ls_restr.rejects 
_refine_ls_restr.type 
_refine_ls_restr.weight 
_refine_ls_restr.pdbx_restraint_function 
'X-RAY DIFFRACTION' . 0.004 .     . . c_bond_d     . . 
'X-RAY DIFFRACTION' . 0.881 .     . . c_angle_d    . . 
'X-RAY DIFFRACTION' . 0.000 1.500 . . c_mcbond_it  . . 
'X-RAY DIFFRACTION' . 1.470 2.000 . . c_scbond_it  . . 
'X-RAY DIFFRACTION' . 0.000 2.000 . . c_mcangle_it . . 
'X-RAY DIFFRACTION' . 2.102 2.500 . . c_scangle_it . . 
# 
loop_
_refine_ls_shell.pdbx_refine_id 
_refine_ls_shell.d_res_high 
_refine_ls_shell.d_res_low 
_refine_ls_shell.number_reflns_all 
_refine_ls_shell.number_reflns_obs 
_refine_ls_shell.number_reflns_R_free 
_refine_ls_shell.number_reflns_R_work 
_refine_ls_shell.percent_reflns_obs 
_refine_ls_shell.percent_reflns_R_free 
_refine_ls_shell.R_factor_all 
_refine_ls_shell.R_factor_obs 
_refine_ls_shell.R_factor_R_free 
_refine_ls_shell.R_factor_R_free_error 
_refine_ls_shell.R_factor_R_work 
_refine_ls_shell.redundancy_reflns_all 
_refine_ls_shell.redundancy_reflns_obs 
_refine_ls_shell.wR_factor_all 
_refine_ls_shell.wR_factor_obs 
_refine_ls_shell.wR_factor_R_free 
_refine_ls_shell.wR_factor_R_work 
_refine_ls_shell.pdbx_total_number_of_bins_used 
_refine_ls_shell.pdbx_phase_error 
'X-RAY DIFFRACTION' 1.6000 1.6600  1406 . 141 1265 100.0000 . . . 0.3680 . 0.3173 . . . . . . 10 . 
'X-RAY DIFFRACTION' 1.6600 1.7200  1427 . 131 1296 100.0000 . . . 0.3620 . 0.3031 . . . . . . 10 . 
'X-RAY DIFFRACTION' 1.7200 1.8000  1419 . 135 1284 100.0000 . . . 0.3377 . 0.2978 . . . . . . 10 . 
'X-RAY DIFFRACTION' 1.8000 1.9000  1419 . 155 1264 99.9000  . . . 0.3517 . 0.3025 . . . . . . 10 . 
'X-RAY DIFFRACTION' 1.9000 2.0200  1421 . 142 1279 100.0000 . . . 0.3369 . 0.2892 . . . . . . 10 . 
'X-RAY DIFFRACTION' 2.0200 2.1700  1433 . 129 1304 100.0000 . . . 0.2955 . 0.2512 . . . . . . 10 . 
'X-RAY DIFFRACTION' 2.1700 2.3900  1435 . 178 1257 99.9000  . . . 0.2925 . 0.2708 . . . . . . 10 . 
'X-RAY DIFFRACTION' 2.3900 2.7300  1420 . 142 1278 100.0000 . . . 0.2879 . 0.2641 . . . . . . 10 . 
'X-RAY DIFFRACTION' 2.7300 3.4400  1413 . 156 1257 97.4000  . . . 0.2664 . 0.2432 . . . . . . 10 . 
'X-RAY DIFFRACTION' 3.4400 20.0000 1292 . 121 1171 87.7000  . . . 0.2069 . 0.2043 . . . . . . 10 . 
# 
loop_
_pdbx_xplor_file.pdbx_refine_id 
_pdbx_xplor_file.serial_no 
_pdbx_xplor_file.param_file 
_pdbx_xplor_file.topol_file 
'X-RAY DIFFRACTION' 1 dna-rna_free.param         ? 
'X-RAY DIFFRACTION' 2 CNS_TOPPAR:water_rep.param ? 
'X-RAY DIFFRACTION' 3 CNS_TOPPAR:ion.param       ? 
'X-RAY DIFFRACTION' 4 bru.param                  ? 
# 
_struct.entry_id                     4P3T 
_struct.title                        'Crystal structure of the bacterial A1408C-mutant ribosomal decoding site' 
_struct.pdbx_model_details           . 
_struct.pdbx_formula_weight          . 
_struct.pdbx_formula_weight_method   . 
_struct.pdbx_model_type_details      . 
_struct.pdbx_CASP_flag               . 
# 
_struct_keywords.entry_id        4P3T 
_struct_keywords.text            'ribosome, antibiotic-resistance, aminoglycoside, decoding, RNA' 
_struct_keywords.pdbx_keywords   RNA 
# 
loop_
_struct_asym.id 
_struct_asym.pdbx_blank_PDB_chainid_flag 
_struct_asym.pdbx_modified 
_struct_asym.entity_id 
_struct_asym.details 
A N N 1 ? 
B N N 1 ? 
C N N 2 ? 
D N N 2 ? 
# 
_struct_ref.id                         1 
_struct_ref.db_name                    PDB 
_struct_ref.db_code                    4P3T 
_struct_ref.pdbx_db_accession          4P3T 
_struct_ref.entity_id                  1 
_struct_ref.pdbx_seq_one_letter_code   ? 
_struct_ref.pdbx_align_begin           ? 
_struct_ref.pdbx_db_isoform            ? 
# 
loop_
_struct_ref_seq.align_id 
_struct_ref_seq.ref_id 
_struct_ref_seq.pdbx_PDB_id_code 
_struct_ref_seq.pdbx_strand_id 
_struct_ref_seq.seq_align_beg 
_struct_ref_seq.pdbx_seq_align_beg_ins_code 
_struct_ref_seq.seq_align_end 
_struct_ref_seq.pdbx_seq_align_end_ins_code 
_struct_ref_seq.pdbx_db_accession 
_struct_ref_seq.db_align_beg 
_struct_ref_seq.pdbx_db_align_beg_ins_code 
_struct_ref_seq.db_align_end 
_struct_ref_seq.pdbx_db_align_end_ins_code 
_struct_ref_seq.pdbx_auth_seq_align_beg 
_struct_ref_seq.pdbx_auth_seq_align_end 
1 1 4P3T A 1 ? 23 ? 4P3T 1  ? 23 ? 1  23 
2 1 4P3T B 1 ? 23 ? 4P3T 24 ? 46 ? 24 46 
# 
_pdbx_struct_assembly.id                   1 
_pdbx_struct_assembly.details              author_and_software_defined_assembly 
_pdbx_struct_assembly.method_details       PISA 
_pdbx_struct_assembly.oligomeric_details   dimeric 
_pdbx_struct_assembly.oligomeric_count     2 
# 
loop_
_pdbx_struct_assembly_prop.biol_id 
_pdbx_struct_assembly_prop.type 
_pdbx_struct_assembly_prop.value 
_pdbx_struct_assembly_prop.details 
1 'ABSA (A^2)' 1960 ? 
1 MORE         -17  ? 
1 'SSA (A^2)'  8500 ? 
# 
_pdbx_struct_assembly_gen.assembly_id       1 
_pdbx_struct_assembly_gen.oper_expression   1 
_pdbx_struct_assembly_gen.asym_id_list      A,B,C,D 
# 
_pdbx_struct_oper_list.id                   1 
_pdbx_struct_oper_list.type                 'identity operation' 
_pdbx_struct_oper_list.name                 1_555 
_pdbx_struct_oper_list.symmetry_operation   x,y,z 
_pdbx_struct_oper_list.matrix[1][1]         1.0000000000 
_pdbx_struct_oper_list.matrix[1][2]         0.0000000000 
_pdbx_struct_oper_list.matrix[1][3]         0.0000000000 
_pdbx_struct_oper_list.vector[1]            0.0000000000 
_pdbx_struct_oper_list.matrix[2][1]         0.0000000000 
_pdbx_struct_oper_list.matrix[2][2]         1.0000000000 
_pdbx_struct_oper_list.matrix[2][3]         0.0000000000 
_pdbx_struct_oper_list.vector[2]            0.0000000000 
_pdbx_struct_oper_list.matrix[3][1]         0.0000000000 
_pdbx_struct_oper_list.matrix[3][2]         0.0000000000 
_pdbx_struct_oper_list.matrix[3][3]         1.0000000000 
_pdbx_struct_oper_list.vector[3]            0.0000000000 
# 
loop_
_struct_conn.id 
_struct_conn.conn_type_id 
_struct_conn.pdbx_leaving_atom_flag 
_struct_conn.pdbx_PDB_id 
_struct_conn.ptnr1_label_asym_id 
_struct_conn.ptnr1_label_comp_id 
_struct_conn.ptnr1_label_seq_id 
_struct_conn.ptnr1_label_atom_id 
_struct_conn.pdbx_ptnr1_label_alt_id 
_struct_conn.pdbx_ptnr1_PDB_ins_code 
_struct_conn.pdbx_ptnr1_standard_comp_id 
_struct_conn.ptnr1_symmetry 
_struct_conn.ptnr2_label_asym_id 
_struct_conn.ptnr2_label_comp_id 
_struct_conn.ptnr2_label_seq_id 
_struct_conn.ptnr2_label_atom_id 
_struct_conn.pdbx_ptnr2_label_alt_id 
_struct_conn.pdbx_ptnr2_PDB_ins_code 
_struct_conn.ptnr1_auth_asym_id 
_struct_conn.ptnr1_auth_comp_id 
_struct_conn.ptnr1_auth_seq_id 
_struct_conn.ptnr2_auth_asym_id 
_struct_conn.ptnr2_auth_comp_id 
_struct_conn.ptnr2_auth_seq_id 
_struct_conn.ptnr2_symmetry 
_struct_conn.pdbx_ptnr3_label_atom_id 
_struct_conn.pdbx_ptnr3_label_seq_id 
_struct_conn.pdbx_ptnr3_label_comp_id 
_struct_conn.pdbx_ptnr3_label_asym_id 
_struct_conn.pdbx_ptnr3_label_alt_id 
_struct_conn.pdbx_ptnr3_PDB_ins_code 
_struct_conn.details 
_struct_conn.pdbx_dist_value 
_struct_conn.pdbx_value_order 
_struct_conn.pdbx_role 
covale1  covale both ? A G   10 "O3'" ? ? ? 1_555 A 5BU 11 P  ? ? A G   10 A 5BU 11 1_555 ? ? ? ? ? ? ?             1.615 ? ? 
covale2  covale both ? A 5BU 11 "O3'" ? ? ? 1_555 A C   12 P  ? ? A 5BU 11 A C   12 1_555 ? ? ? ? ? ? ?             1.605 ? ? 
covale3  covale both ? B G   10 "O3'" ? ? ? 1_555 B 5BU 11 P  ? ? B G   33 B 5BU 34 1_555 ? ? ? ? ? ? ?             1.609 ? ? 
covale4  covale both ? B 5BU 11 "O3'" ? ? ? 1_555 B C   12 P  ? ? B 5BU 34 B C   35 1_555 ? ? ? ? ? ? ?             1.612 ? ? 
hydrog1  hydrog ?    ? A G   3  N1    ? ? ? 1_555 B C   23 N3 ? ? A G   3  B C   46 1_555 ? ? ? ? ? ? WATSON-CRICK  ?     ? ? 
hydrog2  hydrog ?    ? A G   3  N2    ? ? ? 1_555 B C   23 O2 ? ? A G   3  B C   46 1_555 ? ? ? ? ? ? WATSON-CRICK  ?     ? ? 
hydrog3  hydrog ?    ? A G   3  O6    ? ? ? 1_555 B C   23 N4 ? ? A G   3  B C   46 1_555 ? ? ? ? ? ? WATSON-CRICK  ?     ? ? 
hydrog4  hydrog ?    ? A C   4  N3    ? ? ? 1_555 B G   22 N1 ? ? A C   4  B G   45 1_555 ? ? ? ? ? ? WATSON-CRICK  ?     ? ? 
hydrog5  hydrog ?    ? A C   4  N4    ? ? ? 1_555 B G   22 O6 ? ? A C   4  B G   45 1_555 ? ? ? ? ? ? WATSON-CRICK  ?     ? ? 
hydrog6  hydrog ?    ? A C   4  O2    ? ? ? 1_555 B G   22 N2 ? ? A C   4  B G   45 1_555 ? ? ? ? ? ? WATSON-CRICK  ?     ? ? 
hydrog7  hydrog ?    ? A G   5  N1    ? ? ? 1_555 B C   21 N3 ? ? A G   5  B C   44 1_555 ? ? ? ? ? ? WATSON-CRICK  ?     ? ? 
hydrog8  hydrog ?    ? A G   5  N2    ? ? ? 1_555 B C   21 O2 ? ? A G   5  B C   44 1_555 ? ? ? ? ? ? WATSON-CRICK  ?     ? ? 
hydrog9  hydrog ?    ? A G   5  O6    ? ? ? 1_555 B C   21 N4 ? ? A G   5  B C   44 1_555 ? ? ? ? ? ? WATSON-CRICK  ?     ? ? 
hydrog10 hydrog ?    ? A U   6  N3    ? ? ? 1_555 B U   20 O4 ? ? A U   6  B U   43 1_555 ? ? ? ? ? ? 'U-U MISPAIR' ?     ? ? 
hydrog11 hydrog ?    ? A C   7  N3    ? ? ? 1_555 B G   19 N1 ? ? A C   7  B G   42 1_555 ? ? ? ? ? ? WATSON-CRICK  ?     ? ? 
hydrog12 hydrog ?    ? A C   7  N4    ? ? ? 1_555 B G   19 O6 ? ? A C   7  B G   42 1_555 ? ? ? ? ? ? WATSON-CRICK  ?     ? ? 
hydrog13 hydrog ?    ? A C   7  O2    ? ? ? 1_555 B G   19 N2 ? ? A C   7  B G   42 1_555 ? ? ? ? ? ? WATSON-CRICK  ?     ? ? 
hydrog14 hydrog ?    ? A C   8  N3    ? ? ? 1_555 B A   18 N6 ? ? A C   8  B A   41 1_555 ? ? ? ? ? ? 'C-A MISPAIR' ?     ? ? 
hydrog15 hydrog ?    ? A C   8  O2    ? ? ? 1_555 B A   18 N6 ? ? A C   8  B A   41 1_555 ? ? ? ? ? ? 'C-A MISPAIR' ?     ? ? 
hydrog16 hydrog ?    ? A C   9  N3    ? ? ? 1_555 B G   16 N1 ? ? A C   9  B G   39 1_555 ? ? ? ? ? ? WATSON-CRICK  ?     ? ? 
hydrog17 hydrog ?    ? A C   9  N4    ? ? ? 1_555 B G   16 O6 ? ? A C   9  B G   39 1_555 ? ? ? ? ? ? WATSON-CRICK  ?     ? ? 
hydrog18 hydrog ?    ? A C   9  O2    ? ? ? 1_555 B G   16 N2 ? ? A C   9  B G   39 1_555 ? ? ? ? ? ? WATSON-CRICK  ?     ? ? 
hydrog19 hydrog ?    ? A G   10 N1    ? ? ? 1_555 B C   15 N3 ? ? A G   10 B C   38 1_555 ? ? ? ? ? ? WATSON-CRICK  ?     ? ? 
hydrog20 hydrog ?    ? A G   10 N2    ? ? ? 1_555 B C   15 O2 ? ? A G   10 B C   38 1_555 ? ? ? ? ? ? WATSON-CRICK  ?     ? ? 
hydrog21 hydrog ?    ? A G   10 O6    ? ? ? 1_555 B C   15 N4 ? ? A G   10 B C   38 1_555 ? ? ? ? ? ? WATSON-CRICK  ?     ? ? 
hydrog22 hydrog ?    ? A 5BU 11 N3    ? ? ? 1_555 B A   14 N1 ? ? A 5BU 11 B A   37 1_555 ? ? ? ? ? ? WATSON-CRICK  ?     ? ? 
hydrog23 hydrog ?    ? A 5BU 11 O4    ? ? ? 1_555 B A   14 N6 ? ? A 5BU 11 B A   37 1_555 ? ? ? ? ? ? WATSON-CRICK  ?     ? ? 
hydrog24 hydrog ?    ? A C   12 N3    ? ? ? 1_555 B G   13 N1 ? ? A C   12 B G   36 1_555 ? ? ? ? ? ? WATSON-CRICK  ?     ? ? 
hydrog25 hydrog ?    ? A C   12 N4    ? ? ? 1_555 B G   13 O6 ? ? A C   12 B G   36 1_555 ? ? ? ? ? ? WATSON-CRICK  ?     ? ? 
hydrog26 hydrog ?    ? A C   12 O2    ? ? ? 1_555 B G   13 N2 ? ? A C   12 B G   36 1_555 ? ? ? ? ? ? WATSON-CRICK  ?     ? ? 
hydrog27 hydrog ?    ? A G   13 N1    ? ? ? 1_555 B C   12 N3 ? ? A G   13 B C   35 1_555 ? ? ? ? ? ? WATSON-CRICK  ?     ? ? 
hydrog28 hydrog ?    ? A G   13 N2    ? ? ? 1_555 B C   12 O2 ? ? A G   13 B C   35 1_555 ? ? ? ? ? ? WATSON-CRICK  ?     ? ? 
hydrog29 hydrog ?    ? A G   13 O6    ? ? ? 1_555 B C   12 N4 ? ? A G   13 B C   35 1_555 ? ? ? ? ? ? WATSON-CRICK  ?     ? ? 
hydrog30 hydrog ?    ? A A   14 N1    ? ? ? 1_555 B 5BU 11 N3 ? ? A A   14 B 5BU 34 1_555 ? ? ? ? ? ? WATSON-CRICK  ?     ? ? 
hydrog31 hydrog ?    ? A A   14 N6    ? ? ? 1_555 B 5BU 11 O4 ? ? A A   14 B 5BU 34 1_555 ? ? ? ? ? ? WATSON-CRICK  ?     ? ? 
hydrog32 hydrog ?    ? A C   15 N3    ? ? ? 1_555 B G   10 N1 ? ? A C   15 B G   33 1_555 ? ? ? ? ? ? WATSON-CRICK  ?     ? ? 
hydrog33 hydrog ?    ? A C   15 N4    ? ? ? 1_555 B G   10 O6 ? ? A C   15 B G   33 1_555 ? ? ? ? ? ? WATSON-CRICK  ?     ? ? 
hydrog34 hydrog ?    ? A C   15 O2    ? ? ? 1_555 B G   10 N2 ? ? A C   15 B G   33 1_555 ? ? ? ? ? ? WATSON-CRICK  ?     ? ? 
hydrog35 hydrog ?    ? A G   16 N1    ? ? ? 1_555 B C   9  N3 ? ? A G   16 B C   32 1_555 ? ? ? ? ? ? WATSON-CRICK  ?     ? ? 
hydrog36 hydrog ?    ? A G   16 N2    ? ? ? 1_555 B C   9  O2 ? ? A G   16 B C   32 1_555 ? ? ? ? ? ? WATSON-CRICK  ?     ? ? 
hydrog37 hydrog ?    ? A G   16 O6    ? ? ? 1_555 B C   9  N4 ? ? A G   16 B C   32 1_555 ? ? ? ? ? ? WATSON-CRICK  ?     ? ? 
hydrog38 hydrog ?    ? A A   18 N6    ? ? ? 1_555 B C   8  N3 ? ? A A   18 B C   31 1_555 ? ? ? ? ? ? 'A-C MISPAIR' ?     ? ? 
hydrog39 hydrog ?    ? A G   19 N1    ? ? ? 1_555 B C   7  N3 ? ? A G   19 B C   30 1_555 ? ? ? ? ? ? WATSON-CRICK  ?     ? ? 
hydrog40 hydrog ?    ? A G   19 N2    ? ? ? 1_555 B C   7  O2 ? ? A G   19 B C   30 1_555 ? ? ? ? ? ? WATSON-CRICK  ?     ? ? 
hydrog41 hydrog ?    ? A G   19 O6    ? ? ? 1_555 B C   7  N4 ? ? A G   19 B C   30 1_555 ? ? ? ? ? ? WATSON-CRICK  ?     ? ? 
hydrog42 hydrog ?    ? A U   20 N3    ? ? ? 1_555 B U   6  O4 ? ? A U   20 B U   29 1_555 ? ? ? ? ? ? 'U-U MISPAIR' ?     ? ? 
hydrog43 hydrog ?    ? A C   21 N3    ? ? ? 1_555 B G   5  N1 ? ? A C   21 B G   28 1_555 ? ? ? ? ? ? WATSON-CRICK  ?     ? ? 
hydrog44 hydrog ?    ? A C   21 N4    ? ? ? 1_555 B G   5  O6 ? ? A C   21 B G   28 1_555 ? ? ? ? ? ? WATSON-CRICK  ?     ? ? 
hydrog45 hydrog ?    ? A C   21 O2    ? ? ? 1_555 B G   5  N2 ? ? A C   21 B G   28 1_555 ? ? ? ? ? ? WATSON-CRICK  ?     ? ? 
hydrog46 hydrog ?    ? A G   22 N1    ? ? ? 1_555 B C   4  N3 ? ? A G   22 B C   27 1_555 ? ? ? ? ? ? WATSON-CRICK  ?     ? ? 
hydrog47 hydrog ?    ? A G   22 N2    ? ? ? 1_555 B C   4  O2 ? ? A G   22 B C   27 1_555 ? ? ? ? ? ? WATSON-CRICK  ?     ? ? 
hydrog48 hydrog ?    ? A G   22 O6    ? ? ? 1_555 B C   4  N4 ? ? A G   22 B C   27 1_555 ? ? ? ? ? ? WATSON-CRICK  ?     ? ? 
hydrog49 hydrog ?    ? A C   23 N3    ? ? ? 1_555 B G   3  N1 ? ? A C   23 B G   26 1_555 ? ? ? ? ? ? WATSON-CRICK  ?     ? ? 
hydrog50 hydrog ?    ? A C   23 N4    ? ? ? 1_555 B G   3  O6 ? ? A C   23 B G   26 1_555 ? ? ? ? ? ? WATSON-CRICK  ?     ? ? 
hydrog51 hydrog ?    ? A C   23 O2    ? ? ? 1_555 B G   3  N2 ? ? A C   23 B G   26 1_555 ? ? ? ? ? ? WATSON-CRICK  ?     ? ? 
# 
loop_
_struct_conn_type.id 
_struct_conn_type.criteria 
_struct_conn_type.reference 
covale ? ? 
hydrog ? ? 
# 
_phasing.method   MAD 
# 
loop_
_chem_comp_atom.comp_id 
_chem_comp_atom.atom_id 
_chem_comp_atom.type_symbol 
_chem_comp_atom.pdbx_aromatic_flag 
_chem_comp_atom.pdbx_stereo_config 
_chem_comp_atom.pdbx_ordinal 
5BU P      P  N N 1   
5BU OP1    O  N N 2   
5BU OP2    O  N N 3   
5BU OP3    O  N N 4   
5BU "O5'"  O  N N 5   
5BU "C5'"  C  N N 6   
5BU "C4'"  C  N R 7   
5BU "O4'"  O  N N 8   
5BU "C3'"  C  N S 9   
5BU "O3'"  O  N N 10  
5BU "C2'"  C  N R 11  
5BU "O2'"  O  N N 12  
5BU "C1'"  C  N R 13  
5BU N1     N  N N 14  
5BU C2     C  N N 15  
5BU O2     O  N N 16  
5BU N3     N  N N 17  
5BU C4     C  N N 18  
5BU O4     O  N N 19  
5BU C5     C  N N 20  
5BU C6     C  N N 21  
5BU BR     BR N N 22  
5BU HOP2   H  N N 23  
5BU HOP3   H  N N 24  
5BU "H5'"  H  N N 25  
5BU "H5''" H  N N 26  
5BU "H4'"  H  N N 27  
5BU "H3'"  H  N N 28  
5BU "HO3'" H  N N 29  
5BU "H2'"  H  N N 30  
5BU "HO2'" H  N N 31  
5BU "H1'"  H  N N 32  
5BU H3     H  N N 33  
5BU H6     H  N N 34  
A   OP3    O  N N 35  
A   P      P  N N 36  
A   OP1    O  N N 37  
A   OP2    O  N N 38  
A   "O5'"  O  N N 39  
A   "C5'"  C  N N 40  
A   "C4'"  C  N R 41  
A   "O4'"  O  N N 42  
A   "C3'"  C  N S 43  
A   "O3'"  O  N N 44  
A   "C2'"  C  N R 45  
A   "O2'"  O  N N 46  
A   "C1'"  C  N R 47  
A   N9     N  Y N 48  
A   C8     C  Y N 49  
A   N7     N  Y N 50  
A   C5     C  Y N 51  
A   C6     C  Y N 52  
A   N6     N  N N 53  
A   N1     N  Y N 54  
A   C2     C  Y N 55  
A   N3     N  Y N 56  
A   C4     C  Y N 57  
A   HOP3   H  N N 58  
A   HOP2   H  N N 59  
A   "H5'"  H  N N 60  
A   "H5''" H  N N 61  
A   "H4'"  H  N N 62  
A   "H3'"  H  N N 63  
A   "HO3'" H  N N 64  
A   "H2'"  H  N N 65  
A   "HO2'" H  N N 66  
A   "H1'"  H  N N 67  
A   H8     H  N N 68  
A   H61    H  N N 69  
A   H62    H  N N 70  
A   H2     H  N N 71  
C   OP3    O  N N 72  
C   P      P  N N 73  
C   OP1    O  N N 74  
C   OP2    O  N N 75  
C   "O5'"  O  N N 76  
C   "C5'"  C  N N 77  
C   "C4'"  C  N R 78  
C   "O4'"  O  N N 79  
C   "C3'"  C  N S 80  
C   "O3'"  O  N N 81  
C   "C2'"  C  N R 82  
C   "O2'"  O  N N 83  
C   "C1'"  C  N R 84  
C   N1     N  N N 85  
C   C2     C  N N 86  
C   O2     O  N N 87  
C   N3     N  N N 88  
C   C4     C  N N 89  
C   N4     N  N N 90  
C   C5     C  N N 91  
C   C6     C  N N 92  
C   HOP3   H  N N 93  
C   HOP2   H  N N 94  
C   "H5'"  H  N N 95  
C   "H5''" H  N N 96  
C   "H4'"  H  N N 97  
C   "H3'"  H  N N 98  
C   "HO3'" H  N N 99  
C   "H2'"  H  N N 100 
C   "HO2'" H  N N 101 
C   "H1'"  H  N N 102 
C   H41    H  N N 103 
C   H42    H  N N 104 
C   H5     H  N N 105 
C   H6     H  N N 106 
G   OP3    O  N N 107 
G   P      P  N N 108 
G   OP1    O  N N 109 
G   OP2    O  N N 110 
G   "O5'"  O  N N 111 
G   "C5'"  C  N N 112 
G   "C4'"  C  N R 113 
G   "O4'"  O  N N 114 
G   "C3'"  C  N S 115 
G   "O3'"  O  N N 116 
G   "C2'"  C  N R 117 
G   "O2'"  O  N N 118 
G   "C1'"  C  N R 119 
G   N9     N  Y N 120 
G   C8     C  Y N 121 
G   N7     N  Y N 122 
G   C5     C  Y N 123 
G   C6     C  N N 124 
G   O6     O  N N 125 
G   N1     N  N N 126 
G   C2     C  N N 127 
G   N2     N  N N 128 
G   N3     N  N N 129 
G   C4     C  Y N 130 
G   HOP3   H  N N 131 
G   HOP2   H  N N 132 
G   "H5'"  H  N N 133 
G   "H5''" H  N N 134 
G   "H4'"  H  N N 135 
G   "H3'"  H  N N 136 
G   "HO3'" H  N N 137 
G   "H2'"  H  N N 138 
G   "HO2'" H  N N 139 
G   "H1'"  H  N N 140 
G   H8     H  N N 141 
G   H1     H  N N 142 
G   H21    H  N N 143 
G   H22    H  N N 144 
HOH O      O  N N 145 
HOH H1     H  N N 146 
HOH H2     H  N N 147 
U   OP3    O  N N 148 
U   P      P  N N 149 
U   OP1    O  N N 150 
U   OP2    O  N N 151 
U   "O5'"  O  N N 152 
U   "C5'"  C  N N 153 
U   "C4'"  C  N R 154 
U   "O4'"  O  N N 155 
U   "C3'"  C  N S 156 
U   "O3'"  O  N N 157 
U   "C2'"  C  N R 158 
U   "O2'"  O  N N 159 
U   "C1'"  C  N R 160 
U   N1     N  N N 161 
U   C2     C  N N 162 
U   O2     O  N N 163 
U   N3     N  N N 164 
U   C4     C  N N 165 
U   O4     O  N N 166 
U   C5     C  N N 167 
U   C6     C  N N 168 
U   HOP3   H  N N 169 
U   HOP2   H  N N 170 
U   "H5'"  H  N N 171 
U   "H5''" H  N N 172 
U   "H4'"  H  N N 173 
U   "H3'"  H  N N 174 
U   "HO3'" H  N N 175 
U   "H2'"  H  N N 176 
U   "HO2'" H  N N 177 
U   "H1'"  H  N N 178 
U   H3     H  N N 179 
U   H5     H  N N 180 
U   H6     H  N N 181 
# 
loop_
_chem_comp_bond.comp_id 
_chem_comp_bond.atom_id_1 
_chem_comp_bond.atom_id_2 
_chem_comp_bond.value_order 
_chem_comp_bond.pdbx_aromatic_flag 
_chem_comp_bond.pdbx_stereo_config 
_chem_comp_bond.pdbx_ordinal 
5BU P     OP1    doub N N 1   
5BU P     OP2    sing N N 2   
5BU P     OP3    sing N N 3   
5BU P     "O5'"  sing N N 4   
5BU OP2   HOP2   sing N N 5   
5BU OP3   HOP3   sing N N 6   
5BU "O5'" "C5'"  sing N N 7   
5BU "C5'" "C4'"  sing N N 8   
5BU "C5'" "H5'"  sing N N 9   
5BU "C5'" "H5''" sing N N 10  
5BU "C4'" "O4'"  sing N N 11  
5BU "C4'" "C3'"  sing N N 12  
5BU "C4'" "H4'"  sing N N 13  
5BU "O4'" "C1'"  sing N N 14  
5BU "C3'" "O3'"  sing N N 15  
5BU "C3'" "C2'"  sing N N 16  
5BU "C3'" "H3'"  sing N N 17  
5BU "O3'" "HO3'" sing N N 18  
5BU "C2'" "O2'"  sing N N 19  
5BU "C2'" "C1'"  sing N N 20  
5BU "C2'" "H2'"  sing N N 21  
5BU "O2'" "HO2'" sing N N 22  
5BU "C1'" N1     sing N N 23  
5BU "C1'" "H1'"  sing N N 24  
5BU N1    C2     sing N N 25  
5BU N1    C6     sing N N 26  
5BU C2    O2     doub N N 27  
5BU C2    N3     sing N N 28  
5BU N3    C4     sing N N 29  
5BU N3    H3     sing N N 30  
5BU C4    O4     doub N N 31  
5BU C4    C5     sing N N 32  
5BU C5    C6     doub N N 33  
5BU C5    BR     sing N N 34  
5BU C6    H6     sing N N 35  
A   OP3   P      sing N N 36  
A   OP3   HOP3   sing N N 37  
A   P     OP1    doub N N 38  
A   P     OP2    sing N N 39  
A   P     "O5'"  sing N N 40  
A   OP2   HOP2   sing N N 41  
A   "O5'" "C5'"  sing N N 42  
A   "C5'" "C4'"  sing N N 43  
A   "C5'" "H5'"  sing N N 44  
A   "C5'" "H5''" sing N N 45  
A   "C4'" "O4'"  sing N N 46  
A   "C4'" "C3'"  sing N N 47  
A   "C4'" "H4'"  sing N N 48  
A   "O4'" "C1'"  sing N N 49  
A   "C3'" "O3'"  sing N N 50  
A   "C3'" "C2'"  sing N N 51  
A   "C3'" "H3'"  sing N N 52  
A   "O3'" "HO3'" sing N N 53  
A   "C2'" "O2'"  sing N N 54  
A   "C2'" "C1'"  sing N N 55  
A   "C2'" "H2'"  sing N N 56  
A   "O2'" "HO2'" sing N N 57  
A   "C1'" N9     sing N N 58  
A   "C1'" "H1'"  sing N N 59  
A   N9    C8     sing Y N 60  
A   N9    C4     sing Y N 61  
A   C8    N7     doub Y N 62  
A   C8    H8     sing N N 63  
A   N7    C5     sing Y N 64  
A   C5    C6     sing Y N 65  
A   C5    C4     doub Y N 66  
A   C6    N6     sing N N 67  
A   C6    N1     doub Y N 68  
A   N6    H61    sing N N 69  
A   N6    H62    sing N N 70  
A   N1    C2     sing Y N 71  
A   C2    N3     doub Y N 72  
A   C2    H2     sing N N 73  
A   N3    C4     sing Y N 74  
C   OP3   P      sing N N 75  
C   OP3   HOP3   sing N N 76  
C   P     OP1    doub N N 77  
C   P     OP2    sing N N 78  
C   P     "O5'"  sing N N 79  
C   OP2   HOP2   sing N N 80  
C   "O5'" "C5'"  sing N N 81  
C   "C5'" "C4'"  sing N N 82  
C   "C5'" "H5'"  sing N N 83  
C   "C5'" "H5''" sing N N 84  
C   "C4'" "O4'"  sing N N 85  
C   "C4'" "C3'"  sing N N 86  
C   "C4'" "H4'"  sing N N 87  
C   "O4'" "C1'"  sing N N 88  
C   "C3'" "O3'"  sing N N 89  
C   "C3'" "C2'"  sing N N 90  
C   "C3'" "H3'"  sing N N 91  
C   "O3'" "HO3'" sing N N 92  
C   "C2'" "O2'"  sing N N 93  
C   "C2'" "C1'"  sing N N 94  
C   "C2'" "H2'"  sing N N 95  
C   "O2'" "HO2'" sing N N 96  
C   "C1'" N1     sing N N 97  
C   "C1'" "H1'"  sing N N 98  
C   N1    C2     sing N N 99  
C   N1    C6     sing N N 100 
C   C2    O2     doub N N 101 
C   C2    N3     sing N N 102 
C   N3    C4     doub N N 103 
C   C4    N4     sing N N 104 
C   C4    C5     sing N N 105 
C   N4    H41    sing N N 106 
C   N4    H42    sing N N 107 
C   C5    C6     doub N N 108 
C   C5    H5     sing N N 109 
C   C6    H6     sing N N 110 
G   OP3   P      sing N N 111 
G   OP3   HOP3   sing N N 112 
G   P     OP1    doub N N 113 
G   P     OP2    sing N N 114 
G   P     "O5'"  sing N N 115 
G   OP2   HOP2   sing N N 116 
G   "O5'" "C5'"  sing N N 117 
G   "C5'" "C4'"  sing N N 118 
G   "C5'" "H5'"  sing N N 119 
G   "C5'" "H5''" sing N N 120 
G   "C4'" "O4'"  sing N N 121 
G   "C4'" "C3'"  sing N N 122 
G   "C4'" "H4'"  sing N N 123 
G   "O4'" "C1'"  sing N N 124 
G   "C3'" "O3'"  sing N N 125 
G   "C3'" "C2'"  sing N N 126 
G   "C3'" "H3'"  sing N N 127 
G   "O3'" "HO3'" sing N N 128 
G   "C2'" "O2'"  sing N N 129 
G   "C2'" "C1'"  sing N N 130 
G   "C2'" "H2'"  sing N N 131 
G   "O2'" "HO2'" sing N N 132 
G   "C1'" N9     sing N N 133 
G   "C1'" "H1'"  sing N N 134 
G   N9    C8     sing Y N 135 
G   N9    C4     sing Y N 136 
G   C8    N7     doub Y N 137 
G   C8    H8     sing N N 138 
G   N7    C5     sing Y N 139 
G   C5    C6     sing N N 140 
G   C5    C4     doub Y N 141 
G   C6    O6     doub N N 142 
G   C6    N1     sing N N 143 
G   N1    C2     sing N N 144 
G   N1    H1     sing N N 145 
G   C2    N2     sing N N 146 
G   C2    N3     doub N N 147 
G   N2    H21    sing N N 148 
G   N2    H22    sing N N 149 
G   N3    C4     sing N N 150 
HOH O     H1     sing N N 151 
HOH O     H2     sing N N 152 
U   OP3   P      sing N N 153 
U   OP3   HOP3   sing N N 154 
U   P     OP1    doub N N 155 
U   P     OP2    sing N N 156 
U   P     "O5'"  sing N N 157 
U   OP2   HOP2   sing N N 158 
U   "O5'" "C5'"  sing N N 159 
U   "C5'" "C4'"  sing N N 160 
U   "C5'" "H5'"  sing N N 161 
U   "C5'" "H5''" sing N N 162 
U   "C4'" "O4'"  sing N N 163 
U   "C4'" "C3'"  sing N N 164 
U   "C4'" "H4'"  sing N N 165 
U   "O4'" "C1'"  sing N N 166 
U   "C3'" "O3'"  sing N N 167 
U   "C3'" "C2'"  sing N N 168 
U   "C3'" "H3'"  sing N N 169 
U   "O3'" "HO3'" sing N N 170 
U   "C2'" "O2'"  sing N N 171 
U   "C2'" "C1'"  sing N N 172 
U   "C2'" "H2'"  sing N N 173 
U   "O2'" "HO2'" sing N N 174 
U   "C1'" N1     sing N N 175 
U   "C1'" "H1'"  sing N N 176 
U   N1    C2     sing N N 177 
U   N1    C6     sing N N 178 
U   C2    O2     doub N N 179 
U   C2    N3     sing N N 180 
U   N3    C4     sing N N 181 
U   N3    H3     sing N N 182 
U   C4    O4     doub N N 183 
U   C4    C5     sing N N 184 
U   C5    C6     doub N N 185 
U   C5    H5     sing N N 186 
U   C6    H6     sing N N 187 
# 
loop_
_ndb_struct_conf_na.entry_id 
_ndb_struct_conf_na.feature 
4P3T 'double helix'        
4P3T 'a-form double helix' 
# 
loop_
_ndb_struct_na_base_pair.model_number 
_ndb_struct_na_base_pair.i_label_asym_id 
_ndb_struct_na_base_pair.i_label_comp_id 
_ndb_struct_na_base_pair.i_label_seq_id 
_ndb_struct_na_base_pair.i_symmetry 
_ndb_struct_na_base_pair.j_label_asym_id 
_ndb_struct_na_base_pair.j_label_comp_id 
_ndb_struct_na_base_pair.j_label_seq_id 
_ndb_struct_na_base_pair.j_symmetry 
_ndb_struct_na_base_pair.shear 
_ndb_struct_na_base_pair.stretch 
_ndb_struct_na_base_pair.stagger 
_ndb_struct_na_base_pair.buckle 
_ndb_struct_na_base_pair.propeller 
_ndb_struct_na_base_pair.opening 
_ndb_struct_na_base_pair.pair_number 
_ndb_struct_na_base_pair.pair_name 
_ndb_struct_na_base_pair.i_auth_asym_id 
_ndb_struct_na_base_pair.i_auth_seq_id 
_ndb_struct_na_base_pair.i_PDB_ins_code 
_ndb_struct_na_base_pair.j_auth_asym_id 
_ndb_struct_na_base_pair.j_auth_seq_id 
_ndb_struct_na_base_pair.j_PDB_ins_code 
_ndb_struct_na_base_pair.hbond_type_28 
_ndb_struct_na_base_pair.hbond_type_12 
1 A G   3  1_555 B C   23 1_555 -0.261 -0.010 0.357  7.593  -10.391 -0.896 1  A_G3:C46_B    A 3  ? B 46 ? 19 1 
1 A C   4  1_555 B G   22 1_555 0.292  -0.049 -0.109 7.054  -9.421  -0.439 2  A_C4:G45_B    A 4  ? B 45 ? 19 1 
1 A G   5  1_555 B C   21 1_555 0.181  -0.060 0.243  4.196  -14.223 4.137  3  A_G5:C44_B    A 5  ? B 44 ? 19 1 
1 A U   6  1_555 B U   20 1_555 2.186  -1.509 -0.243 -4.115 -21.595 -2.230 4  A_U6:U43_B    A 6  ? B 43 ? ?  ? 
1 A C   7  1_555 B G   19 1_555 0.149  -0.129 0.298  -2.940 -13.630 2.144  5  A_C7:G42_B    A 7  ? B 42 ? 19 1 
1 A C   8  1_555 B A   18 1_555 3.787  -0.925 0.823  -5.216 -3.688  -7.750 6  A_C8:A41_B    A 8  ? B 41 ? ?  1 
1 A C   9  1_555 B G   16 1_555 0.326  -0.109 -0.020 0.003  -10.494 0.043  7  A_C9:G39_B    A 9  ? B 39 ? 19 1 
1 A G   10 1_555 B C   15 1_555 -0.176 -0.068 -0.047 -4.554 -12.496 3.127  8  A_G10:C38_B   A 10 ? B 38 ? 19 1 
1 A 5BU 11 1_555 B A   14 1_555 -0.148 -0.191 -0.123 -1.778 -12.624 0.374  9  A_5BU11:A37_B A 11 ? B 37 ? 20 1 
1 A C   12 1_555 B G   13 1_555 0.091  -0.170 0.083  3.772  -10.158 2.051  10 A_C12:G36_B   A 12 ? B 36 ? 19 1 
1 A G   13 1_555 B C   12 1_555 -0.261 -0.100 -0.014 -1.433 -12.655 2.603  11 A_G13:C35_B   A 13 ? B 35 ? 19 1 
1 A A   14 1_555 B 5BU 11 1_555 0.298  -0.232 0.098  2.747  -13.573 2.747  12 A_A14:5BU34_B A 14 ? B 34 ? 20 1 
1 A C   15 1_555 B G   10 1_555 0.183  -0.225 0.195  -2.578 -12.026 0.847  13 A_C15:G33_B   A 15 ? B 33 ? 19 1 
1 A G   16 1_555 B C   9  1_555 -0.314 -0.154 -0.174 -2.076 -12.445 2.123  14 A_G16:C32_B   A 16 ? B 32 ? 19 1 
1 A A   18 1_555 B C   8  1_555 -2.555 -0.401 0.316  4.193  -12.550 11.007 15 A_A18:C31_B   A 18 ? B 31 ? ?  1 
1 A G   19 1_555 B C   7  1_555 -0.486 -0.157 0.158  -2.344 -16.292 6.255  16 A_G19:C30_B   A 19 ? B 30 ? 19 1 
1 A U   20 1_555 B U   6  1_555 2.009  -1.439 -0.038 -8.443 -16.626 2.870  17 A_U20:U29_B   A 20 ? B 29 ? ?  ? 
1 A C   21 1_555 B G   5  1_555 0.258  -0.006 0.091  4.960  -9.341  4.814  18 A_C21:G28_B   A 21 ? B 28 ? 19 1 
1 A G   22 1_555 B C   4  1_555 -0.324 -0.155 0.064  -0.926 -12.415 3.362  19 A_G22:C27_B   A 22 ? B 27 ? 19 1 
1 A C   23 1_555 B G   3  1_555 -0.102 -0.167 0.167  -4.017 -10.114 2.070  20 A_C23:G26_B   A 23 ? B 26 ? 19 1 
# 
loop_
_ndb_struct_na_base_pair_step.model_number 
_ndb_struct_na_base_pair_step.i_label_asym_id_1 
_ndb_struct_na_base_pair_step.i_label_comp_id_1 
_ndb_struct_na_base_pair_step.i_label_seq_id_1 
_ndb_struct_na_base_pair_step.i_symmetry_1 
_ndb_struct_na_base_pair_step.j_label_asym_id_1 
_ndb_struct_na_base_pair_step.j_label_comp_id_1 
_ndb_struct_na_base_pair_step.j_label_seq_id_1 
_ndb_struct_na_base_pair_step.j_symmetry_1 
_ndb_struct_na_base_pair_step.i_label_asym_id_2 
_ndb_struct_na_base_pair_step.i_label_comp_id_2 
_ndb_struct_na_base_pair_step.i_label_seq_id_2 
_ndb_struct_na_base_pair_step.i_symmetry_2 
_ndb_struct_na_base_pair_step.j_label_asym_id_2 
_ndb_struct_na_base_pair_step.j_label_comp_id_2 
_ndb_struct_na_base_pair_step.j_label_seq_id_2 
_ndb_struct_na_base_pair_step.j_symmetry_2 
_ndb_struct_na_base_pair_step.shift 
_ndb_struct_na_base_pair_step.slide 
_ndb_struct_na_base_pair_step.rise 
_ndb_struct_na_base_pair_step.tilt 
_ndb_struct_na_base_pair_step.roll 
_ndb_struct_na_base_pair_step.twist 
_ndb_struct_na_base_pair_step.x_displacement 
_ndb_struct_na_base_pair_step.y_displacement 
_ndb_struct_na_base_pair_step.helical_rise 
_ndb_struct_na_base_pair_step.inclination 
_ndb_struct_na_base_pair_step.tip 
_ndb_struct_na_base_pair_step.helical_twist 
_ndb_struct_na_base_pair_step.step_number 
_ndb_struct_na_base_pair_step.step_name 
_ndb_struct_na_base_pair_step.i_auth_asym_id_1 
_ndb_struct_na_base_pair_step.i_auth_seq_id_1 
_ndb_struct_na_base_pair_step.i_PDB_ins_code_1 
_ndb_struct_na_base_pair_step.j_auth_asym_id_1 
_ndb_struct_na_base_pair_step.j_auth_seq_id_1 
_ndb_struct_na_base_pair_step.j_PDB_ins_code_1 
_ndb_struct_na_base_pair_step.i_auth_asym_id_2 
_ndb_struct_na_base_pair_step.i_auth_seq_id_2 
_ndb_struct_na_base_pair_step.i_PDB_ins_code_2 
_ndb_struct_na_base_pair_step.j_auth_asym_id_2 
_ndb_struct_na_base_pair_step.j_auth_seq_id_2 
_ndb_struct_na_base_pair_step.j_PDB_ins_code_2 
1 A G   3  1_555 B C   23 1_555 A C   4  1_555 B G   22 1_555 0.287  -1.591 3.207 1.942  3.563  35.838 -3.055 -0.199 3.051 5.768  
-3.144 36.060 1  AA_G3C4:G45C46_BB     A 3  ? B 46 ? A 4  ? B 45 ? 
1 A C   4  1_555 B G   22 1_555 A G   5  1_555 B C   21 1_555 -0.189 -2.255 3.105 -4.787 14.767 23.362 -7.333 -0.476 1.458 32.295 
10.469 27.990 2  AA_C4G5:C44G45_BB     A 4  ? B 45 ? A 5  ? B 44 ? 
1 A G   5  1_555 B C   21 1_555 A U   6  1_555 B U   20 1_555 -0.410 -1.088 3.493 2.358  6.331  47.181 -1.877 0.705  3.307 7.862  
-2.928 47.635 3  AA_G5U6:U43C44_BB     A 5  ? B 44 ? A 6  ? B 43 ? 
1 A U   6  1_555 B U   20 1_555 A C   7  1_555 B G   19 1_555 -0.128 -2.207 3.024 -1.763 8.760  22.430 -7.528 -0.147 2.032 21.459 
4.319  24.123 4  AA_U6C7:G42U43_BB     A 6  ? B 43 ? A 7  ? B 42 ? 
1 A C   7  1_555 B G   19 1_555 A C   8  1_555 B A   18 1_555 -0.665 -1.305 3.524 0.245  8.830  44.162 -2.534 0.892  3.216 11.606 
-0.323 44.994 5  AA_C7C8:A41G42_BB     A 7  ? B 42 ? A 8  ? B 41 ? 
1 A C   8  1_555 B A   18 1_555 A C   9  1_555 B G   16 1_555 2.590  -2.046 4.634 -5.690 23.498 33.827 -5.882 -4.389 2.343 35.338 
8.558  41.373 6  AA_C8C9:G39A41_BB     A 8  ? B 41 ? A 9  ? B 39 ? 
1 A C   9  1_555 B G   16 1_555 A G   10 1_555 B C   15 1_555 0.694  -1.882 3.318 0.205  10.529 28.349 -5.570 -1.294 2.480 20.620 
-0.401 30.204 7  AA_C9G10:C38G39_BB    A 9  ? B 39 ? A 10 ? B 38 ? 
1 A G   10 1_555 B C   15 1_555 A 5BU 11 1_555 B A   14 1_555 -1.010 -1.776 3.179 -1.587 3.652  31.475 -3.887 1.571  3.005 6.698  
2.910  31.719 8  AA_G105BU11:A37C38_BB A 10 ? B 38 ? A 11 ? B 37 ? 
1 A 5BU 11 1_555 B A   14 1_555 A C   12 1_555 B G   13 1_555 0.133  -1.308 3.217 -2.549 5.971  31.765 -3.339 -0.663 2.911 10.769 
4.598  32.405 9  AA_5BU11C12:G36A37_BB A 11 ? B 37 ? A 12 ? B 36 ? 
1 A C   12 1_555 B G   13 1_555 A G   13 1_555 B C   12 1_555 0.352  -1.812 3.304 0.819  10.327 28.807 -5.316 -0.519 2.527 19.961 
-1.582 30.576 10 AA_C12G13:C35G36_BB   A 12 ? B 36 ? A 13 ? B 35 ? 
1 A G   13 1_555 B C   12 1_555 A A   14 1_555 B 5BU 11 1_555 -0.210 -1.508 3.180 -1.020 1.994  35.830 -2.720 0.201  3.099 3.237  
1.657  35.898 11 AA_G13A14:5BU34C35_BB A 13 ? B 35 ? A 14 ? B 34 ? 
1 A A   14 1_555 B 5BU 11 1_555 A C   15 1_555 B G   10 1_555 0.081  -1.569 3.344 0.448  7.529  33.004 -3.877 -0.069 2.926 13.041 
-0.775 33.831 12 AA_A14C15:G335BU34_BB A 14 ? B 34 ? A 15 ? B 33 ? 
1 A C   15 1_555 B G   10 1_555 A G   16 1_555 B C   9  1_555 -0.157 -1.720 3.044 2.060  18.170 25.799 -5.776 0.585  1.517 35.561 
-4.032 31.533 13 AA_C15G16:C32G33_BB   A 15 ? B 33 ? A 16 ? B 32 ? 
1 A G   16 1_555 B C   9  1_555 A A   18 1_555 B C   8  1_555 -0.017 -2.010 2.724 -7.571 7.304  26.763 -5.293 -1.253 2.044 15.062 
15.612 28.721 14 AA_G16A18:C31C32_BB   A 16 ? B 32 ? A 18 ? B 31 ? 
1 A A   18 1_555 B C   8  1_555 A G   19 1_555 B C   7  1_555 -0.321 -1.175 3.342 -2.735 6.608  40.491 -2.389 0.161  3.134 9.459  
3.915  41.092 15 AA_A18G19:C30C31_BB   A 18 ? B 31 ? A 19 ? B 30 ? 
1 A G   19 1_555 B C   7  1_555 A U   20 1_555 B U   6  1_555 -0.488 -1.267 3.479 1.714  5.401  44.142 -2.191 0.809  3.289 7.151  
-2.269 44.486 16 AA_G19U20:U29C30_BB   A 19 ? B 30 ? A 20 ? B 29 ? 
1 A U   20 1_555 B U   6  1_555 A C   21 1_555 B G   5  1_555 0.118  -1.674 2.732 1.875  3.805  24.720 -4.754 0.171  2.452 8.804  
-4.338 25.076 17 AA_U20C21:G28U29_BB   A 20 ? B 29 ? A 21 ? B 28 ? 
1 A C   21 1_555 B G   5  1_555 A G   22 1_555 B C   4  1_555 0.068  -2.036 3.160 0.456  9.796  26.760 -6.068 -0.048 2.287 20.318 
-0.946 28.470 18 AA_C21G22:C27G28_BB   A 21 ? B 28 ? A 22 ? B 27 ? 
1 A G   22 1_555 B C   4  1_555 A C   23 1_555 B G   3  1_555 -0.019 -1.611 3.341 0.068  3.943  35.355 -3.209 0.042  3.149 6.467  
-0.112 35.567 19 AA_G22C23:G26C27_BB   A 22 ? B 27 ? A 23 ? B 26 ? 
# 
_pdbx_audit_support.funding_organization   MEXT 
_pdbx_audit_support.country                Japan 
_pdbx_audit_support.grant_number           23790054 
_pdbx_audit_support.ordinal                1 
# 
_atom_sites.entry_id                    4P3T 
_atom_sites.fract_transf_matrix[1][1]   0.00863159 
_atom_sites.fract_transf_matrix[1][2]   -0.01732919 
_atom_sites.fract_transf_matrix[1][3]   -0.02382916 
_atom_sites.fract_transf_matrix[2][1]   0.00170542 
_atom_sites.fract_transf_matrix[2][2]   0.02022397 
_atom_sites.fract_transf_matrix[2][3]   -0.01408965 
_atom_sites.fract_transf_matrix[3][1]   0.02477357 
_atom_sites.fract_transf_matrix[3][2]   -0.00058834 
_atom_sites.fract_transf_matrix[3][3]   0.00215411 
_atom_sites.fract_transf_vector[1]      0.784531 
_atom_sites.fract_transf_vector[2]      0.791416 
_atom_sites.fract_transf_vector[3]      -0.057911 
# 
loop_
_atom_type.symbol 
BR 
C  
N  
O  
P  
# 
loop_
_atom_site.group_PDB 
_atom_site.id 
_atom_site.type_symbol 
_atom_site.label_atom_id 
_atom_site.label_alt_id 
_atom_site.label_comp_id 
_atom_site.label_asym_id 
_atom_site.label_entity_id 
_atom_site.label_seq_id 
_atom_site.pdbx_PDB_ins_code 
_atom_site.Cartn_x 
_atom_site.Cartn_y 
_atom_site.Cartn_z 
_atom_site.occupancy 
_atom_site.B_iso_or_equiv 
_atom_site.pdbx_formal_charge 
_atom_site.auth_seq_id 
_atom_site.auth_comp_id 
_atom_site.auth_asym_id 
_atom_site.auth_atom_id 
_atom_site.pdbx_PDB_model_num 
ATOM   1    O  "O5'" . U   A 1 1  ? 15.026  14.900  19.161  1.00 36.22 ? 1   U   A "O5'" 1 
ATOM   2    C  "C5'" . U   A 1 1  ? 14.063  15.264  20.158  1.00 34.84 ? 1   U   A "C5'" 1 
ATOM   3    C  "C4'" . U   A 1 1  ? 13.703  16.722  20.038  1.00 35.81 ? 1   U   A "C4'" 1 
ATOM   4    O  "O4'" . U   A 1 1  ? 14.864  17.542  20.350  1.00 36.61 ? 1   U   A "O4'" 1 
ATOM   5    C  "C3'" . U   A 1 1  ? 13.301  17.168  18.642  1.00 35.97 ? 1   U   A "C3'" 1 
ATOM   6    O  "O3'" . U   A 1 1  ? 11.927  16.907  18.400  1.00 35.85 ? 1   U   A "O3'" 1 
ATOM   7    C  "C2'" . U   A 1 1  ? 13.593  18.660  18.691  1.00 36.24 ? 1   U   A "C2'" 1 
ATOM   8    O  "O2'" . U   A 1 1  ? 12.584  19.389  19.357  1.00 37.94 ? 1   U   A "O2'" 1 
ATOM   9    C  "C1'" . U   A 1 1  ? 14.891  18.678  19.499  1.00 36.44 ? 1   U   A "C1'" 1 
ATOM   10   N  N1    . U   A 1 1  ? 16.083  18.588  18.643  1.00 36.17 ? 1   U   A N1    1 
ATOM   11   C  C2    . U   A 1 1  ? 16.443  19.715  17.933  1.00 36.07 ? 1   U   A C2    1 
ATOM   12   O  O2    . U   A 1 1  ? 15.837  20.766  18.011  1.00 37.55 ? 1   U   A O2    1 
ATOM   13   N  N3    . U   A 1 1  ? 17.546  19.571  17.132  1.00 37.51 ? 1   U   A N3    1 
ATOM   14   C  C4    . U   A 1 1  ? 18.320  18.442  16.980  1.00 35.49 ? 1   U   A C4    1 
ATOM   15   O  O4    . U   A 1 1  ? 19.298  18.481  16.233  1.00 34.67 ? 1   U   A O4    1 
ATOM   16   C  C5    . U   A 1 1  ? 17.893  17.317  17.758  1.00 35.76 ? 1   U   A C5    1 
ATOM   17   C  C6    . U   A 1 1  ? 16.816  17.426  18.543  1.00 35.60 ? 1   U   A C6    1 
ATOM   18   P  P     . U   A 1 2  ? 11.486  16.187  17.037  1.00 34.14 ? 2   U   A P     1 
ATOM   19   O  OP1   . U   A 1 2  ? 10.022  16.418  16.892  1.00 37.08 ? 2   U   A OP1   1 
ATOM   20   O  OP2   . U   A 1 2  ? 12.018  14.798  17.023  1.00 35.00 ? 2   U   A OP2   1 
ATOM   21   O  "O5'" . U   A 1 2  ? 12.221  17.024  15.901  1.00 35.11 ? 2   U   A "O5'" 1 
ATOM   22   C  "C5'" . U   A 1 2  ? 11.850  18.368  15.631  1.00 33.97 ? 2   U   A "C5'" 1 
ATOM   23   C  "C4'" . U   A 1 2  ? 12.773  18.960  14.598  1.00 34.35 ? 2   U   A "C4'" 1 
ATOM   24   O  "O4'" . U   A 1 2  ? 14.115  19.064  15.147  1.00 32.47 ? 2   U   A "O4'" 1 
ATOM   25   C  "C3'" . U   A 1 2  ? 12.975  18.133  13.342  1.00 33.62 ? 2   U   A "C3'" 1 
ATOM   26   O  "O3'" . U   A 1 2  ? 11.907  18.293  12.423  1.00 34.21 ? 2   U   A "O3'" 1 
ATOM   27   C  "C2'" . U   A 1 2  ? 14.277  18.711  12.811  1.00 33.49 ? 2   U   A "C2'" 1 
ATOM   28   O  "O2'" . U   A 1 2  ? 14.109  19.968  12.187  1.00 33.97 ? 2   U   A "O2'" 1 
ATOM   29   C  "C1'" . U   A 1 2  ? 15.066  18.872  14.110  1.00 33.08 ? 2   U   A "C1'" 1 
ATOM   30   N  N1    . U   A 1 2  ? 15.859  17.675  14.424  1.00 30.93 ? 2   U   A N1    1 
ATOM   31   C  C2    . U   A 1 2  ? 17.081  17.548  13.800  1.00 30.42 ? 2   U   A C2    1 
ATOM   32   O  O2    . U   A 1 2  ? 17.505  18.371  13.015  1.00 31.20 ? 2   U   A O2    1 
ATOM   33   N  N3    . U   A 1 2  ? 17.783  16.417  14.126  1.00 30.07 ? 2   U   A N3    1 
ATOM   34   C  C4    . U   A 1 2  ? 17.392  15.418  14.989  1.00 30.80 ? 2   U   A C4    1 
ATOM   35   O  O4    . U   A 1 2  ? 18.139  14.458  15.181  1.00 31.06 ? 2   U   A O4    1 
ATOM   36   C  C5    . U   A 1 2  ? 16.106  15.620  15.594  1.00 30.83 ? 2   U   A C5    1 
ATOM   37   C  C6    . U   A 1 2  ? 15.405  16.718  15.300  1.00 29.55 ? 2   U   A C6    1 
ATOM   38   P  P     . G   A 1 3  ? 11.528  17.087  11.437  1.00 35.39 ? 3   G   A P     1 
ATOM   39   O  OP1   . G   A 1 3  ? 10.466  17.575  10.517  1.00 38.22 ? 3   G   A OP1   1 
ATOM   40   O  OP2   . G   A 1 3  ? 11.298  15.863  12.242  1.00 34.58 ? 3   G   A OP2   1 
ATOM   41   O  "O5'" . G   A 1 3  ? 12.858  16.854  10.595  1.00 36.34 ? 3   G   A "O5'" 1 
ATOM   42   C  "C5'" . G   A 1 3  ? 13.328  17.841  9.686   1.00 39.01 ? 3   G   A "C5'" 1 
ATOM   43   C  "C4'" . G   A 1 3  ? 14.571  17.347  8.998   1.00 39.85 ? 3   G   A "C4'" 1 
ATOM   44   O  "O4'" . G   A 1 3  ? 15.643  17.209  9.969   1.00 40.40 ? 3   G   A "O4'" 1 
ATOM   45   C  "C3'" . G   A 1 3  ? 14.443  15.952  8.414   1.00 40.97 ? 3   G   A "C3'" 1 
ATOM   46   O  "O3'" . G   A 1 3  ? 13.772  15.975  7.161   1.00 42.31 ? 3   G   A "O3'" 1 
ATOM   47   C  "C2'" . G   A 1 3  ? 15.900  15.519  8.320   1.00 40.13 ? 3   G   A "C2'" 1 
ATOM   48   O  "O2'" . G   A 1 3  ? 16.569  16.059  7.198   1.00 41.81 ? 3   G   A "O2'" 1 
ATOM   49   C  "C1'" . G   A 1 3  ? 16.471  16.114  9.609   1.00 38.48 ? 3   G   A "C1'" 1 
ATOM   50   N  N9    . G   A 1 3  ? 16.498  15.171  10.722  1.00 36.32 ? 3   G   A N9    1 
ATOM   51   C  C8    . G   A 1 3  ? 15.637  15.118  11.789  1.00 35.57 ? 3   G   A C8    1 
ATOM   52   N  N7    . G   A 1 3  ? 15.927  14.165  12.635  1.00 34.78 ? 3   G   A N7    1 
ATOM   53   C  C5    . G   A 1 3  ? 17.049  13.552  12.091  1.00 35.02 ? 3   G   A C5    1 
ATOM   54   C  C6    . G   A 1 3  ? 17.822  12.456  12.562  1.00 33.81 ? 3   G   A C6    1 
ATOM   55   O  O6    . G   A 1 3  ? 17.674  11.788  13.597  1.00 33.28 ? 3   G   A O6    1 
ATOM   56   N  N1    . G   A 1 3  ? 18.865  12.157  11.690  1.00 35.83 ? 3   G   A N1    1 
ATOM   57   C  C2    . G   A 1 3  ? 19.132  12.823  10.522  1.00 34.07 ? 3   G   A C2    1 
ATOM   58   N  N2    . G   A 1 3  ? 20.175  12.374  9.810   1.00 37.90 ? 3   G   A N2    1 
ATOM   59   N  N3    . G   A 1 3  ? 18.429  13.850  10.079  1.00 36.62 ? 3   G   A N3    1 
ATOM   60   C  C4    . G   A 1 3  ? 17.409  14.157  10.907  1.00 35.27 ? 3   G   A C4    1 
ATOM   61   P  P     . C   A 1 4  ? 12.874  14.716  6.725   1.00 45.00 ? 4   C   A P     1 
ATOM   62   O  OP1   . C   A 1 4  ? 12.218  15.042  5.431   1.00 44.18 ? 4   C   A OP1   1 
ATOM   63   O  OP2   . C   A 1 4  ? 12.043  14.322  7.891   1.00 44.88 ? 4   C   A OP2   1 
ATOM   64   O  "O5'" . C   A 1 4  ? 13.953  13.577  6.463   1.00 43.68 ? 4   C   A "O5'" 1 
ATOM   65   C  "C5'" . C   A 1 4  ? 14.950  13.750  5.465   1.00 44.91 ? 4   C   A "C5'" 1 
ATOM   66   C  "C4'" . C   A 1 4  ? 15.957  12.632  5.532   1.00 45.36 ? 4   C   A "C4'" 1 
ATOM   67   O  "O4'" . C   A 1 4  ? 16.773  12.736  6.730   1.00 44.62 ? 4   C   A "O4'" 1 
ATOM   68   C  "C3'" . C   A 1 4  ? 15.391  11.228  5.620   1.00 46.51 ? 4   C   A "C3'" 1 
ATOM   69   O  "O3'" . C   A 1 4  ? 14.897  10.783  4.362   1.00 49.07 ? 4   C   A "O3'" 1 
ATOM   70   C  "C2'" . C   A 1 4  ? 16.605  10.451  6.109   1.00 44.90 ? 4   C   A "C2'" 1 
ATOM   71   O  "O2'" . C   A 1 4  ? 17.544  10.171  5.093   1.00 46.21 ? 4   C   A "O2'" 1 
ATOM   72   C  "C1'" . C   A 1 4  ? 17.197  11.437  7.122   1.00 43.93 ? 4   C   A "C1'" 1 
ATOM   73   N  N1    . C   A 1 4  ? 16.702  11.179  8.481   1.00 41.26 ? 4   C   A N1    1 
ATOM   74   C  C2    . C   A 1 4  ? 17.333  10.200  9.251   1.00 41.16 ? 4   C   A C2    1 
ATOM   75   O  O2    . C   A 1 4  ? 18.305  9.595   8.773   1.00 42.27 ? 4   C   A O2    1 
ATOM   76   N  N3    . C   A 1 4  ? 16.868  9.933   10.493  1.00 40.97 ? 4   C   A N3    1 
ATOM   77   C  C4    . C   A 1 4  ? 15.813  10.601  10.966  1.00 39.50 ? 4   C   A C4    1 
ATOM   78   N  N4    . C   A 1 4  ? 15.378  10.293  12.192  1.00 38.75 ? 4   C   A N4    1 
ATOM   79   C  C5    . C   A 1 4  ? 15.159  11.611  10.207  1.00 38.89 ? 4   C   A C5    1 
ATOM   80   C  C6    . C   A 1 4  ? 15.633  11.869  8.982   1.00 40.84 ? 4   C   A C6    1 
ATOM   81   P  P     . G   A 1 5  ? 13.686  9.725   4.314   1.00 50.41 ? 5   G   A P     1 
ATOM   82   O  OP1   . G   A 1 5  ? 13.272  9.594   2.893   1.00 50.85 ? 5   G   A OP1   1 
ATOM   83   O  OP2   . G   A 1 5  ? 12.680  10.094  5.340   1.00 50.36 ? 5   G   A OP2   1 
ATOM   84   O  "O5'" . G   A 1 5  ? 14.377  8.364   4.762   1.00 49.09 ? 5   G   A "O5'" 1 
ATOM   85   C  "C5'" . G   A 1 5  ? 15.532  7.891   4.085   1.00 48.61 ? 5   G   A "C5'" 1 
ATOM   86   C  "C4'" . G   A 1 5  ? 16.181  6.779   4.868   1.00 47.96 ? 5   G   A "C4'" 1 
ATOM   87   O  "O4'" . G   A 1 5  ? 16.711  7.268   6.125   1.00 48.19 ? 5   G   A "O4'" 1 
ATOM   88   C  "C3'" . G   A 1 5  ? 15.278  5.650   5.318   1.00 47.82 ? 5   G   A "C3'" 1 
ATOM   89   O  "O3'" . G   A 1 5  ? 14.953  4.788   4.242   1.00 48.91 ? 5   G   A "O3'" 1 
ATOM   90   C  "C2'" . G   A 1 5  ? 16.155  4.973   6.362   1.00 47.62 ? 5   G   A "C2'" 1 
ATOM   91   O  "O2'" . G   A 1 5  ? 17.173  4.170   5.803   1.00 46.39 ? 5   G   A "O2'" 1 
ATOM   92   C  "C1'" . G   A 1 5  ? 16.780  6.190   7.049   1.00 47.59 ? 5   G   A "C1'" 1 
ATOM   93   N  N9    . G   A 1 5  ? 16.060  6.567   8.259   1.00 46.72 ? 5   G   A N9    1 
ATOM   94   C  C8    . G   A 1 5  ? 15.242  7.655   8.437   1.00 47.27 ? 5   G   A C8    1 
ATOM   95   N  N7    . G   A 1 5  ? 14.740  7.727   9.639   1.00 46.68 ? 5   G   A N7    1 
ATOM   96   C  C5    . G   A 1 5  ? 15.256  6.618   10.293  1.00 46.07 ? 5   G   A C5    1 
ATOM   97   C  C6    . G   A 1 5  ? 15.063  6.166   11.623  1.00 45.70 ? 5   G   A C6    1 
ATOM   98   O  O6    . G   A 1 5  ? 14.391  6.680   12.519  1.00 45.76 ? 5   G   A O6    1 
ATOM   99   N  N1    . G   A 1 5  ? 15.761  4.989   11.870  1.00 44.22 ? 5   G   A N1    1 
ATOM   100  C  C2    . G   A 1 5  ? 16.549  4.335   10.957  1.00 45.28 ? 5   G   A C2    1 
ATOM   101  N  N2    . G   A 1 5  ? 17.138  3.212   11.388  1.00 45.61 ? 5   G   A N2    1 
ATOM   102  N  N3    . G   A 1 5  ? 16.745  4.751   9.716   1.00 45.43 ? 5   G   A N3    1 
ATOM   103  C  C4    . G   A 1 5  ? 16.070  5.890   9.454   1.00 46.18 ? 5   G   A C4    1 
ATOM   104  P  P     . U   A 1 6  ? 13.615  3.907   4.314   1.00 49.39 ? 6   U   A P     1 
ATOM   105  O  OP1   . U   A 1 6  ? 13.543  3.139   3.044   1.00 50.20 ? 6   U   A OP1   1 
ATOM   106  O  OP2   . U   A 1 6  ? 12.484  4.788   4.703   1.00 50.12 ? 6   U   A OP2   1 
ATOM   107  O  "O5'" . U   A 1 6  ? 13.896  2.891   5.511   1.00 46.82 ? 6   U   A "O5'" 1 
ATOM   108  C  "C5'" . U   A 1 6  ? 14.942  1.925   5.414   1.00 43.54 ? 6   U   A "C5'" 1 
ATOM   109  C  "C4'" . U   A 1 6  ? 14.992  1.076   6.662   1.00 41.28 ? 6   U   A "C4'" 1 
ATOM   110  O  "O4'" . U   A 1 6  ? 15.469  1.855   7.791   1.00 41.61 ? 6   U   A "O4'" 1 
ATOM   111  C  "C3'" . U   A 1 6  ? 13.664  0.505   7.120   1.00 40.20 ? 6   U   A "C3'" 1 
ATOM   112  O  "O3'" . U   A 1 6  ? 13.370  -0.688  6.405   1.00 37.06 ? 6   U   A "O3'" 1 
ATOM   113  C  "C2'" . U   A 1 6  ? 13.926  0.249   8.599   1.00 40.45 ? 6   U   A "C2'" 1 
ATOM   114  O  "O2'" . U   A 1 6  ? 14.635  -0.947  8.845   1.00 41.97 ? 6   U   A "O2'" 1 
ATOM   115  C  "C1'" . U   A 1 6  ? 14.777  1.466   8.968   1.00 41.10 ? 6   U   A "C1'" 1 
ATOM   116  N  N1    . U   A 1 6  ? 13.969  2.607   9.415   1.00 41.43 ? 6   U   A N1    1 
ATOM   117  C  C2    . U   A 1 6  ? 13.611  2.669   10.751  1.00 41.68 ? 6   U   A C2    1 
ATOM   118  O  O2    . U   A 1 6  ? 13.937  1.819   11.566  1.00 44.07 ? 6   U   A O2    1 
ATOM   119  N  N3    . U   A 1 6  ? 12.855  3.762   11.096  1.00 41.58 ? 6   U   A N3    1 
ATOM   120  C  C4    . U   A 1 6  ? 12.430  4.776   10.262  1.00 40.96 ? 6   U   A C4    1 
ATOM   121  O  O4    . U   A 1 6  ? 11.767  5.706   10.725  1.00 41.74 ? 6   U   A O4    1 
ATOM   122  C  C5    . U   A 1 6  ? 12.839  4.638   8.900   1.00 41.65 ? 6   U   A C5    1 
ATOM   123  C  C6    . U   A 1 6  ? 13.577  3.586   8.532   1.00 40.93 ? 6   U   A C6    1 
ATOM   124  P  P     . C   A 1 7  ? 11.840  -1.121  6.175   1.00 35.63 ? 7   C   A P     1 
ATOM   125  O  OP1   . C   A 1 7  ? 11.859  -2.244  5.202   1.00 36.93 ? 7   C   A OP1   1 
ATOM   126  O  OP2   . C   A 1 7  ? 11.018  0.080   5.890   1.00 33.11 ? 7   C   A OP2   1 
ATOM   127  O  "O5'" . C   A 1 7  ? 11.409  -1.698  7.592   1.00 32.25 ? 7   C   A "O5'" 1 
ATOM   128  C  "C5'" . C   A 1 7  ? 12.103  -2.799  8.163   1.00 30.43 ? 7   C   A "C5'" 1 
ATOM   129  C  "C4'" . C   A 1 7  ? 11.646  -3.016  9.578   1.00 28.84 ? 7   C   A "C4'" 1 
ATOM   130  O  "O4'" . C   A 1 7  ? 12.083  -1.920  10.423  1.00 29.89 ? 7   C   A "O4'" 1 
ATOM   131  C  "C3'" . C   A 1 7  ? 10.143  -3.036  9.768   1.00 27.62 ? 7   C   A "C3'" 1 
ATOM   132  O  "O3'" . C   A 1 7  ? 9.620   -4.308  9.426   1.00 26.69 ? 7   C   A "O3'" 1 
ATOM   133  C  "C2'" . C   A 1 7  ? 10.026  -2.758  11.257  1.00 28.13 ? 7   C   A "C2'" 1 
ATOM   134  O  "O2'" . C   A 1 7  ? 10.289  -3.909  12.039  1.00 30.55 ? 7   C   A "O2'" 1 
ATOM   135  C  "C1'" . C   A 1 7  ? 11.125  -1.708  11.445  1.00 28.31 ? 7   C   A "C1'" 1 
ATOM   136  N  N1    . C   A 1 7  ? 10.628  -0.325  11.341  1.00 26.48 ? 7   C   A N1    1 
ATOM   137  C  C2    . C   A 1 7  ? 10.079  0.258   12.472  1.00 26.77 ? 7   C   A C2    1 
ATOM   138  O  O2    . C   A 1 7  ? 10.003  -0.416  13.507  1.00 28.91 ? 7   C   A O2    1 
ATOM   139  N  N3    . C   A 1 7  ? 9.640   1.536   12.419  1.00 27.82 ? 7   C   A N3    1 
ATOM   140  C  C4    . C   A 1 7  ? 9.730   2.224   11.278  1.00 27.55 ? 7   C   A C4    1 
ATOM   141  N  N4    . C   A 1 7  ? 9.294   3.495   11.275  1.00 25.05 ? 7   C   A N4    1 
ATOM   142  C  C5    . C   A 1 7  ? 10.273  1.644   10.091  1.00 27.22 ? 7   C   A C5    1 
ATOM   143  C  C6    . C   A 1 7  ? 10.706  0.377   10.169  1.00 26.67 ? 7   C   A C6    1 
ATOM   144  P  P     . C   A 1 8  ? 8.143   -4.414  8.820   1.00 25.80 ? 8   C   A P     1 
ATOM   145  O  OP1   . C   A 1 8  ? 7.902   -5.849  8.516   1.00 28.08 ? 8   C   A OP1   1 
ATOM   146  O  OP2   . C   A 1 8  ? 8.001   -3.394  7.744   1.00 25.27 ? 8   C   A OP2   1 
ATOM   147  O  "O5'" . C   A 1 8  ? 7.192   -3.966  10.010  1.00 23.43 ? 8   C   A "O5'" 1 
ATOM   148  C  "C5'" . C   A 1 8  ? 7.109   -4.738  11.200  1.00 23.62 ? 8   C   A "C5'" 1 
ATOM   149  C  "C4'" . C   A 1 8  ? 6.256   -4.032  12.216  1.00 21.66 ? 8   C   A "C4'" 1 
ATOM   150  O  "O4'" . C   A 1 8  ? 6.919   -2.836  12.713  1.00 20.91 ? 8   C   A "O4'" 1 
ATOM   151  C  "C3'" . C   A 1 8  ? 4.904   -3.530  11.747  1.00 20.93 ? 8   C   A "C3'" 1 
ATOM   152  O  "O3'" . C   A 1 8  ? 3.979   -4.615  11.709  1.00 21.09 ? 8   C   A "O3'" 1 
ATOM   153  C  "C2'" . C   A 1 8  ? 4.574   -2.534  12.852  1.00 22.68 ? 8   C   A "C2'" 1 
ATOM   154  O  "O2'" . C   A 1 8  ? 4.156   -3.162  14.056  1.00 20.34 ? 8   C   A "O2'" 1 
ATOM   155  C  "C1'" . C   A 1 8  ? 5.939   -1.874  13.065  1.00 18.89 ? 8   C   A "C1'" 1 
ATOM   156  N  N1    . C   A 1 8  ? 6.110   -0.694  12.197  1.00 20.74 ? 8   C   A N1    1 
ATOM   157  C  C2    . C   A 1 8  ? 5.653   0.532   12.659  1.00 22.83 ? 8   C   A C2    1 
ATOM   158  O  O2    . C   A 1 8  ? 5.114   0.584   13.774  1.00 22.69 ? 8   C   A O2    1 
ATOM   159  N  N3    . C   A 1 8  ? 5.802   1.632   11.878  1.00 21.18 ? 8   C   A N3    1 
ATOM   160  C  C4    . C   A 1 8  ? 6.373   1.522   10.679  1.00 19.45 ? 8   C   A C4    1 
ATOM   161  N  N4    . C   A 1 8  ? 6.501   2.634   9.937   1.00 20.87 ? 8   C   A N4    1 
ATOM   162  C  C5    . C   A 1 8  ? 6.841   0.279   10.180  1.00 18.55 ? 8   C   A C5    1 
ATOM   163  C  C6    . C   A 1 8  ? 6.694   -0.798  10.967  1.00 19.14 ? 8   C   A C6    1 
ATOM   164  P  P     . C   A 1 9  ? 2.898   -4.717  10.530  1.00 20.37 ? 9   C   A P     1 
ATOM   165  O  OP1   . C   A 1 9  ? 2.249   -6.056  10.687  1.00 23.32 ? 9   C   A OP1   1 
ATOM   166  O  OP2   . C   A 1 9  ? 3.548   -4.368  9.236   1.00 22.69 ? 9   C   A OP2   1 
ATOM   167  O  "O5'" . C   A 1 9  ? 1.829   -3.594  10.871  1.00 19.23 ? 9   C   A "O5'" 1 
ATOM   168  C  "C5'" . C   A 1 9  ? 0.938   -3.730  11.976  1.00 17.97 ? 9   C   A "C5'" 1 
ATOM   169  C  "C4'" . C   A 1 9  ? 0.201   -2.435  12.205  1.00 19.37 ? 9   C   A "C4'" 1 
ATOM   170  O  "O4'" . C   A 1 9  ? 1.168   -1.388  12.524  1.00 18.14 ? 9   C   A "O4'" 1 
ATOM   171  C  "C3'" . C   A 1 9  ? -0.507  -1.863  10.992  1.00 17.10 ? 9   C   A "C3'" 1 
ATOM   172  O  "O3'" . C   A 1 9  ? -1.732  -2.516  10.714  1.00 20.49 ? 9   C   A "O3'" 1 
ATOM   173  C  "C2'" . C   A 1 9  ? -0.690  -0.424  11.438  1.00 17.14 ? 9   C   A "C2'" 1 
ATOM   174  O  "O2'" . C   A 1 9  ? -1.683  -0.308  12.444  1.00 19.62 ? 9   C   A "O2'" 1 
ATOM   175  C  "C1'" . C   A 1 9  ? 0.700   -0.142  12.015  1.00 17.96 ? 9   C   A "C1'" 1 
ATOM   176  N  N1    . C   A 1 9  ? 1.644   0.333   10.978  1.00 17.13 ? 9   C   A N1    1 
ATOM   177  C  C2    . C   A 1 9  ? 1.601   1.683   10.645  1.00 16.27 ? 9   C   A C2    1 
ATOM   178  O  O2    . C   A 1 9  ? 0.819   2.410   11.255  1.00 18.36 ? 9   C   A O2    1 
ATOM   179  N  N3    . C   A 1 9  ? 2.415   2.154   9.671   1.00 16.54 ? 9   C   A N3    1 
ATOM   180  C  C4    . C   A 1 9  ? 3.255   1.336   9.048   1.00 15.08 ? 9   C   A C4    1 
ATOM   181  N  N4    . C   A 1 9  ? 4.039   1.859   8.084   1.00 16.63 ? 9   C   A N4    1 
ATOM   182  C  C5    . C   A 1 9  ? 3.337   -0.054  9.376   1.00 17.48 ? 9   C   A C5    1 
ATOM   183  C  C6    . C   A 1 9  ? 2.517   -0.503  10.346  1.00 17.29 ? 9   C   A C6    1 
ATOM   184  P  P     . G   A 1 10 ? -2.272  -2.576  9.196   1.00 21.19 ? 10  G   A P     1 
ATOM   185  O  OP1   . G   A 1 10 ? -3.463  -3.465  9.198   1.00 25.01 ? 10  G   A OP1   1 
ATOM   186  O  OP2   . G   A 1 10 ? -1.156  -2.841  8.278   1.00 21.06 ? 10  G   A OP2   1 
ATOM   187  O  "O5'" . G   A 1 10 ? -2.760  -1.095  8.882   1.00 22.12 ? 10  G   A "O5'" 1 
ATOM   188  C  "C5'" . G   A 1 10 ? -3.807  -0.493  9.615   1.00 20.32 ? 10  G   A "C5'" 1 
ATOM   189  C  "C4'" . G   A 1 10 ? -3.826  0.992   9.340   1.00 20.26 ? 10  G   A "C4'" 1 
ATOM   190  O  "O4'" . G   A 1 10 ? -2.504  1.535   9.610   1.00 20.17 ? 10  G   A "O4'" 1 
ATOM   191  C  "C3'" . G   A 1 10 ? -4.095  1.449   7.909   1.00 19.46 ? 10  G   A "C3'" 1 
ATOM   192  O  "O3'" . G   A 1 10 ? -5.503  1.460   7.661   1.00 21.75 ? 10  G   A "O3'" 1 
ATOM   193  C  "C2'" . G   A 1 10 ? -3.575  2.878   7.982   1.00 17.58 ? 10  G   A "C2'" 1 
ATOM   194  O  "O2'" . G   A 1 10 ? -4.455  3.681   8.741   1.00 19.39 ? 10  G   A "O2'" 1 
ATOM   195  C  "C1'" . G   A 1 10 ? -2.288  2.680   8.787   1.00 18.66 ? 10  G   A "C1'" 1 
ATOM   196  N  N9    . G   A 1 10 ? -1.093  2.456   7.971   1.00 18.03 ? 10  G   A N9    1 
ATOM   197  C  C8    . G   A 1 10 ? -0.380  1.289   7.828   1.00 16.30 ? 10  G   A C8    1 
ATOM   198  N  N7    . G   A 1 10 ? 0.633   1.405   7.008   1.00 16.89 ? 10  G   A N7    1 
ATOM   199  C  C5    . G   A 1 10 ? 0.601   2.736   6.607   1.00 16.40 ? 10  G   A C5    1 
ATOM   200  C  C6    . G   A 1 10 ? 1.455   3.455   5.719   1.00 15.25 ? 10  G   A C6    1 
ATOM   201  O  O6    . G   A 1 10 ? 2.443   3.062   5.114   1.00 16.46 ? 10  G   A O6    1 
ATOM   202  N  N1    . G   A 1 10 ? 1.037   4.766   5.567   1.00 15.26 ? 10  G   A N1    1 
ATOM   203  C  C2    . G   A 1 10 ? -0.048  5.324   6.183   1.00 14.27 ? 10  G   A C2    1 
ATOM   204  N  N2    . G   A 1 10 ? -0.298  6.611   5.884   1.00 14.84 ? 10  G   A N2    1 
ATOM   205  N  N3    . G   A 1 10 ? -0.838  4.676   7.026   1.00 16.88 ? 10  G   A N3    1 
ATOM   206  C  C4    . G   A 1 10 ? -0.459  3.393   7.185   1.00 17.87 ? 10  G   A C4    1 
HETATM 207  P  P     . 5BU A 1 11 ? -6.063  1.550   6.148   1.00 24.24 ? 11  5BU A P     1 
HETATM 208  O  OP1   . 5BU A 1 11 ? -7.542  1.440   6.298   1.00 27.78 ? 11  5BU A OP1   1 
HETATM 209  O  OP2   . 5BU A 1 11 ? -5.335  0.593   5.293   1.00 25.62 ? 11  5BU A OP2   1 
HETATM 210  O  "O5'" . 5BU A 1 11 ? -5.700  3.025   5.665   1.00 23.86 ? 11  5BU A "O5'" 1 
HETATM 211  C  "C5'" . 5BU A 1 11 ? -6.440  4.149   6.132   1.00 24.40 ? 11  5BU A "C5'" 1 
HETATM 212  C  "C4'" . 5BU A 1 11 ? -6.057  5.382   5.349   1.00 22.58 ? 11  5BU A "C4'" 1 
HETATM 213  O  "O4'" . 5BU A 1 11 ? -4.659  5.705   5.589   1.00 23.16 ? 11  5BU A "O4'" 1 
HETATM 214  C  "C3'" . 5BU A 1 11 ? -6.139  5.259   3.834   1.00 24.05 ? 11  5BU A "C3'" 1 
HETATM 215  O  "O3'" . 5BU A 1 11 ? -7.473  5.412   3.362   1.00 26.78 ? 11  5BU A "O3'" 1 
HETATM 216  C  "C2'" . 5BU A 1 11 ? -5.225  6.392   3.395   1.00 22.79 ? 11  5BU A "C2'" 1 
HETATM 217  O  "O2'" . 5BU A 1 11 ? -5.795  7.673   3.570   1.00 23.98 ? 11  5BU A "O2'" 1 
HETATM 218  C  "C1'" . 5BU A 1 11 ? -4.089  6.246   4.407   1.00 20.67 ? 11  5BU A "C1'" 1 
HETATM 219  N  N1    . 5BU A 1 11 ? -3.027  5.347   3.949   1.00 20.61 ? 11  5BU A N1    1 
HETATM 220  C  C2    . 5BU A 1 11 ? -2.065  5.884   3.119   1.00 21.70 ? 11  5BU A C2    1 
HETATM 221  O  O2    . 5BU A 1 11 ? -2.109  7.039   2.709   1.00 20.41 ? 11  5BU A O2    1 
HETATM 222  N  N3    . 5BU A 1 11 ? -1.057  5.025   2.774   1.00 18.72 ? 11  5BU A N3    1 
HETATM 223  C  C4    . 5BU A 1 11 ? -0.928  3.701   3.148   1.00 19.97 ? 11  5BU A C4    1 
HETATM 224  O  O4    . 5BU A 1 11 ? 0.043   3.045   2.761   1.00 18.30 ? 11  5BU A O4    1 
HETATM 225  C  C5    . 5BU A 1 11 ? -1.973  3.216   3.967   1.00 17.90 ? 11  5BU A C5    1 
HETATM 226  C  C6    . 5BU A 1 11 ? -2.968  4.025   4.339   1.00 19.50 ? 11  5BU A C6    1 
HETATM 227  BR BR    . 5BU A 1 11 ? -1.958  1.390   4.496   1.00 23.84 ? 11  5BU A BR    1 
ATOM   228  P  P     . C   A 1 12 ? -7.946  4.629   2.043   1.00 29.02 ? 12  C   A P     1 
ATOM   229  O  OP1   . C   A 1 12 ? -9.410  4.867   1.868   1.00 31.83 ? 12  C   A OP1   1 
ATOM   230  O  OP2   . C   A 1 12 ? -7.430  3.234   2.070   1.00 29.05 ? 12  C   A OP2   1 
ATOM   231  O  "O5'" . C   A 1 12 ? -7.186  5.397   0.881   1.00 26.35 ? 12  C   A "O5'" 1 
ATOM   232  C  "C5'" . C   A 1 12 ? -7.543  6.728   0.551   1.00 28.06 ? 12  C   A "C5'" 1 
ATOM   233  C  "C4'" . C   A 1 12 ? -6.564  7.299   -0.437  1.00 28.82 ? 12  C   A "C4'" 1 
ATOM   234  O  "O4'" . C   A 1 12 ? -5.238  7.368   0.154   1.00 28.96 ? 12  C   A "O4'" 1 
ATOM   235  C  "C3'" . C   A 1 12 ? -6.326  6.507   -1.710  1.00 30.46 ? 12  C   A "C3'" 1 
ATOM   236  O  "O3'" . C   A 1 12 ? -7.393  6.673   -2.639  1.00 32.31 ? 12  C   A "O3'" 1 
ATOM   237  C  "C2'" . C   A 1 12 ? -5.037  7.153   -2.186  1.00 29.25 ? 12  C   A "C2'" 1 
ATOM   238  O  "O2'" . C   A 1 12 ? -5.245  8.467   -2.665  1.00 32.61 ? 12  C   A "O2'" 1 
ATOM   239  C  "C1'" . C   A 1 12 ? -4.262  7.219   -0.867  1.00 28.19 ? 12  C   A "C1'" 1 
ATOM   240  N  N1    . C   A 1 12 ? -3.516  5.977   -0.623  1.00 25.60 ? 12  C   A N1    1 
ATOM   241  C  C2    . C   A 1 12 ? -2.272  5.830   -1.230  1.00 23.49 ? 12  C   A C2    1 
ATOM   242  O  O2    . C   A 1 12 ? -1.834  6.766   -1.908  1.00 25.84 ? 12  C   A O2    1 
ATOM   243  N  N3    . C   A 1 12 ? -1.580  4.679   -1.061  1.00 23.86 ? 12  C   A N3    1 
ATOM   244  C  C4    . C   A 1 12 ? -2.083  3.706   -0.303  1.00 20.01 ? 12  C   A C4    1 
ATOM   245  N  N4    . C   A 1 12 ? -1.366  2.590   -0.159  1.00 22.03 ? 12  C   A N4    1 
ATOM   246  C  C5    . C   A 1 12 ? -3.352  3.835   0.346   1.00 23.31 ? 12  C   A C5    1 
ATOM   247  C  C6    . C   A 1 12 ? -4.026  4.980   0.159   1.00 23.77 ? 12  C   A C6    1 
ATOM   248  P  P     . G   A 1 13 ? -7.742  5.495   -3.675  1.00 32.37 ? 13  G   A P     1 
ATOM   249  O  OP1   . G   A 1 13 ? -8.985  5.895   -4.382  1.00 34.47 ? 13  G   A OP1   1 
ATOM   250  O  OP2   . G   A 1 13 ? -7.687  4.190   -2.971  1.00 32.13 ? 13  G   A OP2   1 
ATOM   251  O  "O5'" . G   A 1 13 ? -6.553  5.544   -4.733  1.00 32.47 ? 13  G   A "O5'" 1 
ATOM   252  C  "C5'" . G   A 1 13 ? -6.361  6.697   -5.542  1.00 30.88 ? 13  G   A "C5'" 1 
ATOM   253  C  "C4'" . G   A 1 13 ? -5.019  6.639   -6.221  1.00 29.46 ? 13  G   A "C4'" 1 
ATOM   254  O  "O4'" . G   A 1 13 ? -3.965  6.561   -5.225  1.00 28.78 ? 13  G   A "O4'" 1 
ATOM   255  C  "C3'" . G   A 1 13 ? -4.746  5.434   -7.106  1.00 30.20 ? 13  G   A "C3'" 1 
ATOM   256  O  "O3'" . G   A 1 13 ? -5.373  5.570   -8.374  1.00 31.46 ? 13  G   A "O3'" 1 
ATOM   257  C  "C2'" . G   A 1 13 ? -3.231  5.497   -7.206  1.00 30.02 ? 13  G   A "C2'" 1 
ATOM   258  O  "O2'" . G   A 1 13 ? -2.782  6.522   -8.071  1.00 30.99 ? 13  G   A "O2'" 1 
ATOM   259  C  "C1'" . G   A 1 13 ? -2.869  5.834   -5.758  1.00 28.58 ? 13  G   A "C1'" 1 
ATOM   260  N  N9    . G   A 1 13 ? -2.679  4.624   -4.965  1.00 27.52 ? 13  G   A N9    1 
ATOM   261  C  C8    . G   A 1 13 ? -3.525  4.087   -4.024  1.00 27.26 ? 13  G   A C8    1 
ATOM   262  N  N7    . G   A 1 13 ? -3.070  2.979   -3.500  1.00 28.02 ? 13  G   A N7    1 
ATOM   263  C  C5    . G   A 1 13 ? -1.847  2.781   -4.131  1.00 27.18 ? 13  G   A C5    1 
ATOM   264  C  C6    . G   A 1 13 ? -0.884  1.746   -3.978  1.00 28.97 ? 13  G   A C6    1 
ATOM   265  O  O6    . G   A 1 13 ? -0.905  0.775   -3.214  1.00 27.17 ? 13  G   A O6    1 
ATOM   266  N  N1    . G   A 1 13 ? 0.196   1.923   -4.835  1.00 29.06 ? 13  G   A N1    1 
ATOM   267  C  C2    . G   A 1 13 ? 0.344   2.963   -5.715  1.00 30.57 ? 13  G   A C2    1 
ATOM   268  N  N2    . G   A 1 13 ? 1.460   2.949   -6.466  1.00 30.33 ? 13  G   A N2    1 
ATOM   269  N  N3    . G   A 1 13 ? -0.533  3.942   -5.854  1.00 28.94 ? 13  G   A N3    1 
ATOM   270  C  C4    . G   A 1 13 ? -1.597  3.785   -5.039  1.00 27.07 ? 13  G   A C4    1 
ATOM   271  P  P     . A   A 1 14 ? -5.668  4.258   -9.258  1.00 32.02 ? 14  A   A P     1 
ATOM   272  O  OP1   . A   A 1 14 ? -6.458  4.683   -10.444 1.00 36.22 ? 14  A   A OP1   1 
ATOM   273  O  OP2   . A   A 1 14 ? -6.200  3.194   -8.369  1.00 33.22 ? 14  A   A OP2   1 
ATOM   274  O  "O5'" . A   A 1 14 ? -4.231  3.801   -9.746  1.00 32.62 ? 14  A   A "O5'" 1 
ATOM   275  C  "C5'" . A   A 1 14 ? -3.494  4.584   -10.669 1.00 35.00 ? 14  A   A "C5'" 1 
ATOM   276  C  "C4'" . A   A 1 14 ? -2.201  3.891   -11.007 1.00 33.78 ? 14  A   A "C4'" 1 
ATOM   277  O  "O4'" . A   A 1 14 ? -1.399  3.770   -9.801  1.00 33.84 ? 14  A   A "O4'" 1 
ATOM   278  C  "C3'" . A   A 1 14 ? -2.334  2.457   -11.504 1.00 34.42 ? 14  A   A "C3'" 1 
ATOM   279  O  "O3'" . A   A 1 14 ? -2.596  2.409   -12.905 1.00 34.27 ? 14  A   A "O3'" 1 
ATOM   280  C  "C2'" . A   A 1 14 ? -0.959  1.903   -11.173 1.00 33.67 ? 14  A   A "C2'" 1 
ATOM   281  O  "O2'" . A   A 1 14 ? 0.029   2.367   -12.069 1.00 35.97 ? 14  A   A "O2'" 1 
ATOM   282  C  "C1'" . A   A 1 14 ? -0.729  2.521   -9.795  1.00 32.81 ? 14  A   A "C1'" 1 
ATOM   283  N  N9    . A   A 1 14 ? -1.277  1.706   -8.711  1.00 33.09 ? 14  A   A N9    1 
ATOM   284  C  C8    . A   A 1 14 ? -2.487  1.841   -8.076  1.00 32.47 ? 14  A   A C8    1 
ATOM   285  N  N7    . A   A 1 14 ? -2.696  0.945   -7.143  1.00 32.09 ? 14  A   A N7    1 
ATOM   286  C  C5    . A   A 1 14 ? -1.545  0.171   -7.161  1.00 32.40 ? 14  A   A C5    1 
ATOM   287  C  C6    . A   A 1 14 ? -1.146  -0.953  -6.411  1.00 32.00 ? 14  A   A C6    1 
ATOM   288  N  N6    . A   A 1 14 ? -1.895  -1.512  -5.454  1.00 32.63 ? 14  A   A N6    1 
ATOM   289  N  N1    . A   A 1 14 ? 0.062   -1.492  -6.683  1.00 32.38 ? 14  A   A N1    1 
ATOM   290  C  C2    . A   A 1 14 ? 0.809   -0.937  -7.650  1.00 32.86 ? 14  A   A C2    1 
ATOM   291  N  N3    . A   A 1 14 ? 0.541   0.113   -8.423  1.00 33.49 ? 14  A   A N3    1 
ATOM   292  C  C4    . A   A 1 14 ? -0.663  0.628   -8.123  1.00 32.37 ? 14  A   A C4    1 
ATOM   293  P  P     . C   A 1 15 ? -3.489  1.215   -13.502 1.00 32.48 ? 15  C   A P     1 
ATOM   294  O  OP1   . C   A 1 15 ? -3.798  1.569   -14.914 1.00 34.63 ? 15  C   A OP1   1 
ATOM   295  O  OP2   . C   A 1 15 ? -4.598  0.931   -12.559 1.00 34.72 ? 15  C   A OP2   1 
ATOM   296  O  "O5'" . C   A 1 15 ? -2.502  -0.034  -13.517 1.00 32.51 ? 15  C   A "O5'" 1 
ATOM   297  C  "C5'" . C   A 1 15 ? -1.258  0.039   -14.199 1.00 32.55 ? 15  C   A "C5'" 1 
ATOM   298  C  "C4'" . C   A 1 15 ? -0.394  -1.136  -13.829 1.00 32.65 ? 15  C   A "C4'" 1 
ATOM   299  O  "O4'" . C   A 1 15 ? 0.032   -1.034  -12.440 1.00 33.33 ? 15  C   A "O4'" 1 
ATOM   300  C  "C3'" . C   A 1 15 ? -1.065  -2.496  -13.889 1.00 32.25 ? 15  C   A "C3'" 1 
ATOM   301  O  "O3'" . C   A 1 15 ? -1.187  -2.978  -15.225 1.00 30.95 ? 15  C   A "O3'" 1 
ATOM   302  C  "C2'" . C   A 1 15 ? -0.114  -3.319  -13.037 1.00 32.69 ? 15  C   A "C2'" 1 
ATOM   303  O  "O2'" . C   A 1 15 ? 1.086   -3.631  -13.713 1.00 34.68 ? 15  C   A "O2'" 1 
ATOM   304  C  "C1'" . C   A 1 15 ? 0.160   -2.339  -11.891 1.00 33.56 ? 15  C   A "C1'" 1 
ATOM   305  N  N1    . C   A 1 15 ? -0.821  -2.480  -10.805 1.00 33.06 ? 15  C   A N1    1 
ATOM   306  C  C2    . C   A 1 15 ? -0.648  -3.512  -9.881  1.00 32.96 ? 15  C   A C2    1 
ATOM   307  O  O2    . C   A 1 15 ? 0.333   -4.258  -9.999  1.00 34.00 ? 15  C   A O2    1 
ATOM   308  N  N3    . C   A 1 15 ? -1.550  -3.670  -8.885  1.00 31.70 ? 15  C   A N3    1 
ATOM   309  C  C4    . C   A 1 15 ? -2.593  -2.842  -8.796  1.00 31.28 ? 15  C   A C4    1 
ATOM   310  N  N4    . C   A 1 15 ? -3.465  -3.036  -7.804  1.00 31.05 ? 15  C   A N4    1 
ATOM   311  C  C5    . C   A 1 15 ? -2.790  -1.773  -9.722  1.00 31.41 ? 15  C   A C5    1 
ATOM   312  C  C6    . C   A 1 15 ? -1.886  -1.632  -10.702 1.00 32.40 ? 15  C   A C6    1 
ATOM   313  P  P     . G   A 1 16 ? -2.517  -3.755  -15.662 1.00 30.38 ? 16  G   A P     1 
ATOM   314  O  OP1   . G   A 1 16 ? -2.483  -3.859  -17.146 1.00 32.59 ? 16  G   A OP1   1 
ATOM   315  O  OP2   . G   A 1 16 ? -3.695  -3.142  -15.002 1.00 30.49 ? 16  G   A OP2   1 
ATOM   316  O  "O5'" . G   A 1 16 ? -2.321  -5.208  -15.042 1.00 29.23 ? 16  G   A "O5'" 1 
ATOM   317  C  "C5'" . G   A 1 16 ? -1.277  -6.053  -15.507 1.00 28.96 ? 16  G   A "C5'" 1 
ATOM   318  C  "C4'" . G   A 1 16 ? -1.125  -7.243  -14.597 1.00 26.54 ? 16  G   A "C4'" 1 
ATOM   319  O  "O4'" . G   A 1 16 ? -0.705  -6.825  -13.272 1.00 25.54 ? 16  G   A "O4'" 1 
ATOM   320  C  "C3'" . G   A 1 16 ? -2.379  -8.035  -14.294 1.00 25.89 ? 16  G   A "C3'" 1 
ATOM   321  O  "O3'" . G   A 1 16 ? -2.779  -8.847  -15.377 1.00 26.45 ? 16  G   A "O3'" 1 
ATOM   322  C  "C2'" . G   A 1 16 ? -1.915  -8.852  -13.103 1.00 26.14 ? 16  G   A "C2'" 1 
ATOM   323  O  "O2'" . G   A 1 16 ? -1.046  -9.909  -13.463 1.00 24.10 ? 16  G   A "O2'" 1 
ATOM   324  C  "C1'" . G   A 1 16 ? -1.155  -7.783  -12.320 1.00 25.40 ? 16  G   A "C1'" 1 
ATOM   325  N  N9    . G   A 1 16 ? -2.042  -7.117  -11.376 1.00 25.93 ? 16  G   A N9    1 
ATOM   326  C  C8    . G   A 1 16 ? -2.688  -5.914  -11.536 1.00 26.58 ? 16  G   A C8    1 
ATOM   327  N  N7    . G   A 1 16 ? -3.433  -5.595  -10.513 1.00 25.56 ? 16  G   A N7    1 
ATOM   328  C  C5    . G   A 1 16 ? -3.269  -6.654  -9.626  1.00 23.69 ? 16  G   A C5    1 
ATOM   329  C  C6    . G   A 1 16 ? -3.838  -6.882  -8.341  1.00 23.72 ? 16  G   A C6    1 
ATOM   330  O  O6    . G   A 1 16 ? -4.623  -6.165  -7.708  1.00 26.49 ? 16  G   A O6    1 
ATOM   331  N  N1    . G   A 1 16 ? -3.403  -8.087  -7.792  1.00 23.51 ? 16  G   A N1    1 
ATOM   332  C  C2    . G   A 1 16 ? -2.532  -8.960  -8.399  1.00 23.91 ? 16  G   A C2    1 
ATOM   333  N  N2    . G   A 1 16 ? -2.229  -10.075 -7.714  1.00 25.60 ? 16  G   A N2    1 
ATOM   334  N  N3    . G   A 1 16 ? -1.997  -8.757  -9.594  1.00 23.48 ? 16  G   A N3    1 
ATOM   335  C  C4    . G   A 1 16 ? -2.409  -7.595  -10.145 1.00 23.88 ? 16  G   A C4    1 
ATOM   336  P  P     . A   A 1 17 ? -4.335  -9.061  -15.655 1.00 27.17 ? 17  A   A P     1 
ATOM   337  O  OP1   . A   A 1 17 ? -4.898  -7.695  -15.852 1.00 32.26 ? 17  A   A OP1   1 
ATOM   338  O  OP2   . A   A 1 17 ? -4.885  -9.937  -14.592 1.00 33.85 ? 17  A   A OP2   1 
ATOM   339  O  "O5'" . A   A 1 17 ? -4.366  -9.827  -17.043 1.00 30.10 ? 17  A   A "O5'" 1 
ATOM   340  C  "C5'" . A   A 1 17 ? -4.604  -11.224 -17.103 1.00 23.61 ? 17  A   A "C5'" 1 
ATOM   341  C  "C4'" . A   A 1 17 ? -3.489  -11.892 -17.865 1.00 21.51 ? 17  A   A "C4'" 1 
ATOM   342  O  "O4'" . A   A 1 17 ? -3.198  -11.070 -19.021 1.00 22.56 ? 17  A   A "O4'" 1 
ATOM   343  C  "C3'" . A   A 1 17 ? -2.162  -11.973 -17.133 1.00 20.31 ? 17  A   A "C3'" 1 
ATOM   344  O  "O3'" . A   A 1 17 ? -2.143  -13.206 -16.419 1.00 19.44 ? 17  A   A "O3'" 1 
ATOM   345  C  "C2'" . A   A 1 17 ? -1.152  -12.030 -18.277 1.00 20.54 ? 17  A   A "C2'" 1 
ATOM   346  O  "O2'" . A   A 1 17 ? -0.979  -13.339 -18.779 1.00 20.72 ? 17  A   A "O2'" 1 
ATOM   347  C  "C1'" . A   A 1 17 ? -1.832  -11.181 -19.352 1.00 20.32 ? 17  A   A "C1'" 1 
ATOM   348  N  N9    . A   A 1 17 ? -1.298  -9.828  -19.525 1.00 22.24 ? 17  A   A N9    1 
ATOM   349  C  C8    . A   A 1 17 ? -1.463  -8.722  -18.725 1.00 22.72 ? 17  A   A C8    1 
ATOM   350  N  N7    . A   A 1 17 ? -0.892  -7.638  -19.201 1.00 21.47 ? 17  A   A N7    1 
ATOM   351  C  C5    . A   A 1 17 ? -0.306  -8.065  -20.382 1.00 19.84 ? 17  A   A C5    1 
ATOM   352  C  C6    . A   A 1 17 ? 0.435   -7.392  -21.366 1.00 18.50 ? 17  A   A C6    1 
ATOM   353  N  N6    . A   A 1 17 ? 0.721   -6.085  -21.308 1.00 22.43 ? 17  A   A N6    1 
ATOM   354  N  N1    . A   A 1 17 ? 0.873   -8.110  -22.423 1.00 19.60 ? 17  A   A N1    1 
ATOM   355  C  C2    . A   A 1 17 ? 0.573   -9.415  -22.485 1.00 21.18 ? 17  A   A C2    1 
ATOM   356  N  N3    . A   A 1 17 ? -0.118  -10.158 -21.626 1.00 20.79 ? 17  A   A N3    1 
ATOM   357  C  C4    . A   A 1 17 ? -0.536  -9.415  -20.586 1.00 20.08 ? 17  A   A C4    1 
ATOM   358  P  P     . A   A 1 18 ? -1.225  -13.362 -15.120 1.00 21.14 ? 18  A   A P     1 
ATOM   359  O  OP1   . A   A 1 18 ? 0.115   -12.754 -15.324 1.00 20.72 ? 18  A   A OP1   1 
ATOM   360  O  OP2   . A   A 1 18 ? -1.328  -14.809 -14.743 1.00 21.54 ? 18  A   A OP2   1 
ATOM   361  O  "O5'" . A   A 1 18 ? -1.974  -12.498 -14.011 1.00 22.05 ? 18  A   A "O5'" 1 
ATOM   362  C  "C5'" . A   A 1 18 ? -3.338  -12.754 -13.692 1.00 24.54 ? 18  A   A "C5'" 1 
ATOM   363  C  "C4'" . A   A 1 18 ? -3.431  -13.577 -12.426 1.00 27.19 ? 18  A   A "C4'" 1 
ATOM   364  O  "O4'" . A   A 1 18 ? -2.972  -12.789 -11.294 1.00 27.26 ? 18  A   A "O4'" 1 
ATOM   365  C  "C3'" . A   A 1 18 ? -4.834  -14.008 -12.037 1.00 29.31 ? 18  A   A "C3'" 1 
ATOM   366  O  "O3'" . A   A 1 18 ? -5.175  -15.216 -12.705 1.00 34.45 ? 18  A   A "O3'" 1 
ATOM   367  C  "C2'" . A   A 1 18 ? -4.679  -14.248 -10.544 1.00 29.38 ? 18  A   A "C2'" 1 
ATOM   368  O  "O2'" . A   A 1 18 ? -4.044  -15.480 -10.276 1.00 29.28 ? 18  A   A "O2'" 1 
ATOM   369  C  "C1'" . A   A 1 18 ? -3.764  -13.088 -10.154 1.00 26.84 ? 18  A   A "C1'" 1 
ATOM   370  N  N9    . A   A 1 18 ? -4.515  -11.889 -9.786  1.00 24.98 ? 18  A   A N9    1 
ATOM   371  C  C8    . A   A 1 18 ? -4.646  -10.713 -10.490 1.00 24.73 ? 18  A   A C8    1 
ATOM   372  N  N7    . A   A 1 18 ? -5.375  -9.811  -9.880  1.00 24.31 ? 18  A   A N7    1 
ATOM   373  C  C5    . A   A 1 18 ? -5.751  -10.429 -8.695  1.00 25.54 ? 18  A   A C5    1 
ATOM   374  C  C6    . A   A 1 18 ? -6.524  -9.995  -7.600  1.00 26.81 ? 18  A   A C6    1 
ATOM   375  N  N6    . A   A 1 18 ? -7.073  -8.782  -7.509  1.00 30.11 ? 18  A   A N6    1 
ATOM   376  N  N1    . A   A 1 18 ? -6.711  -10.865 -6.583  1.00 27.31 ? 18  A   A N1    1 
ATOM   377  C  C2    . A   A 1 18 ? -6.153  -12.080 -6.665  1.00 27.51 ? 18  A   A C2    1 
ATOM   378  N  N3    . A   A 1 18 ? -5.403  -12.600 -7.635  1.00 27.62 ? 18  A   A N3    1 
ATOM   379  C  C4    . A   A 1 18 ? -5.236  -11.714 -8.630  1.00 26.94 ? 18  A   A C4    1 
ATOM   380  P  P     . G   A 1 19 ? -6.653  -15.406 -13.288 1.00 38.35 ? 19  G   A P     1 
ATOM   381  O  OP1   . G   A 1 19 ? -6.648  -16.661 -14.081 1.00 41.21 ? 19  G   A OP1   1 
ATOM   382  O  OP2   . G   A 1 19 ? -7.071  -14.132 -13.931 1.00 40.13 ? 19  G   A OP2   1 
ATOM   383  O  "O5'" . G   A 1 19 ? -7.557  -15.629 -11.993 1.00 41.08 ? 19  G   A "O5'" 1 
ATOM   384  C  "C5'" . G   A 1 19 ? -7.444  -16.824 -11.228 1.00 42.68 ? 19  G   A "C5'" 1 
ATOM   385  C  "C4'" . G   A 1 19 ? -8.106  -16.656 -9.882  1.00 43.95 ? 19  G   A "C4'" 1 
ATOM   386  O  "O4'" . G   A 1 19 ? -7.470  -15.573 -9.149  1.00 43.88 ? 19  G   A "O4'" 1 
ATOM   387  C  "C3'" . G   A 1 19 ? -9.577  -16.271 -9.874  1.00 44.59 ? 19  G   A "C3'" 1 
ATOM   388  O  "O3'" . G   A 1 19 ? -10.425 -17.392 -10.107 1.00 45.02 ? 19  G   A "O3'" 1 
ATOM   389  C  "C2'" . G   A 1 19 ? -9.733  -15.739 -8.457  1.00 44.49 ? 19  G   A "C2'" 1 
ATOM   390  O  "O2'" . G   A 1 19 ? -9.850  -16.755 -7.484  1.00 45.71 ? 19  G   A "O2'" 1 
ATOM   391  C  "C1'" . G   A 1 19 ? -8.420  -14.969 -8.284  1.00 44.16 ? 19  G   A "C1'" 1 
ATOM   392  N  N9    . G   A 1 19 ? -8.586  -13.573 -8.672  1.00 43.38 ? 19  G   A N9    1 
ATOM   393  C  C8    . G   A 1 19 ? -8.096  -12.947 -9.792  1.00 42.68 ? 19  G   A C8    1 
ATOM   394  N  N7    . G   A 1 19 ? -8.461  -11.696 -9.878  1.00 42.13 ? 19  G   A N7    1 
ATOM   395  C  C5    . G   A 1 19 ? -9.229  -11.483 -8.741  1.00 41.94 ? 19  G   A C5    1 
ATOM   396  C  C6    . G   A 1 19 ? -9.906  -10.320 -8.290  1.00 42.09 ? 19  G   A C6    1 
ATOM   397  O  O6    . G   A 1 19 ? -9.965  -9.207  -8.822  1.00 40.81 ? 19  G   A O6    1 
ATOM   398  N  N1    . G   A 1 19 ? -10.565 -10.549 -7.086  1.00 42.30 ? 19  G   A N1    1 
ATOM   399  C  C2    . G   A 1 19 ? -10.574 -11.740 -6.403  1.00 42.31 ? 19  G   A C2    1 
ATOM   400  N  N2    . G   A 1 19 ? -11.267 -11.766 -5.253  1.00 43.03 ? 19  G   A N2    1 
ATOM   401  N  N3    . G   A 1 19 ? -9.948  -12.827 -6.814  1.00 42.65 ? 19  G   A N3    1 
ATOM   402  C  C4    . G   A 1 19 ? -9.304  -12.629 -7.981  1.00 42.55 ? 19  G   A C4    1 
ATOM   403  P  P     . U   A 1 20 ? -11.875 -17.169 -10.765 1.00 46.67 ? 20  U   A P     1 
ATOM   404  O  OP1   . U   A 1 20 ? -12.518 -18.501 -10.890 1.00 47.64 ? 20  U   A OP1   1 
ATOM   405  O  OP2   . U   A 1 20 ? -11.735 -16.305 -11.967 1.00 47.15 ? 20  U   A OP2   1 
ATOM   406  O  "O5'" . U   A 1 20 ? -12.672 -16.339 -9.664  1.00 45.53 ? 20  U   A "O5'" 1 
ATOM   407  C  "C5'" . U   A 1 20 ? -12.975 -16.912 -8.397  1.00 45.12 ? 20  U   A "C5'" 1 
ATOM   408  C  "C4'" . U   A 1 20 ? -13.789 -15.946 -7.571  1.00 44.23 ? 20  U   A "C4'" 1 
ATOM   409  O  "O4'" . U   A 1 20 ? -12.987 -14.787 -7.218  1.00 42.55 ? 20  U   A "O4'" 1 
ATOM   410  C  "C3'" . U   A 1 20 ? -15.021 -15.360 -8.243  1.00 44.25 ? 20  U   A "C3'" 1 
ATOM   411  O  "O3'" . U   A 1 20 ? -16.121 -16.258 -8.145  1.00 45.42 ? 20  U   A "O3'" 1 
ATOM   412  C  "C2'" . U   A 1 20 ? -15.245 -14.100 -7.417  1.00 43.66 ? 20  U   A "C2'" 1 
ATOM   413  O  "O2'" . U   A 1 20 ? -15.857 -14.362 -6.172  1.00 44.27 ? 20  U   A "O2'" 1 
ATOM   414  C  "C1'" . U   A 1 20 ? -13.805 -13.630 -7.196  1.00 42.70 ? 20  U   A "C1'" 1 
ATOM   415  N  N1    . U   A 1 20 ? -13.333 -12.717 -8.245  1.00 42.40 ? 20  U   A N1    1 
ATOM   416  C  C2    . U   A 1 20 ? -13.675 -11.383 -8.144  1.00 41.55 ? 20  U   A C2    1 
ATOM   417  O  O2    . U   A 1 20 ? -14.346 -10.937 -7.226  1.00 42.36 ? 20  U   A O2    1 
ATOM   418  N  N3    . U   A 1 20 ? -13.206 -10.587 -9.160  1.00 41.36 ? 20  U   A N3    1 
ATOM   419  C  C4    . U   A 1 20 ? -12.449 -10.985 -10.245 1.00 41.88 ? 20  U   A C4    1 
ATOM   420  O  O4    . U   A 1 20 ? -12.115 -10.155 -11.090 1.00 42.80 ? 20  U   A O4    1 
ATOM   421  C  C5    . U   A 1 20 ? -12.135 -12.380 -10.272 1.00 41.96 ? 20  U   A C5    1 
ATOM   422  C  C6    . U   A 1 20 ? -12.577 -13.176 -9.297  1.00 42.38 ? 20  U   A C6    1 
ATOM   423  P  P     . C   A 1 21 ? -17.103 -16.463 -9.404  1.00 46.41 ? 21  C   A P     1 
ATOM   424  O  OP1   . C   A 1 21 ? -17.744 -17.791 -9.223  1.00 47.17 ? 21  C   A OP1   1 
ATOM   425  O  OP2   . C   A 1 21 ? -16.371 -16.169 -10.664 1.00 46.27 ? 21  C   A OP2   1 
ATOM   426  O  "O5'" . C   A 1 21 ? -18.214 -15.338 -9.215  1.00 45.73 ? 21  C   A "O5'" 1 
ATOM   427  C  "C5'" . C   A 1 21 ? -19.112 -15.385 -8.114  1.00 44.60 ? 21  C   A "C5'" 1 
ATOM   428  C  "C4'" . C   A 1 21 ? -19.566 -13.993 -7.748  1.00 43.58 ? 21  C   A "C4'" 1 
ATOM   429  O  "O4'" . C   A 1 21 ? -18.406 -13.168 -7.445  1.00 42.76 ? 21  C   A "O4'" 1 
ATOM   430  C  "C3'" . C   A 1 21 ? -20.284 -13.200 -8.827  1.00 43.98 ? 21  C   A "C3'" 1 
ATOM   431  O  "O3'" . C   A 1 21 ? -21.653 -13.570 -8.923  1.00 47.20 ? 21  C   A "O3'" 1 
ATOM   432  C  "C2'" . C   A 1 21 ? -20.127 -11.785 -8.293  1.00 42.89 ? 21  C   A "C2'" 1 
ATOM   433  O  "O2'" . C   A 1 21 ? -20.992 -11.510 -7.209  1.00 43.68 ? 21  C   A "O2'" 1 
ATOM   434  C  "C1'" . C   A 1 21 ? -18.675 -11.820 -7.811  1.00 42.22 ? 21  C   A "C1'" 1 
ATOM   435  N  N1    . C   A 1 21 ? -17.738 -11.428 -8.874  1.00 39.22 ? 21  C   A N1    1 
ATOM   436  C  C2    . C   A 1 21 ? -17.526 -10.067 -9.109  1.00 39.37 ? 21  C   A C2    1 
ATOM   437  O  O2    . C   A 1 21 ? -18.120 -9.238  -8.404  1.00 39.41 ? 21  C   A O2    1 
ATOM   438  N  N3    . C   A 1 21 ? -16.685 -9.689  -10.099 1.00 38.84 ? 21  C   A N3    1 
ATOM   439  C  C4    . C   A 1 21 ? -16.069 -10.611 -10.840 1.00 38.53 ? 21  C   A C4    1 
ATOM   440  N  N4    . C   A 1 21 ? -15.257 -10.190 -11.814 1.00 38.08 ? 21  C   A N4    1 
ATOM   441  C  C5    . C   A 1 21 ? -16.260 -12.009 -10.616 1.00 38.23 ? 21  C   A C5    1 
ATOM   442  C  C6    . C   A 1 21 ? -17.093 -12.369 -9.631  1.00 39.60 ? 21  C   A C6    1 
ATOM   443  P  P     . G   A 1 22 ? -22.458 -13.296 -10.288 1.00 48.54 ? 22  G   A P     1 
ATOM   444  O  OP1   . G   A 1 22 ? -23.829 -13.839 -10.101 1.00 48.73 ? 22  G   A OP1   1 
ATOM   445  O  OP2   . G   A 1 22 ? -21.636 -13.764 -11.431 1.00 48.34 ? 22  G   A OP2   1 
ATOM   446  O  "O5'" . G   A 1 22 ? -22.567 -11.708 -10.364 1.00 48.44 ? 22  G   A "O5'" 1 
ATOM   447  C  "C5'" . G   A 1 22 ? -23.313 -10.985 -9.390  1.00 49.14 ? 22  G   A "C5'" 1 
ATOM   448  C  "C4'" . G   A 1 22 ? -23.144 -9.498  -9.593  1.00 49.25 ? 22  G   A "C4'" 1 
ATOM   449  O  "O4'" . G   A 1 22 ? -21.742 -9.146  -9.478  1.00 49.20 ? 22  G   A "O4'" 1 
ATOM   450  C  "C3'" . G   A 1 22 ? -23.514 -8.951  -10.962 1.00 49.92 ? 22  G   A "C3'" 1 
ATOM   451  O  "O3'" . G   A 1 22 ? -24.917 -8.776  -11.100 1.00 50.92 ? 22  G   A "O3'" 1 
ATOM   452  C  "C2'" . G   A 1 22 ? -22.787 -7.614  -10.962 1.00 49.40 ? 22  G   A "C2'" 1 
ATOM   453  O  "O2'" . G   A 1 22 ? -23.465 -6.601  -10.251 1.00 49.39 ? 22  G   A "O2'" 1 
ATOM   454  C  "C1'" . G   A 1 22 ? -21.486 -7.981  -10.246 1.00 48.71 ? 22  G   A "C1'" 1 
ATOM   455  N  N9    . G   A 1 22 ? -20.410 -8.270  -11.185 1.00 48.26 ? 22  G   A N9    1 
ATOM   456  C  C8    . G   A 1 22 ? -19.900 -9.500  -11.524 1.00 47.48 ? 22  G   A C8    1 
ATOM   457  N  N7    . G   A 1 22 ? -18.940 -9.429  -12.405 1.00 47.43 ? 22  G   A N7    1 
ATOM   458  C  C5    . G   A 1 22 ? -18.808 -8.070  -12.660 1.00 47.23 ? 22  G   A C5    1 
ATOM   459  C  C6    . G   A 1 22 ? -17.924 -7.377  -13.530 1.00 47.20 ? 22  G   A C6    1 
ATOM   460  O  O6    . G   A 1 22 ? -17.047 -7.839  -14.268 1.00 46.83 ? 22  G   A O6    1 
ATOM   461  N  N1    . G   A 1 22 ? -18.134 -6.002  -13.481 1.00 46.79 ? 22  G   A N1    1 
ATOM   462  C  C2    . G   A 1 22 ? -19.069 -5.374  -12.699 1.00 47.27 ? 22  G   A C2    1 
ATOM   463  N  N2    . G   A 1 22 ? -19.119 -4.038  -12.794 1.00 47.21 ? 22  G   A N2    1 
ATOM   464  N  N3    . G   A 1 22 ? -19.895 -6.007  -11.883 1.00 47.60 ? 22  G   A N3    1 
ATOM   465  C  C4    . G   A 1 22 ? -19.709 -7.344  -11.915 1.00 47.54 ? 22  G   A C4    1 
ATOM   466  P  P     . C   A 1 23 ? -25.569 -8.764  -12.568 1.00 51.69 ? 23  C   A P     1 
ATOM   467  O  OP1   . C   A 1 23 ? -27.043 -8.720  -12.388 1.00 52.40 ? 23  C   A OP1   1 
ATOM   468  O  OP2   . C   A 1 23 ? -24.958 -9.868  -13.351 1.00 51.79 ? 23  C   A OP2   1 
ATOM   469  O  "O5'" . C   A 1 23 ? -25.092 -7.378  -13.194 1.00 50.55 ? 23  C   A "O5'" 1 
ATOM   470  C  "C5'" . C   A 1 23 ? -25.534 -6.137  -12.645 1.00 49.83 ? 23  C   A "C5'" 1 
ATOM   471  C  "C4'" . C   A 1 23 ? -24.915 -4.977  -13.392 1.00 49.15 ? 23  C   A "C4'" 1 
ATOM   472  O  "O4'" . C   A 1 23 ? -23.473 -5.000  -13.233 1.00 48.51 ? 23  C   A "O4'" 1 
ATOM   473  C  "C3'" . C   A 1 23 ? -25.106 -4.955  -14.901 1.00 49.09 ? 23  C   A "C3'" 1 
ATOM   474  O  "O3'" . C   A 1 23 ? -26.409 -4.597  -15.374 1.00 49.88 ? 23  C   A "O3'" 1 
ATOM   475  C  "C2'" . C   A 1 23 ? -23.981 -4.028  -15.342 1.00 48.46 ? 23  C   A "C2'" 1 
ATOM   476  O  "O2'" . C   A 1 23 ? -24.291 -2.663  -15.149 1.00 49.78 ? 23  C   A "O2'" 1 
ATOM   477  C  "C1'" . C   A 1 23 ? -22.858 -4.450  -14.389 1.00 47.16 ? 23  C   A "C1'" 1 
ATOM   478  N  N1    . C   A 1 23 ? -21.959 -5.466  -14.956 1.00 44.85 ? 23  C   A N1    1 
ATOM   479  C  C2    . C   A 1 23 ? -20.946 -5.058  -15.830 1.00 44.19 ? 23  C   A C2    1 
ATOM   480  O  O2    . C   A 1 23 ? -20.845 -3.852  -16.111 1.00 41.46 ? 23  C   A O2    1 
ATOM   481  N  N3    . C   A 1 23 ? -20.105 -5.987  -16.345 1.00 43.40 ? 23  C   A N3    1 
ATOM   482  C  C4    . C   A 1 23 ? -20.252 -7.274  -16.021 1.00 43.73 ? 23  C   A C4    1 
ATOM   483  N  N4    . C   A 1 23 ? -19.400 -8.154  -16.551 1.00 44.19 ? 23  C   A N4    1 
ATOM   484  C  C5    . C   A 1 23 ? -21.280 -7.717  -15.139 1.00 43.86 ? 23  C   A C5    1 
ATOM   485  C  C6    . C   A 1 23 ? -22.103 -6.789  -14.634 1.00 44.79 ? 23  C   A C6    1 
ATOM   486  O  "O5'" . U   B 1 1  ? -14.601 -12.513 -22.383 1.00 48.71 ? 24  U   B "O5'" 1 
ATOM   487  C  "C5'" . U   B 1 1  ? -13.706 -13.441 -22.997 1.00 48.07 ? 24  U   B "C5'" 1 
ATOM   488  C  "C4'" . U   B 1 1  ? -13.115 -12.901 -24.275 1.00 47.74 ? 24  U   B "C4'" 1 
ATOM   489  O  "O4'" . U   B 1 1  ? -14.154 -12.733 -25.276 1.00 47.83 ? 24  U   B "O4'" 1 
ATOM   490  C  "C3'" . U   B 1 1  ? -12.483 -11.524 -24.177 1.00 48.41 ? 24  U   B "C3'" 1 
ATOM   491  O  "O3'" . U   B 1 1  ? -11.165 -11.603 -23.651 1.00 48.84 ? 24  U   B "O3'" 1 
ATOM   492  C  "C2'" . U   B 1 1  ? -12.490 -11.078 -25.633 1.00 48.10 ? 24  U   B "C2'" 1 
ATOM   493  O  "O2'" . U   B 1 1  ? -11.437 -11.632 -26.395 1.00 49.63 ? 24  U   B "O2'" 1 
ATOM   494  C  "C1'" . U   B 1 1  ? -13.838 -11.628 -26.109 1.00 48.04 ? 24  U   B "C1'" 1 
ATOM   495  N  N1    . U   B 1 1  ? -14.914 -10.633 -25.993 1.00 47.23 ? 24  U   B N1    1 
ATOM   496  C  C2    . U   B 1 1  ? -14.995 -9.665  -26.974 1.00 46.82 ? 24  U   B C2    1 
ATOM   497  O  O2    . U   B 1 1  ? -14.242 -9.627  -27.932 1.00 47.54 ? 24  U   B O2    1 
ATOM   498  N  N3    . U   B 1 1  ? -15.996 -8.744  -26.795 1.00 47.06 ? 24  U   B N3    1 
ATOM   499  C  C4    . U   B 1 1  ? -16.907 -8.699  -25.764 1.00 46.65 ? 24  U   B C4    1 
ATOM   500  O  O4    . U   B 1 1  ? -17.737 -7.788  -25.732 1.00 47.42 ? 24  U   B O4    1 
ATOM   501  C  C5    . U   B 1 1  ? -16.768 -9.745  -24.797 1.00 46.92 ? 24  U   B C5    1 
ATOM   502  C  C6    . U   B 1 1  ? -15.799 -10.655 -24.942 1.00 47.10 ? 24  U   B C6    1 
ATOM   503  P  P     . U   B 1 2  ? -10.782 -10.751 -22.345 1.00 48.34 ? 25  U   B P     1 
ATOM   504  O  OP1   . U   B 1 2  ? -9.318  -10.906 -22.125 1.00 50.03 ? 25  U   B OP1   1 
ATOM   505  O  OP2   . U   B 1 2  ? -11.729 -11.122 -21.261 1.00 48.91 ? 25  U   B OP2   1 
ATOM   506  O  "O5'" . U   B 1 2  ? -11.054 -9.242  -22.781 1.00 46.74 ? 25  U   B "O5'" 1 
ATOM   507  C  "C5'" . U   B 1 2  ? -10.308 -8.648  -23.841 1.00 43.96 ? 25  U   B "C5'" 1 
ATOM   508  C  "C4'" . U   B 1 2  ? -10.967 -7.368  -24.302 1.00 43.67 ? 25  U   B "C4'" 1 
ATOM   509  O  "O4'" . U   B 1 2  ? -12.270 -7.645  -24.894 1.00 41.18 ? 25  U   B "O4'" 1 
ATOM   510  C  "C3'" . U   B 1 2  ? -11.271 -6.325  -23.239 1.00 43.05 ? 25  U   B "C3'" 1 
ATOM   511  O  "O3'" . U   B 1 2  ? -10.124 -5.561  -22.888 1.00 43.75 ? 25  U   B "O3'" 1 
ATOM   512  C  "C2'" . U   B 1 2  ? -12.311 -5.477  -23.956 1.00 41.43 ? 25  U   B "C2'" 1 
ATOM   513  O  "O2'" . U   B 1 2  ? -11.750 -4.633  -24.941 1.00 41.16 ? 25  U   B "O2'" 1 
ATOM   514  C  "C1'" . U   B 1 2  ? -13.158 -6.571  -24.609 1.00 40.58 ? 25  U   B "C1'" 1 
ATOM   515  N  N1    . U   B 1 2  ? -14.196 -7.057  -23.690 1.00 37.59 ? 25  U   B N1    1 
ATOM   516  C  C2    . U   B 1 2  ? -15.355 -6.310  -23.574 1.00 36.00 ? 25  U   B C2    1 
ATOM   517  O  O2    . U   B 1 2  ? -15.553 -5.293  -24.218 1.00 36.16 ? 25  U   B O2    1 
ATOM   518  N  N3    . U   B 1 2  ? -16.270 -6.798  -22.678 1.00 34.45 ? 25  U   B N3    1 
ATOM   519  C  C4    . U   B 1 2  ? -16.150 -7.936  -21.906 1.00 33.95 ? 25  U   B C4    1 
ATOM   520  O  O4    . U   B 1 2  ? -17.045 -8.230  -21.116 1.00 33.23 ? 25  U   B O4    1 
ATOM   521  C  C5    . U   B 1 2  ? -14.931 -8.659  -22.094 1.00 35.11 ? 25  U   B C5    1 
ATOM   522  C  C6    . U   B 1 2  ? -14.019 -8.207  -22.959 1.00 36.13 ? 25  U   B C6    1 
ATOM   523  P  P     . G   B 1 3  ? -9.989  -4.988  -21.393 1.00 44.21 ? 26  G   B P     1 
ATOM   524  O  OP1   . G   B 1 3  ? -8.763  -4.150  -21.334 1.00 45.27 ? 26  G   B OP1   1 
ATOM   525  O  OP2   . G   B 1 3  ? -10.145 -6.129  -20.456 1.00 44.68 ? 26  G   B OP2   1 
ATOM   526  O  "O5'" . G   B 1 3  ? -11.255 -4.038  -21.225 1.00 44.06 ? 26  G   B "O5'" 1 
ATOM   527  C  "C5'" . G   B 1 3  ? -11.371 -2.839  -21.983 1.00 44.26 ? 26  G   B "C5'" 1 
ATOM   528  C  "C4'" . G   B 1 3  ? -12.602 -2.075  -21.562 1.00 43.39 ? 26  G   B "C4'" 1 
ATOM   529  O  "O4'" . G   B 1 3  ? -13.797 -2.810  -21.941 1.00 42.90 ? 26  G   B "O4'" 1 
ATOM   530  C  "C3'" . G   B 1 3  ? -12.758 -1.851  -20.068 1.00 43.29 ? 26  G   B "C3'" 1 
ATOM   531  O  "O3'" . G   B 1 3  ? -12.025 -0.709  -19.655 1.00 43.05 ? 26  G   B "O3'" 1 
ATOM   532  C  "C2'" . G   B 1 3  ? -14.256 -1.616  -19.946 1.00 42.34 ? 26  G   B "C2'" 1 
ATOM   533  O  "O2'" . G   B 1 3  ? -14.635 -0.307  -20.315 1.00 44.75 ? 26  G   B "O2'" 1 
ATOM   534  C  "C1'" . G   B 1 3  ? -14.801 -2.627  -20.954 1.00 42.14 ? 26  G   B "C1'" 1 
ATOM   535  N  N9    . G   B 1 3  ? -15.080 -3.920  -20.342 1.00 39.38 ? 26  G   B N9    1 
ATOM   536  C  C8    . G   B 1 3  ? -14.320 -5.061  -20.431 1.00 39.72 ? 26  G   B C8    1 
ATOM   537  N  N7    . G   B 1 3  ? -14.824 -6.064  -19.764 1.00 38.74 ? 26  G   B N7    1 
ATOM   538  C  C5    . G   B 1 3  ? -15.988 -5.555  -19.206 1.00 38.11 ? 26  G   B C5    1 
ATOM   539  C  C6    . G   B 1 3  ? -16.957 -6.176  -18.373 1.00 37.86 ? 26  G   B C6    1 
ATOM   540  O  O6    . G   B 1 3  ? -16.985 -7.341  -17.956 1.00 39.59 ? 26  G   B O6    1 
ATOM   541  N  N1    . G   B 1 3  ? -17.974 -5.293  -18.028 1.00 37.56 ? 26  G   B N1    1 
ATOM   542  C  C2    . G   B 1 3  ? -18.054 -3.985  -18.432 1.00 36.28 ? 26  G   B C2    1 
ATOM   543  N  N2    . G   B 1 3  ? -19.117 -3.297  -17.987 1.00 35.73 ? 26  G   B N2    1 
ATOM   544  N  N3    . G   B 1 3  ? -17.160 -3.394  -19.209 1.00 36.41 ? 26  G   B N3    1 
ATOM   545  C  C4    . G   B 1 3  ? -16.161 -4.233  -19.554 1.00 38.45 ? 26  G   B C4    1 
ATOM   546  P  P     . C   B 1 4  ? -11.497 -0.609  -18.141 1.00 43.20 ? 27  C   B P     1 
ATOM   547  O  OP1   . C   B 1 4  ? -10.676 0.628   -18.057 1.00 43.45 ? 27  C   B OP1   1 
ATOM   548  O  OP2   . C   B 1 4  ? -10.896 -1.919  -17.768 1.00 42.59 ? 27  C   B OP2   1 
ATOM   549  O  "O5'" . C   B 1 4  ? -12.818 -0.391  -17.280 1.00 43.04 ? 27  C   B "O5'" 1 
ATOM   550  C  "C5'" . C   B 1 4  ? -13.498 0.858   -17.305 1.00 42.98 ? 27  C   B "C5'" 1 
ATOM   551  C  "C4'" . C   B 1 4  ? -14.764 0.785   -16.488 1.00 42.95 ? 27  C   B "C4'" 1 
ATOM   552  O  "O4'" . C   B 1 4  ? -15.682 -0.186  -17.065 1.00 43.56 ? 27  C   B "O4'" 1 
ATOM   553  C  "C3'" . C   B 1 4  ? -14.619 0.312   -15.055 1.00 42.93 ? 27  C   B "C3'" 1 
ATOM   554  O  "O3'" . C   B 1 4  ? -14.135 1.341   -14.207 1.00 43.33 ? 27  C   B "O3'" 1 
ATOM   555  C  "C2'" . C   B 1 4  ? -16.054 -0.075  -14.741 1.00 42.86 ? 27  C   B "C2'" 1 
ATOM   556  O  "O2'" . C   B 1 4  ? -16.897 1.049   -14.577 1.00 43.68 ? 27  C   B "O2'" 1 
ATOM   557  C  "C1'" . C   B 1 4  ? -16.420 -0.820  -16.025 1.00 42.70 ? 27  C   B "C1'" 1 
ATOM   558  N  N1    . C   B 1 4  ? -16.014 -2.232  -15.961 1.00 40.92 ? 27  C   B N1    1 
ATOM   559  C  C2    . C   B 1 4  ? -16.807 -3.127  -15.236 1.00 40.24 ? 27  C   B C2    1 
ATOM   560  O  O2    . C   B 1 4  ? -17.843 -2.708  -14.696 1.00 40.21 ? 27  C   B O2    1 
ATOM   561  N  N3    . C   B 1 4  ? -16.427 -4.422  -15.142 1.00 41.06 ? 27  C   B N3    1 
ATOM   562  C  C4    . C   B 1 4  ? -15.310 -4.834  -15.742 1.00 40.45 ? 27  C   B C4    1 
ATOM   563  N  N4    . C   B 1 4  ? -14.967 -6.117  -15.614 1.00 40.92 ? 27  C   B N4    1 
ATOM   564  C  C5    . C   B 1 4  ? -14.491 -3.946  -16.501 1.00 40.92 ? 27  C   B C5    1 
ATOM   565  C  C6    . C   B 1 4  ? -14.878 -2.667  -16.585 1.00 40.42 ? 27  C   B C6    1 
ATOM   566  P  P     . G   B 1 5  ? -13.226 0.958   -12.939 1.00 42.54 ? 28  G   B P     1 
ATOM   567  O  OP1   . G   B 1 5  ? -12.665 2.230   -12.410 1.00 41.82 ? 28  G   B OP1   1 
ATOM   568  O  OP2   . G   B 1 5  ? -12.308 -0.140  -13.336 1.00 41.36 ? 28  G   B OP2   1 
ATOM   569  O  "O5'" . G   B 1 5  ? -14.264 0.380   -11.877 1.00 41.73 ? 28  G   B "O5'" 1 
ATOM   570  C  "C5'" . G   B 1 5  ? -15.253 1.219   -11.295 1.00 43.71 ? 28  G   B "C5'" 1 
ATOM   571  C  "C4'" . G   B 1 5  ? -16.257 0.395   -10.521 1.00 45.07 ? 28  G   B "C4'" 1 
ATOM   572  O  "O4'" . G   B 1 5  ? -16.891 -0.573  -11.404 1.00 44.77 ? 28  G   B "O4'" 1 
ATOM   573  C  "C3'" . G   B 1 5  ? -15.717 -0.469  -9.393  1.00 46.00 ? 28  G   B "C3'" 1 
ATOM   574  O  "O3'" . G   B 1 5  ? -15.489 0.290   -8.211  1.00 47.93 ? 28  G   B "O3'" 1 
ATOM   575  C  "C2'" . G   B 1 5  ? -16.862 -1.453  -9.212  1.00 45.32 ? 28  G   B "C2'" 1 
ATOM   576  O  "O2'" . G   B 1 5  ? -17.975 -0.885  -8.553  1.00 45.37 ? 28  G   B "O2'" 1 
ATOM   577  C  "C1'" . G   B 1 5  ? -17.220 -1.744  -10.668 1.00 43.99 ? 28  G   B "C1'" 1 
ATOM   578  N  N9    . G   B 1 5  ? -16.448 -2.864  -11.199 1.00 42.99 ? 28  G   B N9    1 
ATOM   579  C  C8    . G   B 1 5  ? -15.440 -2.816  -12.133 1.00 41.91 ? 28  G   B C8    1 
ATOM   580  N  N7    . G   B 1 5  ? -14.930 -3.990  -12.396 1.00 41.79 ? 28  G   B N7    1 
ATOM   581  C  C5    . G   B 1 5  ? -15.647 -4.865  -11.588 1.00 42.16 ? 28  G   B C5    1 
ATOM   582  C  C6    . G   B 1 5  ? -15.540 -6.275  -11.431 1.00 41.88 ? 28  G   B C6    1 
ATOM   583  O  O6    . G   B 1 5  ? -14.765 -7.059  -11.992 1.00 42.46 ? 28  G   B O6    1 
ATOM   584  N  N1    . G   B 1 5  ? -16.459 -6.758  -10.505 1.00 41.92 ? 28  G   B N1    1 
ATOM   585  C  C2    . G   B 1 5  ? -17.364 -5.989  -9.817  1.00 42.37 ? 28  G   B C2    1 
ATOM   586  N  N2    . G   B 1 5  ? -18.169 -6.640  -8.967  1.00 42.60 ? 28  G   B N2    1 
ATOM   587  N  N3    . G   B 1 5  ? -17.473 -4.675  -9.953  1.00 43.05 ? 28  G   B N3    1 
ATOM   588  C  C4    . G   B 1 5  ? -16.589 -4.185  -10.847 1.00 42.31 ? 28  G   B C4    1 
ATOM   589  P  P     . U   B 1 6  ? -14.426 -0.233  -7.122  1.00 48.45 ? 29  U   B P     1 
ATOM   590  O  OP1   . U   B 1 6  ? -14.297 0.838   -6.097  1.00 49.11 ? 29  U   B OP1   1 
ATOM   591  O  OP2   . U   B 1 6  ? -13.215 -0.713  -7.836  1.00 48.06 ? 29  U   B OP2   1 
ATOM   592  O  "O5'" . U   B 1 6  ? -15.145 -1.489  -6.455  1.00 46.71 ? 29  U   B "O5'" 1 
ATOM   593  C  "C5'" . U   B 1 6  ? -16.393 -1.341  -5.789  1.00 45.61 ? 29  U   B "C5'" 1 
ATOM   594  C  "C4'" . U   B 1 6  ? -16.857 -2.666  -5.236  1.00 44.93 ? 29  U   B "C4'" 1 
ATOM   595  O  "O4'" . U   B 1 6  ? -17.158 -3.587  -6.316  1.00 44.90 ? 29  U   B "O4'" 1 
ATOM   596  C  "C3'" . U   B 1 6  ? -15.850 -3.438  -4.405  1.00 44.88 ? 29  U   B "C3'" 1 
ATOM   597  O  "O3'" . U   B 1 6  ? -15.722 -2.905  -3.093  1.00 44.69 ? 29  U   B "O3'" 1 
ATOM   598  C  "C2'" . U   B 1 6  ? -16.458 -4.835  -4.420  1.00 44.51 ? 29  U   B "C2'" 1 
ATOM   599  O  "O2'" . U   B 1 6  ? -17.540 -4.993  -3.527  1.00 44.14 ? 29  U   B "O2'" 1 
ATOM   600  C  "C1'" . U   B 1 6  ? -16.959 -4.921  -5.863  1.00 44.32 ? 29  U   B "C1'" 1 
ATOM   601  N  N1    . U   B 1 6  ? -15.990 -5.579  -6.750  1.00 43.34 ? 29  U   B N1    1 
ATOM   602  C  C2    . U   B 1 6  ? -15.977 -6.960  -6.759  1.00 42.64 ? 29  U   B C2    1 
ATOM   603  O  O2    . U   B 1 6  ? -16.725 -7.632  -6.070  1.00 43.86 ? 29  U   B O2    1 
ATOM   604  N  N3    . U   B 1 6  ? -15.054 -7.526  -7.603  1.00 42.19 ? 29  U   B N3    1 
ATOM   605  C  C4    . U   B 1 6  ? -14.159 -6.866  -8.416  1.00 42.04 ? 29  U   B C4    1 
ATOM   606  O  O4    . U   B 1 6  ? -13.395 -7.521  -9.125  1.00 42.70 ? 29  U   B O4    1 
ATOM   607  C  C5    . U   B 1 6  ? -14.228 -5.437  -8.348  1.00 41.93 ? 29  U   B C5    1 
ATOM   608  C  C6    . U   B 1 6  ? -15.122 -4.856  -7.538  1.00 42.22 ? 29  U   B C6    1 
ATOM   609  P  P     . C   B 1 7  ? -14.291 -2.948  -2.354  1.00 44.39 ? 30  C   B P     1 
ATOM   610  O  OP1   . C   B 1 7  ? -14.443 -2.207  -1.076  1.00 45.81 ? 30  C   B OP1   1 
ATOM   611  O  OP2   . C   B 1 7  ? -13.238 -2.536  -3.319  1.00 44.59 ? 30  C   B OP2   1 
ATOM   612  O  "O5'" . C   B 1 7  ? -14.090 -4.491  -2.018  1.00 42.07 ? 30  C   B "O5'" 1 
ATOM   613  C  "C5'" . C   B 1 7  ? -15.045 -5.188  -1.226  1.00 41.39 ? 30  C   B "C5'" 1 
ATOM   614  C  "C4'" . C   B 1 7  ? -14.882 -6.675  -1.399  1.00 40.51 ? 30  C   B "C4'" 1 
ATOM   615  O  "O4'" . C   B 1 7  ? -15.080 -7.017  -2.796  1.00 39.90 ? 30  C   B "O4'" 1 
ATOM   616  C  "C3'" . C   B 1 7  ? -13.504 -7.235  -1.076  1.00 39.56 ? 30  C   B "C3'" 1 
ATOM   617  O  "O3'" . C   B 1 7  ? -13.395 -7.507  0.313   1.00 37.54 ? 30  C   B "O3'" 1 
ATOM   618  C  "C2'" . C   B 1 7  ? -13.501 -8.533  -1.872  1.00 39.51 ? 30  C   B "C2'" 1 
ATOM   619  O  "O2'" . C   B 1 7  ? -14.190 -9.585  -1.223  1.00 40.05 ? 30  C   B "O2'" 1 
ATOM   620  C  "C1'" . C   B 1 7  ? -14.237 -8.106  -3.141  1.00 39.05 ? 30  C   B "C1'" 1 
ATOM   621  N  N1    . C   B 1 7  ? -13.327 -7.666  -4.209  1.00 37.18 ? 30  C   B N1    1 
ATOM   622  C  C2    . C   B 1 7  ? -12.649 -8.639  -4.942  1.00 36.00 ? 30  C   B C2    1 
ATOM   623  O  O2    . C   B 1 7  ? -12.825 -9.829  -4.653  1.00 37.54 ? 30  C   B O2    1 
ATOM   624  N  N3    . C   B 1 7  ? -11.822 -8.259  -5.942  1.00 35.56 ? 30  C   B N3    1 
ATOM   625  C  C4    . C   B 1 7  ? -11.660 -6.962  -6.216  1.00 36.03 ? 30  C   B C4    1 
ATOM   626  N  N4    . C   B 1 7  ? -10.843 -6.631  -7.220  1.00 36.88 ? 30  C   B N4    1 
ATOM   627  C  C5    . C   B 1 7  ? -12.331 -5.945  -5.473  1.00 36.27 ? 30  C   B C5    1 
ATOM   628  C  C6    . C   B 1 7  ? -13.148 -6.340  -4.486  1.00 35.45 ? 30  C   B C6    1 
ATOM   629  P  P     . C   B 1 8  ? -12.008 -7.229  1.071   1.00 35.20 ? 31  C   B P     1 
ATOM   630  O  OP1   . C   B 1 8  ? -12.246 -7.492  2.513   1.00 36.09 ? 31  C   B OP1   1 
ATOM   631  O  OP2   . C   B 1 8  ? -11.474 -5.909  0.642   1.00 33.78 ? 31  C   B OP2   1 
ATOM   632  O  "O5'" . C   B 1 8  ? -11.021 -8.355  0.525   1.00 34.96 ? 31  C   B "O5'" 1 
ATOM   633  C  "C5'" . C   B 1 8  ? -11.212 -9.725  0.855   1.00 33.93 ? 31  C   B "C5'" 1 
ATOM   634  C  "C4'" . C   B 1 8  ? -10.384 -10.603 -0.059  1.00 32.81 ? 31  C   B "C4'" 1 
ATOM   635  O  "O4'" . C   B 1 8  ? -10.791 -10.379 -1.439  1.00 32.64 ? 31  C   B "O4'" 1 
ATOM   636  C  "C3'" . C   B 1 8  ? -8.890  -10.318 -0.096  1.00 32.99 ? 31  C   B "C3'" 1 
ATOM   637  O  "O3'" . C   B 1 8  ? -8.205  -10.911 1.000   1.00 33.85 ? 31  C   B "O3'" 1 
ATOM   638  C  "C2'" . C   B 1 8  ? -8.492  -10.961 -1.416  1.00 30.54 ? 31  C   B "C2'" 1 
ATOM   639  O  "O2'" . C   B 1 8  ? -8.383  -12.368 -1.345  1.00 30.73 ? 31  C   B "O2'" 1 
ATOM   640  C  "C1'" . C   B 1 8  ? -9.675  -10.566 -2.300  1.00 30.77 ? 31  C   B "C1'" 1 
ATOM   641  N  N1    . C   B 1 8  ? -9.421  -9.314  -3.032  1.00 29.45 ? 31  C   B N1    1 
ATOM   642  C  C2    . C   B 1 8  ? -8.647  -9.370  -4.198  1.00 27.76 ? 31  C   B C2    1 
ATOM   643  O  O2    . C   B 1 8  ? -8.207  -10.463 -4.566  1.00 29.14 ? 31  C   B O2    1 
ATOM   644  N  N3    . C   B 1 8  ? -8.398  -8.236  -4.884  1.00 26.75 ? 31  C   B N3    1 
ATOM   645  C  C4    . C   B 1 8  ? -8.880  -7.074  -4.444  1.00 27.84 ? 31  C   B C4    1 
ATOM   646  N  N4    . C   B 1 8  ? -8.606  -5.976  -5.153  1.00 28.74 ? 31  C   B N4    1 
ATOM   647  C  C5    . C   B 1 8  ? -9.668  -6.984  -3.257  1.00 28.66 ? 31  C   B C5    1 
ATOM   648  C  C6    . C   B 1 8  ? -9.915  -8.119  -2.591  1.00 29.12 ? 31  C   B C6    1 
ATOM   649  P  P     . C   B 1 9  ? -6.806  -10.283 1.500   1.00 35.19 ? 32  C   B P     1 
ATOM   650  O  OP1   . C   B 1 9  ? -6.471  -10.941 2.786   1.00 35.41 ? 32  C   B OP1   1 
ATOM   651  O  OP2   . C   B 1 9  ? -6.872  -8.806  1.425   1.00 32.30 ? 32  C   B OP2   1 
ATOM   652  O  "O5'" . C   B 1 9  ? -5.749  -10.788 0.419   1.00 32.74 ? 32  C   B "O5'" 1 
ATOM   653  C  "C5'" . C   B 1 9  ? -5.373  -12.159 0.369   1.00 33.02 ? 32  C   B "C5'" 1 
ATOM   654  C  "C4'" . C   B 1 9  ? -4.530  -12.430 -0.853  1.00 33.68 ? 32  C   B "C4'" 1 
ATOM   655  O  "O4'" . C   B 1 9  ? -5.282  -12.098 -2.051  1.00 33.01 ? 32  C   B "O4'" 1 
ATOM   656  C  "C3'" . C   B 1 9  ? -3.273  -11.598 -1.012  1.00 35.02 ? 32  C   B "C3'" 1 
ATOM   657  O  "O3'" . C   B 1 9  ? -2.216  -12.058 -0.187  1.00 35.71 ? 32  C   B "O3'" 1 
ATOM   658  C  "C2'" . C   B 1 9  ? -2.968  -11.806 -2.486  1.00 34.13 ? 32  C   B "C2'" 1 
ATOM   659  O  "O2'" . C   B 1 9  ? -2.410  -13.073 -2.757  1.00 33.46 ? 32  C   B "O2'" 1 
ATOM   660  C  "C1'" . C   B 1 9  ? -4.373  -11.731 -3.081  1.00 32.56 ? 32  C   B "C1'" 1 
ATOM   661  N  N1    . C   B 1 9  ? -4.684  -10.369 -3.525  1.00 30.36 ? 32  C   B N1    1 
ATOM   662  C  C2    . C   B 1 9  ? -4.310  -9.999  -4.812  1.00 29.58 ? 32  C   B C2    1 
ATOM   663  O  O2    . C   B 1 9  ? -3.727  -10.831 -5.520  1.00 30.01 ? 32  C   B O2    1 
ATOM   664  N  N3    . C   B 1 9  ? -4.584  -8.749  -5.249  1.00 26.83 ? 32  C   B N3    1 
ATOM   665  C  C4    . C   B 1 9  ? -5.185  -7.879  -4.437  1.00 26.90 ? 32  C   B C4    1 
ATOM   666  N  N4    . C   B 1 9  ? -5.411  -6.646  -4.899  1.00 25.07 ? 32  C   B N4    1 
ATOM   667  C  C5    . C   B 1 9  ? -5.575  -8.230  -3.111  1.00 26.90 ? 32  C   B C5    1 
ATOM   668  C  C6    . C   B 1 9  ? -5.311  -9.475  -2.701  1.00 28.73 ? 32  C   B C6    1 
ATOM   669  P  P     . G   B 1 10 ? -1.210  -10.993 0.467   1.00 38.30 ? 33  G   B P     1 
ATOM   670  O  OP1   . G   B 1 10 ? -0.431  -11.698 1.517   1.00 39.40 ? 33  G   B OP1   1 
ATOM   671  O  OP2   . G   B 1 10 ? -1.986  -9.775  0.819   1.00 40.01 ? 33  G   B OP2   1 
ATOM   672  O  "O5'" . G   B 1 10 ? -0.227  -10.588 -0.721  1.00 39.25 ? 33  G   B "O5'" 1 
ATOM   673  C  "C5'" . G   B 1 10 ? 0.647   -11.547 -1.301  1.00 39.95 ? 33  G   B "C5'" 1 
ATOM   674  C  "C4'" . G   B 1 10 ? 1.167   -11.051 -2.629  1.00 39.01 ? 33  G   B "C4'" 1 
ATOM   675  O  "O4'" . G   B 1 10 ? 0.046   -10.736 -3.495  1.00 39.50 ? 33  G   B "O4'" 1 
ATOM   676  C  "C3'" . G   B 1 10 ? 1.961   -9.753  -2.643  1.00 39.50 ? 33  G   B "C3'" 1 
ATOM   677  O  "O3'" . G   B 1 10 ? 3.314   -9.952  -2.226  1.00 39.61 ? 33  G   B "O3'" 1 
ATOM   678  C  "C2'" . G   B 1 10 ? 1.902   -9.393  -4.124  1.00 38.72 ? 33  G   B "C2'" 1 
ATOM   679  O  "O2'" . G   B 1 10 ? 2.822   -10.139 -4.893  1.00 38.47 ? 33  G   B "O2'" 1 
ATOM   680  C  "C1'" . G   B 1 10 ? 0.470   -9.807  -4.481  1.00 37.23 ? 33  G   B "C1'" 1 
ATOM   681  N  N9    . G   B 1 10 ? -0.452  -8.674  -4.501  1.00 35.03 ? 33  G   B N9    1 
ATOM   682  C  C8    . G   B 1 10 ? -1.372  -8.316  -3.543  1.00 31.84 ? 33  G   B C8    1 
ATOM   683  N  N7    . G   B 1 10 ? -2.028  -7.227  -3.845  1.00 32.46 ? 33  G   B N7    1 
ATOM   684  C  C5    . G   B 1 10 ? -1.515  -6.850  -5.080  1.00 32.01 ? 33  G   B C5    1 
ATOM   685  C  C6    . G   B 1 10 ? -1.830  -5.738  -5.911  1.00 30.42 ? 33  G   B C6    1 
ATOM   686  O  O6    . G   B 1 10 ? -2.647  -4.827  -5.710  1.00 30.62 ? 33  G   B O6    1 
ATOM   687  N  N1    . G   B 1 10 ? -1.069  -5.744  -7.082  1.00 31.31 ? 33  G   B N1    1 
ATOM   688  C  C2    . G   B 1 10 ? -0.120  -6.687  -7.404  1.00 30.31 ? 33  G   B C2    1 
ATOM   689  N  N2    . G   B 1 10 ? 0.521   -6.522  -8.576  1.00 30.83 ? 33  G   B N2    1 
ATOM   690  N  N3    . G   B 1 10 ? 0.184   -7.719  -6.634  1.00 33.16 ? 33  G   B N3    1 
ATOM   691  C  C4    . G   B 1 10 ? -0.547  -7.738  -5.498  1.00 32.74 ? 33  G   B C4    1 
HETATM 692  P  P     . 5BU B 1 11 ? 4.174   -8.705  -1.684  1.00 40.69 ? 34  5BU B P     1 
HETATM 693  O  OP1   . 5BU B 1 11 ? 5.472   -9.242  -1.192  1.00 41.62 ? 34  5BU B OP1   1 
HETATM 694  O  OP2   . 5BU B 1 11 ? 3.317   -7.899  -0.770  1.00 42.30 ? 34  5BU B OP2   1 
HETATM 695  O  "O5'" . 5BU B 1 11 ? 4.484   -7.827  -2.976  1.00 39.45 ? 34  5BU B "O5'" 1 
HETATM 696  C  "C5'" . 5BU B 1 11 ? 5.457   -8.250  -3.922  1.00 34.82 ? 34  5BU B "C5'" 1 
HETATM 697  C  "C4'" . 5BU B 1 11 ? 5.518   -7.287  -5.082  1.00 34.63 ? 34  5BU B "C4'" 1 
HETATM 698  O  "O4'" . 5BU B 1 11 ? 4.228   -7.241  -5.751  1.00 32.39 ? 34  5BU B "O4'" 1 
HETATM 699  C  "C3'" . 5BU B 1 11 ? 5.800   -5.827  -4.764  1.00 33.35 ? 34  5BU B "C3'" 1 
HETATM 700  O  "O3'" . 5BU B 1 11 ? 7.187   -5.598  -4.554  1.00 34.54 ? 34  5BU B "O3'" 1 
HETATM 701  C  "C2'" . 5BU B 1 11 ? 5.326   -5.165  -6.048  1.00 33.67 ? 34  5BU B "C2'" 1 
HETATM 702  O  "O2'" . 5BU B 1 11 ? 6.231   -5.348  -7.121  1.00 33.46 ? 34  5BU B "O2'" 1 
HETATM 703  C  "C1'" . 5BU B 1 11 ? 4.043   -5.953  -6.320  1.00 32.66 ? 34  5BU B "C1'" 1 
HETATM 704  N  N1    . 5BU B 1 11 ? 2.869   -5.330  -5.693  1.00 33.45 ? 34  5BU B N1    1 
HETATM 705  C  C2    . 5BU B 1 11 ? 2.337   -4.223  -6.315  1.00 32.07 ? 34  5BU B C2    1 
HETATM 706  O  O2    . 5BU B 1 11 ? 2.786   -3.774  -7.353  1.00 33.92 ? 34  5BU B O2    1 
HETATM 707  N  N3    . 5BU B 1 11 ? 1.256   -3.661  -5.678  1.00 33.36 ? 34  5BU B N3    1 
HETATM 708  C  C4    . 5BU B 1 11 ? 0.667   -4.095  -4.512  1.00 33.55 ? 34  5BU B C4    1 
HETATM 709  O  O4    . 5BU B 1 11 ? -0.313  -3.492  -4.061  1.00 32.27 ? 34  5BU B O4    1 
HETATM 710  C  C5    . 5BU B 1 11 ? 1.273   -5.254  -3.934  1.00 34.59 ? 34  5BU B C5    1 
HETATM 711  C  C6    . 5BU B 1 11 ? 2.325   -5.819  -4.531  1.00 32.60 ? 34  5BU B C6    1 
HETATM 712  BR BR    . 5BU B 1 11 ? 0.821   -5.747  -2.143  1.00 38.24 ? 34  5BU B BR    1 
ATOM   713  P  P     . C   B 1 12 ? 7.670   -4.383  -3.611  1.00 34.51 ? 35  C   B P     1 
ATOM   714  O  OP1   . C   B 1 12 ? 9.150   -4.536  -3.511  1.00 35.68 ? 35  C   B OP1   1 
ATOM   715  O  OP2   . C   B 1 12 ? 6.848   -4.367  -2.374  1.00 38.46 ? 35  C   B OP2   1 
ATOM   716  O  "O5'" . C   B 1 12 ? 7.376   -3.065  -4.455  1.00 36.48 ? 35  C   B "O5'" 1 
ATOM   717  C  "C5'" . C   B 1 12 ? 8.129   -2.773  -5.630  1.00 36.50 ? 35  C   B "C5'" 1 
ATOM   718  C  "C4'" . C   B 1 12 ? 7.503   -1.626  -6.389  1.00 37.78 ? 35  C   B "C4'" 1 
ATOM   719  O  "O4'" . C   B 1 12 ? 6.125   -1.956  -6.708  1.00 36.98 ? 35  C   B "O4'" 1 
ATOM   720  C  "C3'" . C   B 1 12 ? 7.389   -0.299  -5.656  1.00 38.03 ? 35  C   B "C3'" 1 
ATOM   721  O  "O3'" . C   B 1 12 ? 8.614   0.426   -5.684  1.00 38.74 ? 35  C   B "O3'" 1 
ATOM   722  C  "C2'" . C   B 1 12 ? 6.298   0.393   -6.460  1.00 36.89 ? 35  C   B "C2'" 1 
ATOM   723  O  "O2'" . C   B 1 12 ? 6.758   0.943   -7.678  1.00 39.45 ? 35  C   B "O2'" 1 
ATOM   724  C  "C1'" . C   B 1 12 ? 5.341   -0.773  -6.714  1.00 36.05 ? 35  C   B "C1'" 1 
ATOM   725  N  N1    . C   B 1 12 ? 4.318   -0.889  -5.661  1.00 32.89 ? 35  C   B N1    1 
ATOM   726  C  C2    . C   B 1 12 ? 3.221   -0.027  -5.700  1.00 32.00 ? 35  C   B C2    1 
ATOM   727  O  O2    . C   B 1 12 ? 3.125   0.782   -6.642  1.00 32.85 ? 35  C   B O2    1 
ATOM   728  N  N3    . C   B 1 12 ? 2.290   -0.097  -4.721  1.00 29.81 ? 35  C   B N3    1 
ATOM   729  C  C4    . C   B 1 12 ? 2.420   -0.995  -3.741  1.00 31.60 ? 35  C   B C4    1 
ATOM   730  N  N4    . C   B 1 12 ? 1.475   -1.033  -2.794  1.00 33.35 ? 35  C   B N4    1 
ATOM   731  C  C5    . C   B 1 12 ? 3.525   -1.897  -3.686  1.00 31.77 ? 35  C   B C5    1 
ATOM   732  C  C6    . C   B 1 12 ? 4.441   -1.810  -4.658  1.00 31.47 ? 35  C   B C6    1 
ATOM   733  P  P     . G   B 1 13 ? 8.952   1.465   -4.504  1.00 40.80 ? 36  G   B P     1 
ATOM   734  O  OP1   . G   B 1 13 ? 10.363  1.893   -4.698  1.00 41.07 ? 36  G   B OP1   1 
ATOM   735  O  OP2   . G   B 1 13 ? 8.543   0.869   -3.206  1.00 39.63 ? 36  G   B OP2   1 
ATOM   736  O  "O5'" . G   B 1 13 ? 7.998   2.708   -4.792  1.00 40.16 ? 36  G   B "O5'" 1 
ATOM   737  C  "C5'" . G   B 1 13 ? 8.174   3.504   -5.958  1.00 38.87 ? 36  G   B "C5'" 1 
ATOM   738  C  "C4'" . G   B 1 13 ? 7.104   4.562   -6.031  1.00 39.63 ? 36  G   B "C4'" 1 
ATOM   739  O  "O4'" . G   B 1 13 ? 5.798   3.946   -6.205  1.00 39.07 ? 36  G   B "O4'" 1 
ATOM   740  C  "C3'" . G   B 1 13 ? 6.926   5.409   -4.786  1.00 39.01 ? 36  G   B "C3'" 1 
ATOM   741  O  "O3'" . G   B 1 13 ? 7.918   6.421   -4.695  1.00 40.37 ? 36  G   B "O3'" 1 
ATOM   742  C  "C2'" . G   B 1 13 ? 5.535   5.978   -5.018  1.00 37.99 ? 36  G   B "C2'" 1 
ATOM   743  O  "O2'" . G   B 1 13 ? 5.508   7.029   -5.962  1.00 37.27 ? 36  G   B "O2'" 1 
ATOM   744  C  "C1'" . G   B 1 13 ? 4.813   4.745   -5.567  1.00 37.54 ? 36  G   B "C1'" 1 
ATOM   745  N  N9    . G   B 1 13 ? 4.200   3.958   -4.500  1.00 35.65 ? 36  G   B N9    1 
ATOM   746  C  C8    . G   B 1 13 ? 4.668   2.795   -3.938  1.00 35.12 ? 36  G   B C8    1 
ATOM   747  N  N7    . G   B 1 13 ? 3.887   2.331   -3.000  1.00 34.48 ? 36  G   B N7    1 
ATOM   748  C  C5    . G   B 1 13 ? 2.843   3.244   -2.939  1.00 33.30 ? 36  G   B C5    1 
ATOM   749  C  C6    . G   B 1 13 ? 1.684   3.271   -2.112  1.00 31.80 ? 36  G   B C6    1 
ATOM   750  O  O6    . G   B 1 13 ? 1.348   2.472   -1.226  1.00 30.80 ? 36  G   B O6    1 
ATOM   751  N  N1    . G   B 1 13 ? 0.882   4.373   -2.395  1.00 28.87 ? 36  G   B N1    1 
ATOM   752  C  C2    . G   B 1 13 ? 1.158   5.332   -3.338  1.00 30.57 ? 36  G   B C2    1 
ATOM   753  N  N2    . G   B 1 13 ? 0.262   6.316   -3.465  1.00 27.93 ? 36  G   B N2    1 
ATOM   754  N  N3    . G   B 1 13 ? 2.240   5.324   -4.105  1.00 32.69 ? 36  G   B N3    1 
ATOM   755  C  C4    . G   B 1 13 ? 3.026   4.257   -3.856  1.00 32.99 ? 36  G   B C4    1 
ATOM   756  P  P     . A   B 1 14 ? 8.451   6.882   -3.251  1.00 42.18 ? 37  A   B P     1 
ATOM   757  O  OP1   . A   B 1 14 ? 9.654   7.720   -3.490  1.00 42.90 ? 37  A   B OP1   1 
ATOM   758  O  OP2   . A   B 1 14 ? 8.541   5.704   -2.352  1.00 41.39 ? 37  A   B OP2   1 
ATOM   759  O  "O5'" . A   B 1 14 ? 7.300   7.837   -2.707  1.00 39.93 ? 37  A   B "O5'" 1 
ATOM   760  C  "C5'" . A   B 1 14 ? 7.032   9.068   -3.362  1.00 37.24 ? 37  A   B "C5'" 1 
ATOM   761  C  "C4'" . A   B 1 14 ? 5.738   9.651   -2.868  1.00 34.79 ? 37  A   B "C4'" 1 
ATOM   762  O  "O4'" . A   B 1 14 ? 4.630   8.753   -3.165  1.00 34.07 ? 37  A   B "O4'" 1 
ATOM   763  C  "C3'" . A   B 1 14 ? 5.614   9.866   -1.372  1.00 33.75 ? 37  A   B "C3'" 1 
ATOM   764  O  "O3'" . A   B 1 14 ? 6.338   11.013  -0.936  1.00 33.39 ? 37  A   B "O3'" 1 
ATOM   765  C  "C2'" . A   B 1 14 ? 4.106   10.018  -1.246  1.00 33.26 ? 37  A   B "C2'" 1 
ATOM   766  O  "O2'" . A   B 1 14 ? 3.631   11.241  -1.778  1.00 33.38 ? 37  A   B "O2'" 1 
ATOM   767  C  "C1'" . A   B 1 14 ? 3.645   8.868   -2.143  1.00 31.70 ? 37  A   B "C1'" 1 
ATOM   768  N  N9    . A   B 1 14 ? 3.592   7.603   -1.407  1.00 28.87 ? 37  A   B N9    1 
ATOM   769  C  C8    . A   B 1 14 ? 4.548   6.621   -1.323  1.00 27.88 ? 37  A   B C8    1 
ATOM   770  N  N7    . A   B 1 14 ? 4.199   5.611   -0.560  1.00 27.06 ? 37  A   B N7    1 
ATOM   771  C  C5    . A   B 1 14 ? 2.927   5.948   -0.118  1.00 25.41 ? 37  A   B C5    1 
ATOM   772  C  C6    . A   B 1 14 ? 2.006   5.287   0.721   1.00 23.11 ? 37  A   B C6    1 
ATOM   773  N  N6    . A   B 1 14 ? 2.227   4.088   1.273   1.00 23.63 ? 37  A   B N6    1 
ATOM   774  N  N1    . A   B 1 14 ? 0.831   5.906   0.971   1.00 22.62 ? 37  A   B N1    1 
ATOM   775  C  C2    . A   B 1 14 ? 0.599   7.094   0.398   1.00 22.70 ? 37  A   B C2    1 
ATOM   776  N  N3    . A   B 1 14 ? 1.377   7.805   -0.416  1.00 24.42 ? 37  A   B N3    1 
ATOM   777  C  C4    . A   B 1 14 ? 2.541   7.172   -0.633  1.00 25.14 ? 37  A   B C4    1 
ATOM   778  P  P     . C   B 1 15 ? 7.013   11.021  0.523   1.00 35.17 ? 38  C   B P     1 
ATOM   779  O  OP1   . C   B 1 15 ? 7.787   12.285  0.645   1.00 36.49 ? 38  C   B OP1   1 
ATOM   780  O  OP2   . C   B 1 15 ? 7.686   9.718   0.767   1.00 35.49 ? 38  C   B OP2   1 
ATOM   781  O  "O5'" . C   B 1 15 ? 5.761   11.131  1.498   1.00 30.12 ? 38  C   B "O5'" 1 
ATOM   782  C  "C5'" . C   B 1 15 ? 4.810   12.168  1.315   1.00 25.30 ? 38  C   B "C5'" 1 
ATOM   783  C  "C4'" . C   B 1 15 ? 3.550   11.862  2.078   1.00 22.75 ? 38  C   B "C4'" 1 
ATOM   784  O  "O4'" . C   B 1 15 ? 2.928   10.644  1.573   1.00 22.86 ? 38  C   B "O4'" 1 
ATOM   785  C  "C3'" . C   B 1 15 ? 3.716   11.553  3.555   1.00 21.54 ? 38  C   B "C3'" 1 
ATOM   786  O  "O3'" . C   B 1 15 ? 3.967   12.709  4.340   1.00 21.67 ? 38  C   B "O3'" 1 
ATOM   787  C  "C2'" . C   B 1 15 ? 2.363   10.935  3.849   1.00 21.09 ? 38  C   B "C2'" 1 
ATOM   788  O  "O2'" . C   B 1 15 ? 1.317   11.890  3.857   1.00 18.60 ? 38  C   B "O2'" 1 
ATOM   789  C  "C1'" . C   B 1 15 ? 2.223   10.011  2.639   1.00 20.20 ? 38  C   B "C1'" 1 
ATOM   790  N  N1    . C   B 1 15 ? 2.832   8.696   2.896   1.00 19.73 ? 38  C   B N1    1 
ATOM   791  C  C2    . C   B 1 15 ? 2.082   7.770   3.600   1.00 18.95 ? 38  C   B C2    1 
ATOM   792  O  O2    . C   B 1 15 ? 0.955   8.094   3.963   1.00 18.34 ? 38  C   B O2    1 
ATOM   793  N  N3    . C   B 1 15 ? 2.599   6.553   3.862   1.00 20.36 ? 38  C   B N3    1 
ATOM   794  C  C4    . C   B 1 15 ? 3.818   6.242   3.430   1.00 20.61 ? 38  C   B C4    1 
ATOM   795  N  N4    . C   B 1 15 ? 4.276   5.009   3.683   1.00 22.05 ? 38  C   B N4    1 
ATOM   796  C  C5    . C   B 1 15 ? 4.620   7.175   2.707   1.00 23.40 ? 38  C   B C5    1 
ATOM   797  C  C6    . C   B 1 15 ? 4.090   8.384   2.469   1.00 18.89 ? 38  C   B C6    1 
ATOM   798  P  P     . G   B 1 16 ? 4.680   12.558  5.775   1.00 22.47 ? 39  G   B P     1 
ATOM   799  O  OP1   . G   B 1 16 ? 5.090   13.916  6.241   1.00 23.42 ? 39  G   B OP1   1 
ATOM   800  O  OP2   . G   B 1 16 ? 5.692   11.472  5.698   1.00 23.18 ? 39  G   B OP2   1 
ATOM   801  O  "O5'" . G   B 1 16 ? 3.506   12.042  6.718   1.00 19.62 ? 39  G   B "O5'" 1 
ATOM   802  C  "C5'" . G   B 1 16 ? 2.384   12.849  7.020   1.00 19.38 ? 39  G   B "C5'" 1 
ATOM   803  C  "C4'" . G   B 1 16 ? 1.491   12.130  8.004   1.00 21.00 ? 39  G   B "C4'" 1 
ATOM   804  O  "O4'" . G   B 1 16 ? 0.963   10.925  7.391   1.00 19.87 ? 39  G   B "O4'" 1 
ATOM   805  C  "C3'" . G   B 1 16 ? 2.176   11.627  9.264   1.00 23.71 ? 39  G   B "C3'" 1 
ATOM   806  O  "O3'" . G   B 1 16 ? 2.291   12.674  10.217  1.00 23.63 ? 39  G   B "O3'" 1 
ATOM   807  C  "C2'" . G   B 1 16 ? 1.209   10.540  9.715   1.00 19.95 ? 39  G   B "C2'" 1 
ATOM   808  O  "O2'" . G   B 1 16 ? 0.048   11.053  10.334  1.00 22.14 ? 39  G   B "O2'" 1 
ATOM   809  C  "C1'" . G   B 1 16 ? 0.843   9.900   8.371   1.00 21.43 ? 39  G   B "C1'" 1 
ATOM   810  N  N9    . G   B 1 16 ? 1.753   8.818   8.005   1.00 16.76 ? 39  G   B N9    1 
ATOM   811  C  C8    . G   B 1 16 ? 2.856   8.899   7.194   1.00 16.17 ? 39  G   B C8    1 
ATOM   812  N  N7    . G   B 1 16 ? 3.500   7.769   7.082   1.00 18.62 ? 39  G   B N7    1 
ATOM   813  C  C5    . G   B 1 16 ? 2.770   6.879   7.867   1.00 14.89 ? 39  G   B C5    1 
ATOM   814  C  C6    . G   B 1 16 ? 2.993   5.508   8.146   1.00 15.95 ? 39  G   B C6    1 
ATOM   815  O  O6    . G   B 1 16 ? 3.901   4.776   7.738   1.00 16.75 ? 39  G   B O6    1 
ATOM   816  N  N1    . G   B 1 16 ? 2.018   5.001   9.002   1.00 15.83 ? 39  G   B N1    1 
ATOM   817  C  C2    . G   B 1 16 ? 0.964   5.720   9.512   1.00 16.32 ? 39  G   B C2    1 
ATOM   818  N  N2    . G   B 1 16 ? 0.120   5.065   10.315  1.00 17.22 ? 39  G   B N2    1 
ATOM   819  N  N3    . G   B 1 16 ? 0.749   7.002   9.252   1.00 16.02 ? 39  G   B N3    1 
ATOM   820  C  C4    . G   B 1 16 ? 1.684   7.509   8.436   1.00 16.60 ? 39  G   B C4    1 
ATOM   821  P  P     . A   B 1 17 ? 3.335   12.531  11.429  1.00 26.06 ? 40  A   B P     1 
ATOM   822  O  OP1   . A   B 1 17 ? 3.652   13.912  11.891  1.00 29.39 ? 40  A   B OP1   1 
ATOM   823  O  OP2   . A   B 1 17 ? 4.436   11.620  11.037  1.00 26.79 ? 40  A   B OP2   1 
ATOM   824  O  "O5'" . A   B 1 17 ? 2.486   11.814  12.566  1.00 23.95 ? 40  A   B "O5'" 1 
ATOM   825  C  "C5'" . A   B 1 17 ? 1.374   12.464  13.167  1.00 25.17 ? 40  A   B "C5'" 1 
ATOM   826  C  "C4'" . A   B 1 17 ? 0.803   11.602  14.259  1.00 26.90 ? 40  A   B "C4'" 1 
ATOM   827  O  "O4'" . A   B 1 17 ? 0.147   10.448  13.679  1.00 27.11 ? 40  A   B "O4'" 1 
ATOM   828  C  "C3'" . A   B 1 17 ? 1.817   11.012  15.223  1.00 27.61 ? 40  A   B "C3'" 1 
ATOM   829  O  "O3'" . A   B 1 17 ? 2.113   11.952  16.244  1.00 32.84 ? 40  A   B "O3'" 1 
ATOM   830  C  "C2'" . A   B 1 17 ? 1.045   9.819   15.768  1.00 26.78 ? 40  A   B "C2'" 1 
ATOM   831  O  "O2'" . A   B 1 17 ? 0.047   10.210  16.688  1.00 25.48 ? 40  A   B "O2'" 1 
ATOM   832  C  "C1'" . A   B 1 17 ? 0.374   9.311   14.493  1.00 25.56 ? 40  A   B "C1'" 1 
ATOM   833  N  N9    . A   B 1 17 ? 1.195   8.370   13.739  1.00 25.10 ? 40  A   B N9    1 
ATOM   834  C  C8    . A   B 1 17 ? 2.094   8.643   12.738  1.00 23.44 ? 40  A   B C8    1 
ATOM   835  N  N7    . A   B 1 17 ? 2.683   7.578   12.257  1.00 24.34 ? 40  A   B N7    1 
ATOM   836  C  C5    . A   B 1 17 ? 2.134   6.533   12.989  1.00 21.02 ? 40  A   B C5    1 
ATOM   837  C  C6    . A   B 1 17 ? 2.353   5.144   12.964  1.00 20.54 ? 40  A   B C6    1 
ATOM   838  N  N6    . A   B 1 17 ? 3.223   4.547   12.145  1.00 21.11 ? 40  A   B N6    1 
ATOM   839  N  N1    . A   B 1 17 ? 1.645   4.383   13.825  1.00 20.61 ? 40  A   B N1    1 
ATOM   840  C  C2    . A   B 1 17 ? 0.789   4.986   14.656  1.00 20.18 ? 40  A   B C2    1 
ATOM   841  N  N3    . A   B 1 17 ? 0.503   6.280   14.780  1.00 22.68 ? 40  A   B N3    1 
ATOM   842  C  C4    . A   B 1 17 ? 1.218   7.006   13.902  1.00 21.36 ? 40  A   B C4    1 
ATOM   843  P  P     . A   B 1 18 ? 3.571   11.964  16.917  1.00 36.63 ? 41  A   B P     1 
ATOM   844  O  OP1   . A   B 1 18 ? 3.575   13.070  17.906  1.00 38.10 ? 41  A   B OP1   1 
ATOM   845  O  OP2   . A   B 1 18 ? 4.607   11.917  15.865  1.00 32.46 ? 41  A   B OP2   1 
ATOM   846  O  "O5'" . A   B 1 18 ? 3.654   10.591  17.717  1.00 34.38 ? 41  A   B "O5'" 1 
ATOM   847  C  "C5'" . A   B 1 18 ? 3.077   10.469  19.003  1.00 34.90 ? 41  A   B "C5'" 1 
ATOM   848  C  "C4'" . A   B 1 18 ? 3.020   9.020   19.415  1.00 31.91 ? 41  A   B "C4'" 1 
ATOM   849  O  "O4'" . A   B 1 18 ? 2.478   8.225   18.335  1.00 30.32 ? 41  A   B "O4'" 1 
ATOM   850  C  "C3'" . A   B 1 18 ? 4.325   8.293   19.676  1.00 31.04 ? 41  A   B "C3'" 1 
ATOM   851  O  "O3'" . A   B 1 18 ? 4.876   8.655   20.929  1.00 31.56 ? 41  A   B "O3'" 1 
ATOM   852  C  "C2'" . A   B 1 18 ? 3.822   6.859   19.714  1.00 30.26 ? 41  A   B "C2'" 1 
ATOM   853  O  "O2'" . A   B 1 18 ? 3.089   6.575   20.891  1.00 32.25 ? 41  A   B "O2'" 1 
ATOM   854  C  "C1'" . A   B 1 18 ? 2.851   6.873   18.535  1.00 28.45 ? 41  A   B "C1'" 1 
ATOM   855  N  N9    . A   B 1 18 ? 3.498   6.365   17.333  1.00 25.06 ? 41  A   B N9    1 
ATOM   856  C  C8    . A   B 1 18 ? 4.005   7.013   16.237  1.00 22.70 ? 41  A   B C8    1 
ATOM   857  N  N7    . A   B 1 18 ? 4.530   6.204   15.346  1.00 24.74 ? 41  A   B N7    1 
ATOM   858  C  C5    . A   B 1 18 ? 4.344   4.941   15.895  1.00 25.49 ? 41  A   B C5    1 
ATOM   859  C  C6    . A   B 1 18 ? 4.669   3.643   15.448  1.00 28.03 ? 41  A   B C6    1 
ATOM   860  N  N6    . A   B 1 18 ? 5.259   3.382   14.285  1.00 31.24 ? 41  A   B N6    1 
ATOM   861  N  N1    . A   B 1 18 ? 4.353   2.608   16.252  1.00 30.08 ? 41  A   B N1    1 
ATOM   862  C  C2    . A   B 1 18 ? 3.746   2.860   17.413  1.00 29.43 ? 41  A   B C2    1 
ATOM   863  N  N3    . A   B 1 18 ? 3.383   4.024   17.938  1.00 30.56 ? 41  A   B N3    1 
ATOM   864  C  C4    . A   B 1 18 ? 3.716   5.033   17.117  1.00 27.49 ? 41  A   B C4    1 
ATOM   865  P  P     . G   B 1 19 ? 6.470   8.713   21.108  1.00 31.63 ? 42  G   B P     1 
ATOM   866  O  OP1   . G   B 1 19 ? 6.712   9.133   22.511  1.00 33.11 ? 42  G   B OP1   1 
ATOM   867  O  OP2   . G   B 1 19 ? 7.046   9.509   19.998  1.00 32.74 ? 42  G   B OP2   1 
ATOM   868  O  "O5'" . G   B 1 19 ? 6.941   7.199   20.940  1.00 30.32 ? 42  G   B "O5'" 1 
ATOM   869  C  "C5'" . G   B 1 19 ? 6.659   6.241   21.953  1.00 29.82 ? 42  G   B "C5'" 1 
ATOM   870  C  "C4'" . G   B 1 19 ? 6.956   4.842   21.467  1.00 28.67 ? 42  G   B "C4'" 1 
ATOM   871  O  "O4'" . G   B 1 19 ? 6.170   4.541   20.279  1.00 28.35 ? 42  G   B "O4'" 1 
ATOM   872  C  "C3'" . G   B 1 19 ? 8.375   4.514   21.029  1.00 28.85 ? 42  G   B "C3'" 1 
ATOM   873  O  "O3'" . G   B 1 19 ? 9.224   4.289   22.148  1.00 32.91 ? 42  G   B "O3'" 1 
ATOM   874  C  "C2'" . G   B 1 19 ? 8.134   3.222   20.268  1.00 28.12 ? 42  G   B "C2'" 1 
ATOM   875  O  "O2'" . G   B 1 19 ? 7.897   2.125   21.125  1.00 29.37 ? 42  G   B "O2'" 1 
ATOM   876  C  "C1'" . G   B 1 19 ? 6.866   3.584   19.490  1.00 26.39 ? 42  G   B "C1'" 1 
ATOM   877  N  N9    . G   B 1 19 ? 7.223   4.191   18.212  1.00 22.52 ? 42  G   B N9    1 
ATOM   878  C  C8    . G   B 1 19 ? 7.191   5.519   17.865  1.00 22.57 ? 42  G   B C8    1 
ATOM   879  N  N7    . G   B 1 19 ? 7.633   5.738   16.655  1.00 20.05 ? 42  G   B N7    1 
ATOM   880  C  C5    . G   B 1 19 ? 7.966   4.478   16.177  1.00 22.71 ? 42  G   B C5    1 
ATOM   881  C  C6    . G   B 1 19 ? 8.499   4.072   14.924  1.00 24.06 ? 42  G   B C6    1 
ATOM   882  O  O6    . G   B 1 19 ? 8.808   4.772   13.954  1.00 26.27 ? 42  G   B O6    1 
ATOM   883  N  N1    . G   B 1 19 ? 8.670   2.691   14.862  1.00 24.75 ? 42  G   B N1    1 
ATOM   884  C  C2    . G   B 1 19 ? 8.377   1.815   15.880  1.00 25.69 ? 42  G   B C2    1 
ATOM   885  N  N2    . G   B 1 19 ? 8.626   0.513   15.649  1.00 28.07 ? 42  G   B N2    1 
ATOM   886  N  N3    . G   B 1 19 ? 7.881   2.182   17.041  1.00 23.79 ? 42  G   B N3    1 
ATOM   887  C  C4    . G   B 1 19 ? 7.704   3.516   17.123  1.00 24.40 ? 42  G   B C4    1 
ATOM   888  P  P     . U   B 1 20 ? 10.817  4.475   21.995  1.00 33.03 ? 43  U   B P     1 
ATOM   889  O  OP1   . U   B 1 20 ? 11.402  4.245   23.346  1.00 33.42 ? 43  U   B OP1   1 
ATOM   890  O  OP2   . U   B 1 20 ? 11.078  5.754   21.293  1.00 33.52 ? 43  U   B OP2   1 
ATOM   891  O  "O5'" . U   B 1 20 ? 11.278  3.293   21.033  1.00 34.42 ? 43  U   B "O5'" 1 
ATOM   892  C  "C5'" . U   B 1 20 ? 11.173  1.933   21.433  1.00 37.98 ? 43  U   B "C5'" 1 
ATOM   893  C  "C4'" . U   B 1 20 ? 11.635  1.015   20.322  1.00 39.54 ? 43  U   B "C4'" 1 
ATOM   894  O  "O4'" . U   B 1 20 ? 10.923  1.308   19.095  1.00 41.78 ? 43  U   B "O4'" 1 
ATOM   895  C  "C3'" . U   B 1 20 ? 13.082  1.115   19.863  1.00 41.67 ? 43  U   B "C3'" 1 
ATOM   896  O  "O3'" . U   B 1 20 ? 13.958  0.437   20.752  1.00 42.18 ? 43  U   B "O3'" 1 
ATOM   897  C  "C2'" . U   B 1 20 ? 13.035  0.377   18.529  1.00 41.83 ? 43  U   B "C2'" 1 
ATOM   898  O  "O2'" . U   B 1 20 ? 13.139  -1.025  18.660  1.00 44.33 ? 43  U   B "O2'" 1 
ATOM   899  C  "C1'" . U   B 1 20 ? 11.645  0.750   18.009  1.00 42.02 ? 43  U   B "C1'" 1 
ATOM   900  N  N1    . U   B 1 20 ? 11.726  1.737   16.925  1.00 43.08 ? 43  U   B N1    1 
ATOM   901  C  C2    . U   B 1 20 ? 12.101  1.272   15.679  1.00 43.44 ? 43  U   B C2    1 
ATOM   902  O  O2    . U   B 1 20 ? 12.342  0.093   15.460  1.00 45.41 ? 43  U   B O2    1 
ATOM   903  N  N3    . U   B 1 20 ? 12.184  2.231   14.702  1.00 43.14 ? 43  U   B N3    1 
ATOM   904  C  C4    . U   B 1 20 ? 11.934  3.580   14.842  1.00 43.81 ? 43  U   B C4    1 
ATOM   905  O  O4    . U   B 1 20 ? 12.058  4.323   13.867  1.00 45.71 ? 43  U   B O4    1 
ATOM   906  C  C5    . U   B 1 20 ? 11.544  3.980   16.160  1.00 43.36 ? 43  U   B C5    1 
ATOM   907  C  C6    . U   B 1 20 ? 11.454  3.067   17.134  1.00 41.97 ? 43  U   B C6    1 
ATOM   908  P  P     . C   B 1 21 ? 15.479  0.936   20.909  1.00 43.42 ? 44  C   B P     1 
ATOM   909  O  OP1   . C   B 1 21 ? 16.090  0.070   21.949  1.00 44.59 ? 44  C   B OP1   1 
ATOM   910  O  OP2   . C   B 1 21 ? 15.483  2.407   21.084  1.00 43.91 ? 44  C   B OP2   1 
ATOM   911  O  "O5'" . C   B 1 21 ? 16.162  0.592   19.509  1.00 43.90 ? 44  C   B "O5'" 1 
ATOM   912  C  "C5'" . C   B 1 21 ? 16.569  -0.740  19.207  1.00 46.51 ? 44  C   B "C5'" 1 
ATOM   913  C  "C4'" . C   B 1 21 ? 17.077  -0.837  17.783  1.00 47.63 ? 44  C   B "C4'" 1 
ATOM   914  O  "O4'" . C   B 1 21 ? 16.019  -0.482  16.848  1.00 46.96 ? 44  C   B "O4'" 1 
ATOM   915  C  "C3'" . C   B 1 21 ? 18.232  0.071   17.380  1.00 48.28 ? 44  C   B "C3'" 1 
ATOM   916  O  "O3'" . C   B 1 21 ? 19.490  -0.462  17.781  1.00 51.00 ? 44  C   B "O3'" 1 
ATOM   917  C  "C2'" . C   B 1 21 ? 18.106  0.047   15.864  1.00 47.26 ? 44  C   B "C2'" 1 
ATOM   918  O  "O2'" . C   B 1 21 ? 18.589  -1.152  15.291  1.00 46.67 ? 44  C   B "O2'" 1 
ATOM   919  C  "C1'" . C   B 1 21 ? 16.588  0.131   15.698  1.00 46.08 ? 44  C   B "C1'" 1 
ATOM   920  N  N1    . C   B 1 21 ? 16.119  1.523   15.629  1.00 44.35 ? 44  C   B N1    1 
ATOM   921  C  C2    . C   B 1 21 ? 16.207  2.199   14.407  1.00 42.43 ? 44  C   B C2    1 
ATOM   922  O  O2    . C   B 1 21 ? 16.675  1.604   13.426  1.00 43.56 ? 44  C   B O2    1 
ATOM   923  N  N3    . C   B 1 21 ? 15.782  3.480   14.328  1.00 41.79 ? 44  C   B N3    1 
ATOM   924  C  C4    . C   B 1 21 ? 15.282  4.084   15.407  1.00 40.97 ? 44  C   B C4    1 
ATOM   925  N  N4    . C   B 1 21 ? 14.864  5.345   15.281  1.00 39.51 ? 44  C   B N4    1 
ATOM   926  C  C5    . C   B 1 21 ? 15.183  3.421   16.666  1.00 42.28 ? 44  C   B C5    1 
ATOM   927  C  C6    . C   B 1 21 ? 15.609  2.152   16.730  1.00 43.34 ? 44  C   B C6    1 
ATOM   928  P  P     . G   B 1 22 ? 20.665  0.533   18.254  1.00 52.15 ? 45  G   B P     1 
ATOM   929  O  OP1   . G   B 1 22 ? 21.843  -0.325  18.542  1.00 53.30 ? 45  G   B OP1   1 
ATOM   930  O  OP2   . G   B 1 22 ? 20.120  1.413   19.317  1.00 52.52 ? 45  G   B OP2   1 
ATOM   931  O  "O5'" . G   B 1 22 ? 20.988  1.437   16.976  1.00 50.65 ? 45  G   B "O5'" 1 
ATOM   932  C  "C5'" . G   B 1 22 ? 21.691  0.893   15.865  1.00 48.19 ? 45  G   B "C5'" 1 
ATOM   933  C  "C4'" . G   B 1 22 ? 21.677  1.844   14.684  1.00 47.27 ? 45  G   B "C4'" 1 
ATOM   934  O  "O4'" . G   B 1 22 ? 20.338  2.301   14.378  1.00 45.70 ? 45  G   B "O4'" 1 
ATOM   935  C  "C3'" . G   B 1 22 ? 22.419  3.169   14.756  1.00 47.05 ? 45  G   B "C3'" 1 
ATOM   936  O  "O3'" . G   B 1 22 ? 23.832  3.007   14.663  1.00 47.48 ? 45  G   B "O3'" 1 
ATOM   937  C  "C2'" . G   B 1 22 ? 21.897  3.856   13.496  1.00 46.07 ? 45  G   B "C2'" 1 
ATOM   938  O  "O2'" . G   B 1 22 ? 22.556  3.421   12.326  1.00 47.41 ? 45  G   B "O2'" 1 
ATOM   939  C  "C1'" . G   B 1 22 ? 20.443  3.373   13.454  1.00 45.49 ? 45  G   B "C1'" 1 
ATOM   940  N  N9    . G   B 1 22 ? 19.510  4.434   13.816  1.00 42.48 ? 45  G   B N9    1 
ATOM   941  C  C8    . G   B 1 22 ? 18.848  4.607   15.005  1.00 43.06 ? 45  G   B C8    1 
ATOM   942  N  N7    . G   B 1 22 ? 18.084  5.668   15.017  1.00 42.37 ? 45  G   B N7    1 
ATOM   943  C  C5    . G   B 1 22 ? 18.251  6.225   13.756  1.00 41.47 ? 45  G   B C5    1 
ATOM   944  C  C6    . G   B 1 22 ? 17.669  7.386   13.174  1.00 41.56 ? 45  G   B C6    1 
ATOM   945  O  O6    . G   B 1 22 ? 16.864  8.181   13.673  1.00 40.69 ? 45  G   B O6    1 
ATOM   946  N  N1    . G   B 1 22 ? 18.115  7.584   11.872  1.00 40.96 ? 45  G   B N1    1 
ATOM   947  C  C2    . G   B 1 22 ? 19.000  6.773   11.208  1.00 41.81 ? 45  G   B C2    1 
ATOM   948  N  N2    . G   B 1 22 ? 19.294  7.131   9.947   1.00 41.02 ? 45  G   B N2    1 
ATOM   949  N  N3    . G   B 1 22 ? 19.552  5.690   11.738  1.00 40.57 ? 45  G   B N3    1 
ATOM   950  C  C4    . G   B 1 22 ? 19.132  5.477   13.005  1.00 42.56 ? 45  G   B C4    1 
ATOM   951  P  P     . C   B 1 23 ? 24.800  4.281   14.874  1.00 48.73 ? 46  C   B P     1 
ATOM   952  O  OP1   . C   B 1 23 ? 26.196  3.784   14.730  1.00 49.79 ? 46  C   B OP1   1 
ATOM   953  O  OP2   . C   B 1 23 ? 24.398  4.979   16.120  1.00 49.74 ? 46  C   B OP2   1 
ATOM   954  O  "O5'" . C   B 1 23 ? 24.502  5.234   13.629  1.00 47.85 ? 46  C   B "O5'" 1 
ATOM   955  C  "C5'" . C   B 1 23 ? 24.991  4.908   12.328  1.00 48.02 ? 46  C   B "C5'" 1 
ATOM   956  C  "C4'" . C   B 1 23 ? 24.730  6.039   11.357  1.00 48.09 ? 46  C   B "C4'" 1 
ATOM   957  O  "O4'" . C   B 1 23 ? 23.305  6.247   11.171  1.00 48.05 ? 46  C   B "O4'" 1 
ATOM   958  C  "C3'" . C   B 1 23 ? 25.243  7.415   11.746  1.00 48.71 ? 46  C   B "C3'" 1 
ATOM   959  O  "O3'" . C   B 1 23 ? 26.663  7.584   11.658  1.00 48.73 ? 46  C   B "O3'" 1 
ATOM   960  C  "C2'" . C   B 1 23 ? 24.423  8.316   10.831  1.00 48.33 ? 46  C   B "C2'" 1 
ATOM   961  O  "O2'" . C   B 1 23 ? 24.910  8.334   9.506   1.00 49.39 ? 46  C   B "O2'" 1 
ATOM   962  C  "C1'" . C   B 1 23 ? 23.060  7.616   10.872  1.00 47.73 ? 46  C   B "C1'" 1 
ATOM   963  N  N1    . C   B 1 23 ? 22.165  8.162   11.907  1.00 46.00 ? 46  C   B N1    1 
ATOM   964  C  C2    . C   B 1 23 ? 21.424  9.319   11.624  1.00 45.87 ? 46  C   B C2    1 
ATOM   965  O  O2    . C   B 1 23 ? 21.539  9.851   10.510  1.00 44.57 ? 46  C   B O2    1 
ATOM   966  N  N3    . C   B 1 23 ? 20.600  9.824   12.572  1.00 45.21 ? 46  C   B N3    1 
ATOM   967  C  C4    . C   B 1 23 ? 20.496  9.218   13.758  1.00 45.44 ? 46  C   B C4    1 
ATOM   968  N  N4    . C   B 1 23 ? 19.666  9.747   14.663  1.00 44.55 ? 46  C   B N4    1 
ATOM   969  C  C5    . C   B 1 23 ? 21.239  8.040   14.071  1.00 45.41 ? 46  C   B C5    1 
ATOM   970  C  C6    . C   B 1 23 ? 22.053  7.553   13.127  1.00 45.43 ? 46  C   B C6    1 
HETATM 971  O  O     . HOH C 2 .  ? -5.503  -3.341  7.691   1.00 40.90 ? 101 HOH A O     1 
HETATM 972  O  O     . HOH C 2 .  ? -5.910  -13.629 -16.137 1.00 45.76 ? 102 HOH A O     1 
HETATM 973  O  O     . HOH C 2 .  ? 2.784   -1.654  15.583  1.00 35.99 ? 103 HOH A O     1 
HETATM 974  O  O     . HOH C 2 .  ? -0.232  6.303   -7.759  1.00 35.30 ? 104 HOH A O     1 
HETATM 975  O  O     . HOH C 2 .  ? -3.861  -1.501  13.304  1.00 34.19 ? 105 HOH A O     1 
HETATM 976  O  O     . HOH C 2 .  ? 6.029   -7.676  8.865   1.00 47.32 ? 106 HOH A O     1 
HETATM 977  O  O     . HOH C 2 .  ? -20.121 -9.212  -6.226  1.00 61.11 ? 107 HOH A O     1 
HETATM 978  O  O     . HOH C 2 .  ? -15.991 -19.405 -8.027  1.00 39.17 ? 108 HOH A O     1 
HETATM 979  O  O     . HOH C 2 .  ? -3.038  -16.877 -14.704 1.00 28.63 ? 109 HOH A O     1 
HETATM 980  O  O     . HOH C 2 .  ? 1.277   4.453   -10.930 1.00 39.63 ? 110 HOH A O     1 
HETATM 981  O  O     . HOH C 2 .  ? -1.857  -5.135  -19.530 1.00 39.48 ? 111 HOH A O     1 
HETATM 982  O  O     . HOH C 2 .  ? 11.838  21.198  11.317  1.00 48.35 ? 112 HOH A O     1 
HETATM 983  O  O     . HOH C 2 .  ? 0.544   -16.790 -14.198 1.00 20.83 ? 113 HOH A O     1 
HETATM 984  O  O     . HOH C 2 .  ? -0.434  -6.534  10.044  1.00 35.13 ? 114 HOH A O     1 
HETATM 985  O  O     . HOH C 2 .  ? -1.885  9.099   -3.536  1.00 44.14 ? 115 HOH A O     1 
HETATM 986  O  O     . HOH C 2 .  ? 4.186   -8.035  11.448  1.00 34.35 ? 116 HOH A O     1 
HETATM 987  O  O     . HOH C 2 .  ? -6.859  3.199   10.237  1.00 31.09 ? 117 HOH A O     1 
HETATM 988  O  O     . HOH C 2 .  ? -4.826  10.082  2.320   1.00 40.14 ? 118 HOH A O     1 
HETATM 989  O  O     . HOH C 2 .  ? 3.187   -3.927  -10.402 1.00 40.32 ? 119 HOH A O     1 
HETATM 990  O  O     . HOH C 2 .  ? 17.190  11.721  16.580  1.00 56.77 ? 120 HOH A O     1 
HETATM 991  O  O     . HOH C 2 .  ? 2.331   4.992   -8.525  1.00 46.44 ? 121 HOH A O     1 
HETATM 992  O  O     . HOH C 2 .  ? 8.612   16.087  19.583  1.00 45.79 ? 122 HOH A O     1 
HETATM 993  O  O     . HOH C 2 .  ? -10.687 7.427   -2.253  1.00 40.00 ? 123 HOH A O     1 
HETATM 994  O  O     . HOH C 2 .  ? 7.408   17.222  11.713  1.00 40.88 ? 124 HOH A O     1 
HETATM 995  O  O     . HOH C 2 .  ? 8.536   15.149  8.943   1.00 58.18 ? 125 HOH A O     1 
HETATM 996  O  O     . HOH C 2 .  ? -0.215  -14.969 -9.768  1.00 37.61 ? 126 HOH A O     1 
HETATM 997  O  O     . HOH C 2 .  ? 5.909   16.326  16.857  1.00 44.76 ? 127 HOH A O     1 
HETATM 998  O  O     . HOH C 2 .  ? -5.871  -0.585  12.133  1.00 48.22 ? 128 HOH A O     1 
HETATM 999  O  O     . HOH C 2 .  ? -6.809  -13.741 -18.572 1.00 40.66 ? 129 HOH A O     1 
HETATM 1000 O  O     . HOH C 2 .  ? 2.173   -0.593  5.995   1.00 30.41 ? 130 HOH A O     1 
HETATM 1001 O  O     . HOH C 2 .  ? 5.187   -2.676  7.682   1.00 24.28 ? 131 HOH A O     1 
HETATM 1002 O  O     . HOH C 2 .  ? 8.458   -0.779  7.376   1.00 22.25 ? 132 HOH A O     1 
HETATM 1003 O  O     . HOH C 2 .  ? -5.292  1.697   2.747   1.00 29.43 ? 133 HOH A O     1 
HETATM 1004 O  O     . HOH C 2 .  ? 9.345   4.957   8.797   1.00 32.60 ? 134 HOH A O     1 
HETATM 1005 O  O     . HOH C 2 .  ? 5.737   5.432   10.494  1.00 27.37 ? 135 HOH A O     1 
HETATM 1006 O  O     . HOH C 2 .  ? 5.852   0.023   6.681   1.00 31.15 ? 136 HOH A O     1 
HETATM 1007 O  O     . HOH C 2 .  ? 1.769   -2.684  7.477   1.00 27.85 ? 137 HOH A O     1 
HETATM 1008 O  O     . HOH C 2 .  ? -2.987  0.447   1.031   1.00 30.73 ? 138 HOH A O     1 
HETATM 1009 O  O     . HOH C 2 .  ? 10.345  2.318   7.131   1.00 33.96 ? 139 HOH A O     1 
HETATM 1010 O  O     . HOH C 2 .  ? -4.238  -1.685  4.968   1.00 32.05 ? 140 HOH A O     1 
HETATM 1011 O  O     . HOH C 2 .  ? -2.282  -0.671  -1.479  1.00 43.06 ? 141 HOH A O     1 
HETATM 1012 O  O     . HOH C 2 .  ? -5.742  -3.875  -10.874 1.00 35.66 ? 142 HOH A O     1 
HETATM 1013 O  O     . HOH C 2 .  ? 15.457  12.361  14.769  1.00 45.60 ? 143 HOH A O     1 
HETATM 1014 O  O     . HOH C 2 .  ? 12.397  11.601  12.329  1.00 46.27 ? 144 HOH A O     1 
HETATM 1015 O  O     . HOH C 2 .  ? 12.017  13.868  10.446  1.00 32.76 ? 145 HOH A O     1 
HETATM 1016 O  O     . HOH C 2 .  ? -5.963  -1.852  -8.807  1.00 46.88 ? 146 HOH A O     1 
HETATM 1017 O  O     . HOH C 2 .  ? -14.055 -12.300 -13.456 1.00 38.77 ? 147 HOH A O     1 
HETATM 1018 O  O     . HOH C 2 .  ? -4.738  -6.172  -17.871 1.00 34.36 ? 148 HOH A O     1 
HETATM 1019 O  O     . HOH C 2 .  ? -4.846  0.932   -1.948  1.00 38.08 ? 149 HOH A O     1 
HETATM 1020 O  O     . HOH C 2 .  ? -18.316 -11.755 -13.360 1.00 44.28 ? 150 HOH A O     1 
HETATM 1021 O  O     . HOH C 2 .  ? -1.300  -1.861  5.718   1.00 34.37 ? 151 HOH A O     1 
HETATM 1022 O  O     . HOH C 2 .  ? -6.881  2.715   -0.833  1.00 36.93 ? 152 HOH A O     1 
HETATM 1023 O  O     . HOH C 2 .  ? 7.708   2.916   7.393   1.00 32.41 ? 153 HOH A O     1 
HETATM 1024 O  O     . HOH C 2 .  ? -7.113  -5.420  -7.739  1.00 42.13 ? 154 HOH A O     1 
HETATM 1025 O  O     . HOH C 2 .  ? -5.518  0.651   -9.890  1.00 37.16 ? 155 HOH A O     1 
HETATM 1026 O  O     . HOH C 2 .  ? -6.686  -11.314 -13.226 1.00 52.63 ? 156 HOH A O     1 
HETATM 1027 O  O     . HOH C 2 .  ? 12.355  8.330   10.412  1.00 45.69 ? 157 HOH A O     1 
HETATM 1028 O  O     . HOH C 2 .  ? 8.950   -3.798  5.399   1.00 42.08 ? 158 HOH A O     1 
HETATM 1029 O  O     . HOH C 2 .  ? 10.909  7.138   13.157  1.00 48.94 ? 159 HOH A O     1 
HETATM 1030 O  O     . HOH C 2 .  ? 0.911   0.478   2.693   1.00 29.27 ? 160 HOH A O     1 
HETATM 1031 O  O     . HOH C 2 .  ? -7.180  -0.780  -0.521  1.00 44.40 ? 161 HOH A O     1 
HETATM 1032 O  O     . HOH C 2 .  ? 9.438   -3.140  14.749  1.00 37.74 ? 162 HOH A O     1 
HETATM 1033 O  O     . HOH C 2 .  ? -8.519  -9.651  -11.701 1.00 48.74 ? 163 HOH A O     1 
HETATM 1034 O  O     . HOH C 2 .  ? -7.598  1.995   -4.308  1.00 51.51 ? 164 HOH A O     1 
HETATM 1035 O  O     . HOH C 2 .  ? -5.880  -3.186  2.853   1.00 44.88 ? 165 HOH A O     1 
HETATM 1036 O  O     . HOH C 2 .  ? -9.961  -14.235 -13.142 1.00 42.22 ? 166 HOH A O     1 
HETATM 1037 O  O     . HOH C 2 .  ? -4.969  -1.697  -12.734 1.00 43.56 ? 167 HOH A O     1 
HETATM 1038 O  O     . HOH C 2 .  ? 8.532   8.755   9.284   1.00 47.98 ? 168 HOH A O     1 
HETATM 1039 O  O     . HOH C 2 .  ? 9.390   11.841  16.014  1.00 47.66 ? 169 HOH A O     1 
HETATM 1040 O  O     . HOH C 2 .  ? 4.628   -2.908  5.011   1.00 56.86 ? 170 HOH A O     1 
HETATM 1041 O  O     . HOH C 2 .  ? 3.961   1.063   4.108   1.00 54.21 ? 171 HOH A O     1 
HETATM 1042 O  O     . HOH C 2 .  ? -16.165 -9.855  -15.454 1.00 45.31 ? 172 HOH A O     1 
HETATM 1043 O  O     . HOH C 2 .  ? -1.331  -1.587  2.857   1.00 49.21 ? 173 HOH A O     1 
HETATM 1044 O  O     . HOH C 2 .  ? 11.342  8.335   7.902   1.00 52.12 ? 174 HOH A O     1 
HETATM 1045 O  O     . HOH C 2 .  ? 3.247   -6.194  7.023   1.00 39.45 ? 175 HOH A O     1 
HETATM 1046 O  O     . HOH C 2 .  ? -20.879 -14.187 -14.333 1.00 57.04 ? 176 HOH A O     1 
HETATM 1047 O  O     . HOH D 2 .  ? 11.363  7.105   -1.880  1.00 40.42 ? 101 HOH B O     1 
HETATM 1048 O  O     . HOH D 2 .  ? 1.643   12.448  -1.041  1.00 38.54 ? 102 HOH B O     1 
HETATM 1049 O  O     . HOH D 2 .  ? 9.584   -6.267  -1.792  1.00 40.85 ? 103 HOH B O     1 
HETATM 1050 O  O     . HOH D 2 .  ? -1.178  9.055   11.260  1.00 24.63 ? 104 HOH B O     1 
HETATM 1051 O  O     . HOH D 2 .  ? 3.177   7.898   -5.543  1.00 43.53 ? 105 HOH B O     1 
HETATM 1052 O  O     . HOH D 2 .  ? -16.710 -11.955 -21.092 1.00 48.42 ? 106 HOH B O     1 
HETATM 1053 O  O     . HOH D 2 .  ? 24.008  9.939   7.752   1.00 54.30 ? 107 HOH B O     1 
HETATM 1054 O  O     . HOH D 2 .  ? 10.032  9.848   -4.839  1.00 42.91 ? 108 HOH B O     1 
HETATM 1055 O  O     . HOH D 2 .  ? -19.703 -2.775  -8.543  1.00 57.04 ? 109 HOH B O     1 
HETATM 1056 O  O     . HOH D 2 .  ? -16.774 -9.903  -19.170 1.00 49.36 ? 110 HOH B O     1 
HETATM 1057 O  O     . HOH D 2 .  ? 7.330   15.090  5.693   1.00 33.01 ? 111 HOH B O     1 
HETATM 1058 O  O     . HOH D 2 .  ? 2.147   -9.541  -7.323  1.00 43.05 ? 112 HOH B O     1 
HETATM 1059 O  O     . HOH D 2 .  ? -16.598 -2.944  -23.886 1.00 43.44 ? 113 HOH B O     1 
HETATM 1060 O  O     . HOH D 2 .  ? -8.885  -6.309  0.830   1.00 47.91 ? 114 HOH B O     1 
HETATM 1061 O  O     . HOH D 2 .  ? 25.558  7.299   15.613  1.00 52.55 ? 115 HOH B O     1 
HETATM 1062 O  O     . HOH D 2 .  ? 23.715  -0.570  20.393  1.00 54.94 ? 116 HOH B O     1 
HETATM 1063 O  O     . HOH D 2 .  ? 8.039   13.618  -1.654  1.00 29.33 ? 117 HOH B O     1 
HETATM 1064 O  O     . HOH D 2 .  ? 2.027   3.277   20.143  1.00 50.93 ? 118 HOH B O     1 
HETATM 1065 O  O     . HOH D 2 .  ? 0.452   9.820   -2.008  1.00 37.87 ? 119 HOH B O     1 
HETATM 1066 O  O     . HOH D 2 .  ? 10.695  1.948   -7.424  1.00 44.28 ? 120 HOH B O     1 
HETATM 1067 O  O     . HOH D 2 .  ? 10.692  6.041   25.299  1.00 41.97 ? 121 HOH B O     1 
HETATM 1068 O  O     . HOH D 2 .  ? -1.345  8.159   17.890  1.00 51.88 ? 122 HOH B O     1 
HETATM 1069 O  O     . HOH D 2 .  ? 5.974   8.318   25.069  1.00 45.45 ? 123 HOH B O     1 
HETATM 1070 O  O     . HOH D 2 .  ? 5.106   -0.035  16.700  1.00 37.06 ? 124 HOH B O     1 
HETATM 1071 O  O     . HOH D 2 .  ? -8.112  -2.346  -23.358 1.00 45.98 ? 125 HOH B O     1 
HETATM 1072 O  O     . HOH D 2 .  ? 3.158   7.557   23.516  1.00 39.00 ? 126 HOH B O     1 
HETATM 1073 O  O     . HOH D 2 .  ? -7.753  -13.530 -3.831  1.00 44.19 ? 127 HOH B O     1 
HETATM 1074 O  O     . HOH D 2 .  ? 7.301   -1.840  16.472  1.00 44.44 ? 128 HOH B O     1 
HETATM 1075 O  O     . HOH D 2 .  ? 2.187   1.560   14.182  1.00 30.76 ? 129 HOH B O     1 
HETATM 1076 O  O     . HOH D 2 .  ? -2.555  -13.497 -5.654  1.00 42.72 ? 130 HOH B O     1 
HETATM 1077 O  O     . HOH D 2 .  ? -20.296 -5.238  -7.396  1.00 49.01 ? 131 HOH B O     1 
HETATM 1078 O  O     . HOH D 2 .  ? 23.979  -1.933  17.132  1.00 41.13 ? 132 HOH B O     1 
HETATM 1079 O  O     . HOH D 2 .  ? -0.483  14.088  10.682  1.00 48.66 ? 133 HOH B O     1 
HETATM 1080 O  O     . HOH D 2 .  ? 5.348   13.832  -2.185  1.00 31.22 ? 134 HOH B O     1 
HETATM 1081 O  O     . HOH D 2 .  ? -0.454  8.495   -5.626  1.00 41.14 ? 135 HOH B O     1 
HETATM 1082 O  O     . HOH D 2 .  ? -5.472  -15.068 -3.162  1.00 41.43 ? 136 HOH B O     1 
HETATM 1083 O  O     . HOH D 2 .  ? 5.395   15.162  9.527   1.00 57.22 ? 137 HOH B O     1 
HETATM 1084 O  O     . HOH D 2 .  ? -15.619 -6.692  2.825   1.00 66.58 ? 138 HOH B O     1 
HETATM 1085 O  O     . HOH D 2 .  ? 7.505   10.041  26.236  1.00 41.87 ? 139 HOH B O     1 
HETATM 1086 O  O     . HOH D 2 .  ? 6.304   6.415   13.257  1.00 29.67 ? 140 HOH B O     1 
HETATM 1087 O  O     . HOH D 2 .  ? 5.955   4.433   6.048   1.00 34.01 ? 141 HOH B O     1 
HETATM 1088 O  O     . HOH D 2 .  ? 5.106   9.872   14.216  1.00 41.97 ? 142 HOH B O     1 
HETATM 1089 O  O     . HOH D 2 .  ? 6.115   7.393   5.872   1.00 30.92 ? 143 HOH B O     1 
HETATM 1090 O  O     . HOH D 2 .  ? 2.236   0.556   0.328   1.00 37.86 ? 144 HOH B O     1 
HETATM 1091 O  O     . HOH D 2 .  ? 13.562  6.691   17.158  1.00 44.99 ? 145 HOH B O     1 
HETATM 1092 O  O     . HOH D 2 .  ? 6.893   4.261   3.007   1.00 39.56 ? 146 HOH B O     1 
HETATM 1093 O  O     . HOH D 2 .  ? -2.078  -3.369  -2.015  1.00 37.15 ? 147 HOH B O     1 
HETATM 1094 O  O     . HOH D 2 .  ? 17.417  6.468   17.442  1.00 49.37 ? 148 HOH B O     1 
HETATM 1095 O  O     . HOH D 2 .  ? 4.437   0.622   -1.161  1.00 42.83 ? 149 HOH B O     1 
HETATM 1096 O  O     . HOH D 2 .  ? -11.216 -2.152  -14.904 1.00 38.95 ? 150 HOH B O     1 
HETATM 1097 O  O     . HOH D 2 .  ? -3.701  -6.084  -1.917  1.00 40.12 ? 151 HOH B O     1 
HETATM 1098 O  O     . HOH D 2 .  ? -13.888 -8.036  -18.259 1.00 46.72 ? 152 HOH B O     1 
HETATM 1099 O  O     . HOH D 2 .  ? 4.723   2.058   1.782   1.00 38.09 ? 153 HOH B O     1 
HETATM 1100 O  O     . HOH D 2 .  ? 7.552   8.468   15.682  1.00 33.97 ? 154 HOH B O     1 
HETATM 1101 O  O     . HOH D 2 .  ? 2.137   -2.643  -0.674  1.00 37.56 ? 155 HOH B O     1 
HETATM 1102 O  O     . HOH D 2 .  ? 4.379   9.078   10.246  1.00 30.02 ? 156 HOH B O     1 
HETATM 1103 O  O     . HOH D 2 .  ? -6.345  -4.770  -2.757  1.00 37.93 ? 157 HOH B O     1 
HETATM 1104 O  O     . HOH D 2 .  ? 10.932  6.022   18.350  1.00 39.66 ? 158 HOH B O     1 
HETATM 1105 O  O     . HOH D 2 .  ? 8.970   9.284   18.417  1.00 52.98 ? 159 HOH B O     1 
HETATM 1106 O  O     . HOH D 2 .  ? 11.215  6.778   15.616  1.00 44.53 ? 160 HOH B O     1 
HETATM 1107 O  O     . HOH D 2 .  ? 6.885   2.134   4.544   1.00 46.57 ? 161 HOH B O     1 
HETATM 1108 O  O     . HOH D 2 .  ? -11.251 -1.438  -11.124 1.00 48.63 ? 162 HOH B O     1 
HETATM 1109 O  O     . HOH D 2 .  ? 17.079  4.071   19.913  1.00 52.31 ? 163 HOH B O     1 
HETATM 1110 O  O     . HOH D 2 .  ? -11.054 -4.614  -17.729 1.00 42.15 ? 164 HOH B O     1 
HETATM 1111 O  O     . HOH D 2 .  ? 16.101  9.168   15.875  1.00 44.03 ? 165 HOH B O     1 
HETATM 1112 O  O     . HOH D 2 .  ? 8.515   11.328  12.692  1.00 47.97 ? 166 HOH B O     1 
HETATM 1113 O  O     . HOH D 2 .  ? 3.819   -4.504  -1.586  1.00 46.80 ? 167 HOH B O     1 
HETATM 1114 O  O     . HOH D 2 .  ? 6.643   10.069  8.010   1.00 58.86 ? 168 HOH B O     1 
HETATM 1115 O  O     . HOH D 2 .  ? -8.005  -1.338  -3.831  1.00 47.54 ? 169 HOH B O     1 
HETATM 1116 O  O     . HOH D 2 .  ? -12.077 -4.760  -13.253 1.00 46.86 ? 170 HOH B O     1 
HETATM 1117 O  O     . HOH D 2 .  ? 7.835   -0.452  -1.177  1.00 49.69 ? 171 HOH B O     1 
HETATM 1118 O  O     . HOH D 2 .  ? -13.646 -11.160 -19.253 1.00 46.37 ? 172 HOH B O     1 
HETATM 1119 O  O     . HOH D 2 .  ? 7.344   9.683   4.183   1.00 40.24 ? 173 HOH B O     1 
HETATM 1120 O  O     . HOH D 2 .  ? 4.820   7.240   11.558  1.00 45.57 ? 174 HOH B O     1 
# 
